data_8ONA
#
_entry.id   8ONA
#
_cell.length_a   1.00
_cell.length_b   1.00
_cell.length_c   1.00
_cell.angle_alpha   90.00
_cell.angle_beta   90.00
_cell.angle_gamma   90.00
#
_symmetry.space_group_name_H-M   'P 1'
#
loop_
_entity.id
_entity.type
_entity.pdbx_description
1 polymer 'FMRFamide-gated sodium channel 1 (FaNaC1)'
2 polymer 'FMRFamide, neuropeptide'
3 non-polymer 2-acetamido-2-deoxy-beta-D-glucopyranose
#
loop_
_entity_poly.entity_id
_entity_poly.type
_entity_poly.pdbx_seq_one_letter_code
_entity_poly.pdbx_strand_id
1 'polypeptide(L)'
;MSAIRDVMTKFAEQTTMHGVPKVINAKSSMGRLFWSLVCLAAGAMFCLQMSEVLQRYFSYPKKVTVEVVPTPVPFPSISI
CNMRNLDVHILNTLNRMFIEDDRPFSNINKSEHEFIRAYMKKVAKYAPLFWNYQDEYPEVFQEIFSRTTFSANIDPEVIA
LAAVQLEGFVVNCHYAGHRCNKTRDFYRFFDPYYFNCFTYKAHEPTDIEDNLSEGIENGWSSILLSGSGMLDKNDEIRML
PGLHEWRSAVSASEGVRVVIHPPSTTPYPFTEGYDVPPGFSASFGIHPRRNIRIGPPHGNCSDKNPFGDGTERYRLMACQ
KMCMQHYIVETCGCADVGLPKLPLQANISWCRDDDNFPDECMFTASEECLQLLMQLHNRIKCARSIKSKITKNTTAMEAC
NCFPPCDEVSYDVSYSLSKWPSAGYEGDAAYFDVFGIEKFNERFNKTGTQGKYELFTKYFNVSNREESMKDFARLNVYIA
DSNVVKTQESEDYTRNQLVSDIGGQLGLWVGISLITLAEVLELIIDLFRLFSKHTYRSVPVIRQSIKYKDKRNGAEMNYD
TRYSQSNGGPHARYLHHGHSIPKHPPELPDTSLALEVLFQ
;
A,B,C
2 'polypeptide(L)' FMRF(NH2) D,E,F
#
# COMPACT_ATOMS: atom_id res chain seq x y z
N ALA A 3 65.86 30.51 -32.68
CA ALA A 3 65.37 29.38 -33.45
C ALA A 3 63.94 29.03 -33.04
N ILE A 4 63.16 30.05 -32.65
CA ILE A 4 61.71 29.80 -32.37
C ILE A 4 61.14 29.19 -33.64
N ARG A 5 61.23 29.93 -34.74
CA ARG A 5 60.77 29.39 -36.05
C ARG A 5 61.29 27.96 -36.20
N ASP A 6 62.54 27.71 -35.83
CA ASP A 6 63.12 26.36 -36.05
C ASP A 6 62.24 25.28 -35.40
N VAL A 7 62.17 25.31 -34.08
CA VAL A 7 61.42 24.24 -33.38
C VAL A 7 59.97 24.27 -33.85
N MET A 8 59.46 25.46 -34.13
CA MET A 8 58.05 25.59 -34.58
C MET A 8 57.87 24.69 -35.81
N THR A 9 58.61 24.92 -36.88
CA THR A 9 58.39 24.13 -38.11
C THR A 9 58.72 22.67 -37.86
N LYS A 10 59.68 22.39 -36.98
CA LYS A 10 59.91 20.95 -36.71
C LYS A 10 58.61 20.29 -36.25
N PHE A 11 58.06 20.80 -35.13
CA PHE A 11 56.83 20.19 -34.59
C PHE A 11 55.81 20.19 -35.69
N ALA A 12 55.74 21.27 -36.44
CA ALA A 12 54.69 21.38 -37.46
C ALA A 12 54.73 20.14 -38.34
N GLU A 13 55.86 19.93 -38.99
CA GLU A 13 55.91 18.82 -39.95
C GLU A 13 55.76 17.47 -39.29
N GLN A 14 56.24 17.29 -38.05
CA GLN A 14 56.06 15.89 -37.52
C GLN A 14 54.93 15.76 -36.49
N THR A 15 54.01 16.73 -36.45
CA THR A 15 53.08 16.61 -35.33
C THR A 15 51.80 15.88 -35.72
N THR A 16 51.17 15.26 -34.72
CA THR A 16 49.93 14.51 -34.91
C THR A 16 48.68 15.36 -34.70
N MET A 17 48.83 16.60 -34.27
CA MET A 17 47.68 17.48 -34.07
C MET A 17 47.19 18.00 -35.41
N HIS A 18 45.88 18.24 -35.52
CA HIS A 18 45.23 18.33 -36.83
C HIS A 18 45.34 19.69 -37.54
N GLY A 19 44.82 20.77 -36.93
CA GLY A 19 44.77 22.04 -37.64
C GLY A 19 46.05 22.85 -37.54
N VAL A 20 46.73 22.75 -36.40
CA VAL A 20 47.99 23.46 -36.21
C VAL A 20 48.92 23.24 -37.39
N PRO A 21 49.10 22.02 -37.90
CA PRO A 21 50.02 21.85 -39.04
C PRO A 21 49.69 22.80 -40.17
N LYS A 22 48.49 22.69 -40.74
CA LYS A 22 48.13 23.55 -41.86
C LYS A 22 48.39 25.01 -41.53
N VAL A 23 48.12 25.43 -40.29
CA VAL A 23 48.45 26.80 -39.93
C VAL A 23 49.94 27.06 -40.11
N ILE A 24 50.77 26.17 -39.58
CA ILE A 24 52.21 26.44 -39.56
C ILE A 24 52.81 26.38 -40.96
N ASN A 25 52.25 25.55 -41.84
CA ASN A 25 52.78 25.41 -43.20
C ASN A 25 51.94 26.13 -44.24
N ALA A 26 51.06 27.04 -43.84
CA ALA A 26 50.21 27.75 -44.79
C ALA A 26 51.05 28.76 -45.56
N LYS A 27 51.24 28.53 -46.85
CA LYS A 27 51.99 29.47 -47.67
C LYS A 27 51.16 30.70 -48.00
N SER A 28 49.89 30.52 -48.34
CA SER A 28 49.02 31.63 -48.70
C SER A 28 48.62 32.42 -47.46
N SER A 29 48.61 33.75 -47.58
CA SER A 29 48.25 34.60 -46.45
C SER A 29 46.78 34.42 -46.08
N MET A 30 45.88 34.49 -47.06
CA MET A 30 44.46 34.26 -46.77
C MET A 30 44.24 32.86 -46.22
N GLY A 31 45.02 31.89 -46.69
CA GLY A 31 44.91 30.55 -46.15
C GLY A 31 45.38 30.46 -44.71
N ARG A 32 46.47 31.17 -44.39
CA ARG A 32 46.92 31.24 -43.01
C ARG A 32 45.83 31.86 -42.13
N LEU A 33 45.18 32.92 -42.61
CA LEU A 33 44.10 33.54 -41.85
C LEU A 33 42.97 32.55 -41.63
N PHE A 34 42.50 31.90 -42.70
CA PHE A 34 41.40 30.94 -42.61
C PHE A 34 41.74 29.83 -41.62
N TRP A 35 42.96 29.28 -41.71
CA TRP A 35 43.25 28.11 -40.90
C TRP A 35 43.55 28.48 -39.44
N SER A 36 44.13 29.66 -39.19
CA SER A 36 44.21 30.14 -37.82
C SER A 36 42.83 30.33 -37.23
N LEU A 37 41.92 30.93 -38.01
CA LEU A 37 40.56 31.11 -37.53
C LEU A 37 39.93 29.77 -37.16
N VAL A 38 40.05 28.78 -38.05
CA VAL A 38 39.44 27.47 -37.80
C VAL A 38 40.06 26.83 -36.56
N CYS A 39 41.40 26.85 -36.47
CA CYS A 39 42.06 26.21 -35.34
C CYS A 39 41.58 26.82 -34.03
N LEU A 40 41.57 28.15 -33.94
CA LEU A 40 41.19 28.77 -32.68
C LEU A 40 39.70 28.61 -32.38
N ALA A 41 38.85 28.61 -33.42
CA ALA A 41 37.43 28.37 -33.20
C ALA A 41 37.18 26.98 -32.63
N ALA A 42 37.85 25.97 -33.21
CA ALA A 42 37.69 24.62 -32.72
C ALA A 42 38.22 24.49 -31.29
N GLY A 43 39.37 25.10 -31.01
CA GLY A 43 39.87 25.09 -29.64
C GLY A 43 38.89 25.72 -28.67
N ALA A 44 38.26 26.83 -29.07
CA ALA A 44 37.30 27.50 -28.21
C ALA A 44 36.09 26.61 -27.93
N MET A 45 35.57 25.94 -28.96
CA MET A 45 34.41 25.09 -28.74
C MET A 45 34.78 23.88 -27.88
N PHE A 46 35.99 23.34 -28.07
CA PHE A 46 36.46 22.27 -27.20
C PHE A 46 36.50 22.74 -25.75
N CYS A 47 37.00 23.95 -25.52
CA CYS A 47 37.05 24.48 -24.16
C CYS A 47 35.64 24.62 -23.59
N LEU A 48 34.70 25.10 -24.40
CA LEU A 48 33.31 25.22 -23.94
C LEU A 48 32.78 23.87 -23.46
N GLN A 49 32.90 22.84 -24.31
CA GLN A 49 32.33 21.55 -23.96
C GLN A 49 33.09 20.90 -22.80
N MET A 50 34.40 21.12 -22.71
CA MET A 50 35.16 20.60 -21.57
C MET A 50 34.71 21.25 -20.27
N SER A 51 34.50 22.58 -20.28
CA SER A 51 33.98 23.23 -19.09
C SER A 51 32.64 22.61 -18.68
N GLU A 52 31.74 22.44 -19.65
CA GLU A 52 30.44 21.84 -19.36
C GLU A 52 30.61 20.47 -18.68
N VAL A 53 31.40 19.59 -19.28
CA VAL A 53 31.49 18.22 -18.79
C VAL A 53 32.21 18.17 -17.44
N LEU A 54 33.28 18.94 -17.29
CA LEU A 54 34.02 18.98 -16.03
C LEU A 54 33.10 19.41 -14.90
N GLN A 55 32.25 20.41 -15.14
CA GLN A 55 31.36 20.87 -14.08
C GLN A 55 30.24 19.86 -13.82
N ARG A 56 29.74 19.20 -14.87
CA ARG A 56 28.79 18.12 -14.65
C ARG A 56 29.39 17.05 -13.74
N TYR A 57 30.62 16.66 -13.99
CA TYR A 57 31.22 15.69 -13.07
C TYR A 57 31.28 16.32 -11.69
N PHE A 58 31.53 17.63 -11.62
CA PHE A 58 31.74 18.20 -10.27
C PHE A 58 30.39 18.30 -9.56
N SER A 59 29.32 18.20 -10.31
CA SER A 59 28.00 18.13 -9.64
C SER A 59 27.93 16.82 -8.86
N TYR A 60 29.03 16.06 -8.77
CA TYR A 60 28.90 14.76 -8.12
C TYR A 60 27.46 14.25 -8.25
N PRO A 61 27.02 13.93 -9.46
CA PRO A 61 25.64 13.48 -9.65
C PRO A 61 25.42 12.07 -9.09
N LYS A 62 24.16 11.65 -9.15
CA LYS A 62 23.71 10.41 -8.51
C LYS A 62 22.87 9.60 -9.49
N LYS A 63 22.93 8.28 -9.33
CA LYS A 63 22.18 7.35 -10.17
C LYS A 63 21.55 6.28 -9.29
N VAL A 64 20.43 5.72 -9.76
CA VAL A 64 19.65 4.77 -8.98
C VAL A 64 19.17 3.64 -9.87
N THR A 65 19.09 2.44 -9.29
CA THR A 65 18.54 1.26 -9.96
C THR A 65 17.56 0.57 -9.02
N VAL A 66 16.59 -0.11 -9.62
CA VAL A 66 15.52 -0.79 -8.88
C VAL A 66 15.33 -2.17 -9.50
N GLU A 67 15.20 -3.19 -8.65
CA GLU A 67 15.05 -4.56 -9.14
C GLU A 67 14.50 -5.44 -8.03
N VAL A 68 13.96 -6.58 -8.43
CA VAL A 68 13.56 -7.65 -7.51
C VAL A 68 14.69 -8.66 -7.43
N VAL A 69 15.01 -9.09 -6.21
CA VAL A 69 16.12 -10.01 -6.00
C VAL A 69 15.66 -11.16 -5.12
N PRO A 70 16.26 -12.36 -5.24
CA PRO A 70 15.80 -13.51 -4.46
C PRO A 70 16.36 -13.58 -3.05
N THR A 71 17.24 -12.68 -2.66
CA THR A 71 17.86 -12.77 -1.34
C THR A 71 16.82 -12.53 -0.26
N PRO A 72 16.65 -13.44 0.71
CA PRO A 72 15.66 -13.24 1.76
C PRO A 72 16.15 -12.28 2.83
N VAL A 73 15.24 -11.45 3.32
CA VAL A 73 15.53 -10.55 4.43
C VAL A 73 15.30 -11.32 5.73
N PRO A 74 15.92 -10.92 6.84
CA PRO A 74 15.55 -11.51 8.13
C PRO A 74 14.11 -11.14 8.49
N PHE A 75 13.44 -12.08 9.15
CA PHE A 75 12.04 -11.84 9.50
C PHE A 75 11.95 -10.65 10.43
N PRO A 76 10.98 -9.75 10.22
CA PRO A 76 10.95 -8.51 11.01
C PRO A 76 10.64 -8.77 12.48
N SER A 77 11.08 -7.82 13.30
CA SER A 77 10.69 -7.79 14.70
C SER A 77 9.30 -7.19 14.82
N ILE A 78 8.43 -7.85 15.59
CA ILE A 78 7.04 -7.44 15.74
C ILE A 78 6.85 -7.00 17.19
N SER A 79 6.45 -5.75 17.36
CA SER A 79 6.19 -5.17 18.68
C SER A 79 4.68 -5.03 18.85
N ILE A 80 4.16 -5.58 19.93
CA ILE A 80 2.73 -5.57 20.22
C ILE A 80 2.51 -4.79 21.51
N CYS A 81 1.61 -3.82 21.46
CA CYS A 81 1.24 -3.03 22.62
C CYS A 81 -0.27 -3.07 22.78
N ASN A 82 -0.74 -3.37 23.99
CA ASN A 82 -2.15 -3.26 24.30
C ASN A 82 -2.50 -1.80 24.51
N MET A 83 -3.47 -1.31 23.76
CA MET A 83 -3.84 0.10 23.85
C MET A 83 -4.33 0.47 25.24
N ARG A 84 -4.74 -0.51 26.04
CA ARG A 84 -5.01 -0.29 27.45
C ARG A 84 -3.73 -0.50 28.24
N ASN A 85 -3.39 0.48 29.09
CA ASN A 85 -2.07 0.49 29.71
C ASN A 85 -2.01 -0.38 30.96
N LEU A 86 -3.05 -0.34 31.79
CA LEU A 86 -3.03 -1.04 33.07
C LEU A 86 -3.83 -2.34 33.00
N ASP A 87 -3.53 -3.22 33.94
CA ASP A 87 -4.20 -4.52 34.01
C ASP A 87 -5.64 -4.35 34.45
N VAL A 88 -6.49 -5.27 33.98
CA VAL A 88 -7.92 -5.15 34.23
C VAL A 88 -8.24 -5.28 35.71
N HIS A 89 -7.59 -6.22 36.40
CA HIS A 89 -7.84 -6.36 37.83
C HIS A 89 -7.42 -5.12 38.59
N ILE A 90 -6.28 -4.54 38.22
CA ILE A 90 -5.82 -3.31 38.87
C ILE A 90 -6.83 -2.19 38.64
N LEU A 91 -7.33 -2.06 37.41
CA LEU A 91 -8.27 -0.99 37.11
C LEU A 91 -9.57 -1.18 37.89
N ASN A 92 -10.07 -2.41 37.96
CA ASN A 92 -11.29 -2.65 38.72
C ASN A 92 -11.06 -2.40 40.21
N THR A 93 -9.87 -2.74 40.71
CA THR A 93 -9.56 -2.45 42.11
C THR A 93 -9.56 -0.95 42.37
N LEU A 94 -8.95 -0.17 41.47
CA LEU A 94 -8.97 1.29 41.61
C LEU A 94 -10.39 1.82 41.61
N ASN A 95 -11.20 1.35 40.66
CA ASN A 95 -12.58 1.82 40.55
C ASN A 95 -13.37 1.49 41.80
N ARG A 96 -13.21 0.27 42.32
CA ARG A 96 -13.97 -0.14 43.49
C ARG A 96 -13.50 0.56 44.75
N MET A 97 -12.19 0.86 44.84
CA MET A 97 -11.70 1.65 45.97
C MET A 97 -12.30 3.05 45.95
N PHE A 98 -12.34 3.67 44.77
CA PHE A 98 -12.94 4.99 44.67
C PHE A 98 -14.45 4.96 44.89
N ILE A 99 -15.10 3.84 44.61
CA ILE A 99 -16.52 3.71 44.89
C ILE A 99 -16.75 3.55 46.40
N GLU A 100 -15.88 2.80 47.08
CA GLU A 100 -16.02 2.64 48.52
C GLU A 100 -15.71 3.94 49.24
N ASP A 101 -14.67 4.66 48.80
CA ASP A 101 -14.31 5.94 49.39
C ASP A 101 -13.63 6.77 48.30
N ASP A 102 -14.27 7.88 47.94
CA ASP A 102 -13.78 8.70 46.84
C ASP A 102 -12.58 9.57 47.21
N ARG A 103 -12.21 9.62 48.48
CA ARG A 103 -11.04 10.38 48.91
C ARG A 103 -9.69 9.66 48.76
N PRO A 104 -8.86 10.06 47.79
CA PRO A 104 -7.60 9.33 47.55
C PRO A 104 -6.68 9.32 48.75
N PHE A 105 -6.69 10.38 49.57
CA PHE A 105 -5.79 10.41 50.73
C PHE A 105 -6.05 9.25 51.67
N SER A 106 -7.33 8.89 51.87
CA SER A 106 -7.66 7.80 52.77
C SER A 106 -7.25 6.44 52.23
N ASN A 107 -7.04 6.32 50.92
CA ASN A 107 -6.80 5.03 50.28
C ASN A 107 -5.31 4.71 50.13
N ILE A 108 -4.42 5.57 50.60
CA ILE A 108 -2.99 5.32 50.45
C ILE A 108 -2.58 4.07 51.23
N ASN A 109 -3.26 3.78 52.33
CA ASN A 109 -2.90 2.67 53.21
C ASN A 109 -3.87 1.49 53.09
N LYS A 110 -4.72 1.48 52.07
CA LYS A 110 -5.72 0.43 51.91
C LYS A 110 -5.27 -0.66 50.95
N SER A 111 -4.03 -0.62 50.47
CA SER A 111 -3.52 -1.64 49.57
C SER A 111 -2.03 -1.83 49.80
N GLU A 112 -1.58 -3.08 49.67
CA GLU A 112 -0.16 -3.39 49.73
C GLU A 112 0.50 -3.33 48.36
N HIS A 113 -0.27 -3.18 47.29
CA HIS A 113 0.30 -3.08 45.96
C HIS A 113 1.06 -1.77 45.81
N GLU A 114 2.33 -1.85 45.40
CA GLU A 114 3.18 -0.67 45.35
C GLU A 114 2.61 0.37 44.40
N PHE A 115 2.21 -0.05 43.21
CA PHE A 115 1.69 0.90 42.23
C PHE A 115 0.47 1.62 42.75
N ILE A 116 -0.41 0.90 43.46
CA ILE A 116 -1.62 1.54 43.98
C ILE A 116 -1.26 2.59 45.02
N ARG A 117 -0.32 2.28 45.91
CA ARG A 117 0.09 3.27 46.91
C ARG A 117 0.67 4.50 46.25
N ALA A 118 1.56 4.32 45.26
CA ALA A 118 2.14 5.45 44.56
C ALA A 118 1.07 6.26 43.83
N TYR A 119 0.15 5.56 43.18
CA TYR A 119 -0.91 6.21 42.41
C TYR A 119 -1.79 7.05 43.31
N MET A 120 -2.20 6.50 44.45
CA MET A 120 -3.03 7.26 45.38
C MET A 120 -2.27 8.43 45.97
N LYS A 121 -0.99 8.23 46.31
CA LYS A 121 -0.19 9.34 46.82
C LYS A 121 -0.14 10.48 45.81
N LYS A 122 0.11 10.14 44.53
CA LYS A 122 0.21 11.18 43.52
C LYS A 122 -1.14 11.87 43.30
N VAL A 123 -2.22 11.11 43.25
CA VAL A 123 -3.52 11.71 42.99
C VAL A 123 -3.98 12.57 44.16
N ALA A 124 -3.59 12.21 45.39
CA ALA A 124 -4.03 12.97 46.55
C ALA A 124 -3.54 14.41 46.51
N LYS A 125 -2.39 14.65 45.87
CA LYS A 125 -1.86 16.01 45.78
C LYS A 125 -2.75 16.92 44.93
N TYR A 126 -3.71 16.36 44.18
CA TYR A 126 -4.55 17.14 43.29
C TYR A 126 -6.03 17.08 43.65
N ALA A 127 -6.41 16.27 44.65
CA ALA A 127 -7.82 16.08 44.93
C ALA A 127 -8.52 17.35 45.38
N PRO A 128 -8.00 18.13 46.33
CA PRO A 128 -8.70 19.37 46.70
C PRO A 128 -8.84 20.35 45.55
N LEU A 129 -7.78 20.51 44.76
CA LEU A 129 -7.85 21.39 43.60
C LEU A 129 -8.92 20.91 42.64
N PHE A 130 -8.99 19.60 42.41
CA PHE A 130 -10.01 19.06 41.51
C PHE A 130 -11.40 19.31 42.05
N TRP A 131 -11.60 19.11 43.35
CA TRP A 131 -12.91 19.32 43.95
C TRP A 131 -13.34 20.77 43.88
N ASN A 132 -12.38 21.70 43.96
CA ASN A 132 -12.73 23.12 44.06
C ASN A 132 -12.78 23.83 42.72
N TYR A 133 -11.99 23.41 41.72
CA TYR A 133 -11.79 24.20 40.52
C TYR A 133 -12.10 23.46 39.23
N GLN A 134 -12.70 22.27 39.28
CA GLN A 134 -12.90 21.51 38.05
C GLN A 134 -13.89 22.20 37.12
N ASP A 135 -14.86 22.93 37.67
CA ASP A 135 -15.81 23.66 36.83
C ASP A 135 -15.16 24.86 36.16
N GLU A 136 -14.09 25.41 36.74
CA GLU A 136 -13.43 26.57 36.18
C GLU A 136 -12.30 26.22 35.23
N TYR A 137 -11.62 25.09 35.45
CA TYR A 137 -10.46 24.70 34.64
C TYR A 137 -10.52 23.21 34.33
N PRO A 138 -11.61 22.75 33.69
CA PRO A 138 -11.67 21.32 33.35
C PRO A 138 -10.55 20.88 32.43
N GLU A 139 -10.19 21.72 31.45
CA GLU A 139 -9.15 21.37 30.50
C GLU A 139 -7.79 21.21 31.17
N VAL A 140 -7.60 21.84 32.33
CA VAL A 140 -6.33 21.70 33.04
C VAL A 140 -6.25 20.33 33.70
N PHE A 141 -7.26 19.98 34.50
CA PHE A 141 -7.24 18.70 35.21
C PHE A 141 -7.28 17.53 34.25
N GLN A 142 -7.98 17.67 33.12
CA GLN A 142 -7.99 16.58 32.14
C GLN A 142 -6.60 16.34 31.58
N GLU A 143 -5.74 17.36 31.56
CA GLU A 143 -4.38 17.19 31.07
C GLU A 143 -3.45 16.69 32.17
N ILE A 144 -3.63 17.18 33.39
CA ILE A 144 -2.78 16.73 34.50
C ILE A 144 -2.95 15.24 34.74
N PHE A 145 -4.17 14.75 34.61
CA PHE A 145 -4.51 13.37 34.96
C PHE A 145 -4.32 12.41 33.80
N SER A 146 -3.43 12.73 32.85
CA SER A 146 -3.21 11.88 31.70
C SER A 146 -2.17 10.79 32.01
N ARG A 147 -2.08 9.82 31.10
CA ARG A 147 -1.14 8.71 31.28
C ARG A 147 0.29 9.22 31.42
N THR A 148 0.70 10.12 30.53
CA THR A 148 2.11 10.52 30.47
C THR A 148 2.56 11.16 31.76
N THR A 149 1.66 11.87 32.46
CA THR A 149 2.02 12.43 33.75
C THR A 149 2.46 11.33 34.73
N PHE A 150 1.71 10.23 34.77
CA PHE A 150 2.03 9.14 35.67
C PHE A 150 3.28 8.40 35.23
N SER A 151 3.46 8.20 33.92
CA SER A 151 4.70 7.58 33.46
C SER A 151 5.90 8.49 33.71
N ALA A 152 5.67 9.79 33.86
CA ALA A 152 6.74 10.74 34.13
C ALA A 152 7.03 10.90 35.61
N ASN A 153 6.11 10.51 36.50
CA ASN A 153 6.31 10.72 37.92
C ASN A 153 6.40 9.46 38.77
N ILE A 154 6.07 8.29 38.24
CA ILE A 154 6.19 7.03 38.99
C ILE A 154 7.27 6.19 38.34
N ASP A 155 8.02 5.47 39.17
CA ASP A 155 9.11 4.65 38.68
C ASP A 155 8.58 3.62 37.69
N PRO A 156 9.18 3.51 36.50
CA PRO A 156 8.71 2.49 35.55
C PRO A 156 8.73 1.07 36.10
N GLU A 157 9.70 0.77 36.97
CA GLU A 157 9.75 -0.55 37.59
C GLU A 157 8.57 -0.79 38.53
N VAL A 158 7.92 0.28 39.01
CA VAL A 158 6.72 0.14 39.81
C VAL A 158 5.48 0.04 38.93
N ILE A 159 5.45 0.81 37.84
CA ILE A 159 4.34 0.72 36.90
C ILE A 159 4.28 -0.66 36.27
N ALA A 160 5.44 -1.25 35.99
CA ALA A 160 5.50 -2.54 35.32
C ALA A 160 4.77 -3.63 36.09
N LEU A 161 4.63 -3.48 37.41
CA LEU A 161 3.89 -4.46 38.19
C LEU A 161 2.39 -4.36 38.01
N ALA A 162 1.89 -3.21 37.54
CA ALA A 162 0.47 -3.01 37.32
C ALA A 162 0.09 -2.92 35.85
N ALA A 163 1.06 -2.77 34.96
CA ALA A 163 0.76 -2.73 33.54
C ALA A 163 0.42 -4.14 33.04
N VAL A 164 0.00 -4.21 31.77
CA VAL A 164 -0.39 -5.48 31.18
C VAL A 164 0.80 -6.42 31.18
N GLN A 165 0.57 -7.65 31.61
CA GLN A 165 1.61 -8.67 31.69
C GLN A 165 1.60 -9.55 30.46
N LEU A 166 2.76 -10.12 30.14
CA LEU A 166 2.90 -10.95 28.95
C LEU A 166 2.00 -12.18 29.05
N GLU A 167 2.01 -12.85 30.19
CA GLU A 167 1.21 -14.07 30.34
C GLU A 167 -0.28 -13.80 30.30
N GLY A 168 -0.70 -12.56 30.56
CA GLY A 168 -2.09 -12.17 30.45
C GLY A 168 -2.44 -11.44 29.17
N PHE A 169 -1.51 -11.36 28.22
CA PHE A 169 -1.70 -10.63 26.98
C PHE A 169 -1.60 -11.53 25.76
N VAL A 170 -0.57 -12.38 25.69
CA VAL A 170 -0.37 -13.28 24.57
C VAL A 170 -0.96 -14.63 24.97
N VAL A 171 -2.13 -14.95 24.41
CA VAL A 171 -2.76 -16.23 24.69
C VAL A 171 -1.98 -17.36 24.05
N ASN A 172 -1.64 -17.20 22.77
CA ASN A 172 -0.92 -18.22 22.03
C ASN A 172 -0.04 -17.54 20.99
N CYS A 173 1.03 -18.23 20.61
CA CYS A 173 1.99 -17.69 19.65
C CYS A 173 2.58 -18.84 18.84
N HIS A 174 2.79 -18.60 17.55
CA HIS A 174 3.35 -19.59 16.67
C HIS A 174 4.23 -18.92 15.62
N TYR A 175 5.37 -19.53 15.34
CA TYR A 175 6.27 -19.06 14.30
C TYR A 175 6.92 -20.25 13.62
N ALA A 176 6.88 -20.27 12.29
CA ALA A 176 7.56 -21.27 11.49
C ALA A 176 7.20 -22.68 11.95
N GLY A 177 5.89 -22.93 12.09
CA GLY A 177 5.42 -24.25 12.39
C GLY A 177 5.76 -24.77 13.77
N HIS A 178 6.07 -23.87 14.71
CA HIS A 178 6.40 -24.28 16.07
C HIS A 178 5.83 -23.29 17.05
N ARG A 179 5.61 -23.76 18.28
CA ARG A 179 5.07 -22.94 19.34
C ARG A 179 6.16 -22.05 19.93
N CYS A 180 5.81 -20.81 20.22
CA CYS A 180 6.77 -19.85 20.76
C CYS A 180 7.08 -20.15 22.22
N ASN A 181 8.32 -19.82 22.63
CA ASN A 181 8.70 -19.87 24.06
C ASN A 181 8.61 -18.41 24.45
N LYS A 182 7.58 -18.04 25.18
CA LYS A 182 7.30 -16.62 25.41
C LYS A 182 8.40 -15.97 26.25
N THR A 183 8.91 -16.69 27.23
CA THR A 183 10.00 -16.18 28.07
C THR A 183 11.24 -15.85 27.24
N ARG A 184 11.54 -16.60 26.19
CA ARG A 184 12.78 -16.38 25.43
C ARG A 184 12.55 -15.53 24.19
N ASP A 185 11.33 -15.46 23.67
CA ASP A 185 11.15 -14.78 22.40
C ASP A 185 10.58 -13.37 22.54
N PHE A 186 9.89 -13.07 23.63
CA PHE A 186 9.29 -11.76 23.84
C PHE A 186 10.15 -10.94 24.80
N TYR A 187 10.41 -9.69 24.43
CA TYR A 187 11.24 -8.79 25.22
C TYR A 187 10.42 -7.57 25.59
N ARG A 188 10.32 -7.29 26.88
CA ARG A 188 9.49 -6.20 27.38
C ARG A 188 10.23 -4.87 27.31
N PHE A 189 9.50 -3.82 26.95
CA PHE A 189 10.04 -2.47 27.01
C PHE A 189 8.93 -1.52 27.41
N PHE A 190 9.33 -0.37 27.97
CA PHE A 190 8.41 0.58 28.56
C PHE A 190 8.19 1.76 27.63
N ASP A 191 6.93 2.17 27.47
CA ASP A 191 6.60 3.35 26.69
C ASP A 191 5.73 4.27 27.53
N PRO A 192 5.94 5.59 27.44
CA PRO A 192 5.18 6.51 28.31
C PRO A 192 3.67 6.39 28.15
N TYR A 193 3.17 6.01 26.96
CA TYR A 193 1.72 5.91 26.70
C TYR A 193 1.30 4.45 26.80
N TYR A 194 1.94 3.58 26.03
CA TYR A 194 1.69 2.14 26.14
C TYR A 194 2.64 1.59 27.19
N PHE A 195 2.23 1.70 28.46
CA PHE A 195 3.11 1.42 29.59
C PHE A 195 3.99 0.20 29.35
N ASN A 196 3.39 -0.94 29.07
CA ASN A 196 4.13 -2.17 28.77
C ASN A 196 3.96 -2.51 27.30
N CYS A 197 5.08 -2.79 26.64
CA CYS A 197 5.09 -3.26 25.26
C CYS A 197 6.07 -4.40 25.15
N PHE A 198 5.82 -5.28 24.19
CA PHE A 198 6.60 -6.49 24.01
C PHE A 198 7.03 -6.64 22.56
N THR A 199 8.30 -7.00 22.37
CA THR A 199 8.88 -7.19 21.05
C THR A 199 9.17 -8.66 20.84
N TYR A 200 8.64 -9.22 19.75
CA TYR A 200 8.93 -10.60 19.37
C TYR A 200 10.17 -10.61 18.48
N LYS A 201 11.18 -11.38 18.89
CA LYS A 201 12.39 -11.59 18.11
C LYS A 201 12.39 -13.03 17.63
N ALA A 202 12.46 -13.22 16.32
CA ALA A 202 12.22 -14.54 15.74
C ALA A 202 13.28 -15.53 16.20
N HIS A 203 12.85 -16.79 16.34
CA HIS A 203 13.73 -17.89 16.72
C HIS A 203 13.46 -19.04 15.77
N GLU A 204 14.40 -19.31 14.87
CA GLU A 204 14.18 -20.28 13.82
C GLU A 204 14.13 -21.70 14.39
N PRO A 205 13.51 -22.63 13.66
CA PRO A 205 13.42 -24.01 14.17
C PRO A 205 14.79 -24.60 14.46
N THR A 206 14.86 -25.38 15.53
CA THR A 206 16.10 -26.02 15.93
C THR A 206 16.31 -27.32 15.15
N LEU A 212 6.73 -30.68 18.92
CA LEU A 212 6.03 -29.44 19.24
C LEU A 212 5.74 -28.67 17.96
N SER A 213 5.33 -29.38 16.91
CA SER A 213 5.07 -28.77 15.62
C SER A 213 3.58 -28.43 15.51
N GLU A 214 3.29 -27.17 15.24
CA GLU A 214 1.92 -26.70 15.08
C GLU A 214 1.97 -25.23 14.68
N GLY A 215 0.86 -24.75 14.13
CA GLY A 215 0.71 -23.34 13.84
C GLY A 215 1.08 -22.98 12.41
N ILE A 216 1.10 -21.67 12.18
CA ILE A 216 1.39 -21.15 10.85
C ILE A 216 2.76 -21.62 10.39
N GLU A 217 2.83 -22.15 9.17
CA GLU A 217 4.08 -22.69 8.65
C GLU A 217 4.98 -21.62 8.04
N ASN A 218 4.39 -20.53 7.56
CA ASN A 218 5.12 -19.55 6.74
C ASN A 218 5.12 -18.16 7.36
N GLY A 219 4.94 -18.05 8.68
CA GLY A 219 4.94 -16.74 9.29
C GLY A 219 4.71 -16.74 10.79
N TRP A 220 4.13 -15.65 11.29
CA TRP A 220 3.93 -15.44 12.71
C TRP A 220 2.45 -15.19 12.98
N SER A 221 1.91 -15.90 13.96
CA SER A 221 0.50 -15.78 14.30
C SER A 221 0.34 -15.89 15.81
N SER A 222 -0.51 -15.05 16.38
CA SER A 222 -0.75 -15.06 17.82
C SER A 222 -2.16 -14.60 18.11
N ILE A 223 -2.67 -15.03 19.25
CA ILE A 223 -3.99 -14.64 19.75
C ILE A 223 -3.76 -13.78 20.99
N LEU A 224 -4.33 -12.58 20.98
CA LEU A 224 -4.07 -11.57 21.99
C LEU A 224 -5.36 -11.16 22.69
N LEU A 225 -5.30 -11.01 24.01
CA LEU A 225 -6.40 -10.44 24.77
C LEU A 225 -6.25 -8.93 24.76
N SER A 226 -7.18 -8.24 24.11
CA SER A 226 -7.07 -6.81 23.90
C SER A 226 -8.32 -6.02 24.26
N GLY A 227 -9.47 -6.66 24.44
CA GLY A 227 -10.68 -5.94 24.75
C GLY A 227 -10.75 -5.50 26.21
N SER A 228 -11.75 -4.67 26.49
CA SER A 228 -11.96 -4.12 27.82
C SER A 228 -13.34 -4.48 28.37
N GLY A 229 -13.93 -5.57 27.89
CA GLY A 229 -15.29 -5.90 28.26
C GLY A 229 -15.48 -6.29 29.72
N MET A 230 -14.41 -6.74 30.37
CA MET A 230 -14.51 -7.20 31.75
C MET A 230 -14.33 -6.09 32.78
N LEU A 231 -14.14 -4.86 32.34
CA LEU A 231 -14.08 -3.73 33.26
C LEU A 231 -15.48 -3.38 33.75
N ASP A 232 -15.54 -2.80 34.95
CA ASP A 232 -16.83 -2.40 35.50
C ASP A 232 -17.46 -1.30 34.65
N LYS A 233 -18.78 -1.29 34.63
CA LYS A 233 -19.55 -0.30 33.88
C LYS A 233 -20.32 0.55 34.88
N ASN A 234 -19.77 1.71 35.21
CA ASN A 234 -20.32 2.53 36.28
C ASN A 234 -21.62 3.20 35.84
N ASP A 235 -22.47 3.48 36.82
CA ASP A 235 -23.72 4.19 36.56
C ASP A 235 -23.49 5.67 36.28
N GLU A 236 -22.36 6.21 36.72
CA GLU A 236 -22.05 7.63 36.55
C GLU A 236 -20.61 7.77 36.05
N ILE A 237 -20.35 8.89 35.40
CA ILE A 237 -18.98 9.21 34.98
C ILE A 237 -18.16 9.51 36.23
N ARG A 238 -17.04 8.80 36.36
CA ARG A 238 -16.13 9.00 37.49
C ARG A 238 -14.72 9.22 36.95
N MET A 239 -13.96 10.06 37.66
CA MET A 239 -12.63 10.42 37.22
C MET A 239 -11.64 9.35 37.66
N LEU A 240 -10.94 8.75 36.70
CA LEU A 240 -9.91 7.74 36.97
C LEU A 240 -8.62 8.22 36.32
N PRO A 241 -7.76 8.93 37.04
CA PRO A 241 -6.54 9.46 36.42
C PRO A 241 -5.61 8.36 35.94
N GLY A 242 -4.80 8.70 34.94
CA GLY A 242 -3.77 7.82 34.44
C GLY A 242 -4.23 6.82 33.40
N LEU A 243 -5.54 6.75 33.11
CA LEU A 243 -6.04 5.88 32.07
C LEU A 243 -6.19 6.60 30.75
N HIS A 244 -6.69 7.82 30.78
CA HIS A 244 -7.01 8.59 29.58
C HIS A 244 -5.86 9.51 29.20
N GLU A 245 -5.91 9.99 27.96
CA GLU A 245 -4.94 10.96 27.45
C GLU A 245 -5.74 12.00 26.68
N TRP A 246 -5.96 13.15 27.30
CA TRP A 246 -6.92 14.13 26.79
C TRP A 246 -6.46 14.69 25.45
N ARG A 247 -7.37 14.73 24.49
CA ARG A 247 -7.14 15.34 23.18
C ARG A 247 -5.87 14.79 22.54
N SER A 248 -5.91 13.50 22.24
CA SER A 248 -4.80 12.82 21.57
C SER A 248 -5.36 11.87 20.52
N ALA A 249 -4.54 11.57 19.51
CA ALA A 249 -4.99 10.77 18.40
C ALA A 249 -5.27 9.33 18.79
N VAL A 250 -4.57 8.82 19.79
CA VAL A 250 -4.67 7.39 20.15
C VAL A 250 -5.42 7.28 21.47
N SER A 251 -6.40 8.15 21.69
CA SER A 251 -7.12 8.19 22.98
C SER A 251 -8.37 7.33 22.94
N ALA A 252 -8.70 6.68 24.05
CA ALA A 252 -9.97 5.93 24.17
C ALA A 252 -9.95 4.66 23.33
N SER A 253 -8.97 4.49 22.46
CA SER A 253 -8.98 3.35 21.51
C SER A 253 -8.90 1.99 22.21
N GLU A 254 -9.49 0.95 21.62
CA GLU A 254 -9.39 -0.43 22.14
C GLU A 254 -8.82 -1.30 21.03
N GLY A 255 -7.86 -2.14 21.34
CA GLY A 255 -7.25 -3.02 20.36
C GLY A 255 -5.78 -3.22 20.66
N VAL A 256 -5.05 -3.57 19.62
CA VAL A 256 -3.61 -3.82 19.70
C VAL A 256 -2.90 -2.89 18.72
N ARG A 257 -1.79 -2.32 19.16
CA ARG A 257 -0.93 -1.51 18.32
C ARG A 257 0.26 -2.37 17.88
N VAL A 258 0.42 -2.54 16.57
CA VAL A 258 1.43 -3.44 16.01
C VAL A 258 2.44 -2.59 15.25
N VAL A 259 3.72 -2.78 15.56
CA VAL A 259 4.81 -2.14 14.86
C VAL A 259 5.67 -3.23 14.24
N ILE A 260 5.81 -3.20 12.92
CA ILE A 260 6.69 -4.11 12.19
C ILE A 260 7.92 -3.32 11.77
N HIS A 261 9.07 -3.71 12.29
CA HIS A 261 10.29 -2.94 12.09
C HIS A 261 11.46 -3.90 11.98
N PRO A 262 12.59 -3.44 11.42
CA PRO A 262 13.74 -4.32 11.28
C PRO A 262 14.26 -4.75 12.64
N PRO A 263 14.93 -5.90 12.73
CA PRO A 263 15.48 -6.33 14.01
C PRO A 263 16.58 -5.39 14.50
N SER A 264 16.72 -5.32 15.82
CA SER A 264 17.72 -4.47 16.47
C SER A 264 17.46 -3.00 16.19
N THR A 265 16.19 -2.60 16.32
CA THR A 265 15.80 -1.21 16.20
C THR A 265 14.76 -0.89 17.26
N THR A 266 14.81 0.33 17.77
CA THR A 266 13.87 0.76 18.79
C THR A 266 12.54 1.14 18.14
N PRO A 267 11.42 0.56 18.57
CA PRO A 267 10.12 0.96 18.02
C PRO A 267 9.60 2.23 18.68
N TYR A 268 8.65 2.85 18.00
CA TYR A 268 8.01 4.08 18.48
C TYR A 268 6.52 3.98 18.23
N PRO A 269 5.82 3.18 19.05
CA PRO A 269 4.41 2.88 18.75
C PRO A 269 3.50 4.09 18.69
N PHE A 270 3.89 5.21 19.33
CA PHE A 270 3.02 6.36 19.39
C PHE A 270 2.94 7.12 18.07
N THR A 271 3.87 6.89 17.14
CA THR A 271 3.85 7.57 15.86
C THR A 271 4.11 6.64 14.69
N GLU A 272 4.21 5.33 14.92
CA GLU A 272 4.29 4.36 13.84
C GLU A 272 3.55 3.09 14.27
N GLY A 273 3.19 2.28 13.28
CA GLY A 273 2.56 1.00 13.53
C GLY A 273 1.14 0.97 12.99
N TYR A 274 0.52 -0.19 13.18
CA TYR A 274 -0.83 -0.47 12.71
C TYR A 274 -1.71 -0.90 13.87
N ASP A 275 -3.01 -0.71 13.71
CA ASP A 275 -3.99 -0.95 14.76
C ASP A 275 -4.91 -2.10 14.38
N VAL A 276 -5.29 -2.89 15.37
CA VAL A 276 -6.19 -4.02 15.18
C VAL A 276 -7.27 -3.96 16.24
N PRO A 277 -8.55 -3.99 15.88
CA PRO A 277 -9.60 -3.92 16.91
C PRO A 277 -9.84 -5.27 17.54
N PRO A 278 -10.39 -5.32 18.75
CA PRO A 278 -10.76 -6.60 19.34
C PRO A 278 -11.91 -7.24 18.58
N GLY A 279 -11.92 -8.57 18.56
CA GLY A 279 -12.92 -9.32 17.83
C GLY A 279 -12.61 -9.56 16.37
N PHE A 280 -11.47 -9.09 15.89
CA PHE A 280 -11.10 -9.22 14.48
C PHE A 280 -9.77 -9.95 14.36
N SER A 281 -9.57 -10.57 13.20
CA SER A 281 -8.32 -11.22 12.83
C SER A 281 -7.67 -10.39 11.74
N ALA A 282 -6.44 -9.95 11.99
CA ALA A 282 -5.71 -9.05 11.11
C ALA A 282 -4.62 -9.82 10.37
N SER A 283 -4.55 -9.62 9.06
CA SER A 283 -3.54 -10.23 8.21
C SER A 283 -2.62 -9.13 7.69
N PHE A 284 -1.34 -9.24 7.99
CA PHE A 284 -0.33 -8.27 7.56
C PHE A 284 0.53 -8.93 6.48
N GLY A 285 0.28 -8.57 5.22
CA GLY A 285 1.11 -9.03 4.13
C GLY A 285 2.36 -8.18 3.98
N ILE A 286 3.50 -8.72 4.35
CA ILE A 286 4.75 -7.97 4.38
C ILE A 286 5.42 -8.07 3.01
N HIS A 287 5.67 -6.92 2.40
CA HIS A 287 6.40 -6.82 1.15
C HIS A 287 7.74 -6.16 1.42
N PRO A 288 8.83 -6.92 1.56
CA PRO A 288 10.08 -6.32 2.01
C PRO A 288 10.71 -5.43 0.94
N ARG A 289 11.33 -4.34 1.40
CA ARG A 289 12.03 -3.40 0.54
C ARG A 289 13.37 -3.06 1.17
N ARG A 290 14.39 -2.88 0.33
CA ARG A 290 15.72 -2.55 0.78
C ARG A 290 16.26 -1.38 -0.03
N ASN A 291 16.91 -0.44 0.65
CA ASN A 291 17.48 0.74 0.02
C ASN A 291 18.94 0.88 0.41
N ILE A 292 19.80 1.14 -0.56
CA ILE A 292 21.23 1.35 -0.35
C ILE A 292 21.57 2.74 -0.87
N ARG A 293 22.35 3.49 -0.10
CA ARG A 293 22.61 4.88 -0.37
C ARG A 293 24.10 5.17 -0.28
N ILE A 294 24.50 6.28 -0.90
CA ILE A 294 25.91 6.61 -1.10
C ILE A 294 26.27 7.82 -0.24
N GLY A 295 27.57 8.01 -0.04
CA GLY A 295 28.09 8.88 0.99
C GLY A 295 28.16 10.35 0.65
N PRO A 296 28.97 11.09 1.40
CA PRO A 296 28.85 12.57 1.43
C PRO A 296 28.99 13.21 0.07
N PRO A 297 30.06 12.94 -0.68
CA PRO A 297 30.24 13.68 -1.95
C PRO A 297 29.11 13.45 -2.92
N HIS A 298 28.76 12.18 -3.17
CA HIS A 298 27.70 11.86 -4.11
C HIS A 298 26.31 11.94 -3.50
N GLY A 299 26.19 12.16 -2.20
CA GLY A 299 24.89 12.23 -1.58
C GLY A 299 25.03 12.39 -0.09
N ASN A 300 23.95 12.04 0.63
CA ASN A 300 23.93 12.11 2.08
C ASN A 300 23.36 10.80 2.63
N CYS A 301 24.11 10.19 3.55
CA CYS A 301 23.60 9.06 4.31
C CYS A 301 24.47 8.87 5.53
N SER A 302 23.92 8.22 6.54
CA SER A 302 24.64 7.95 7.79
C SER A 302 24.39 6.52 8.22
N ASP A 303 25.39 5.93 8.86
CA ASP A 303 25.27 4.62 9.47
C ASP A 303 25.26 4.69 10.99
N LYS A 304 25.18 5.90 11.56
CA LYS A 304 25.16 6.09 13.00
C LYS A 304 24.24 7.25 13.34
N ASN A 305 23.68 7.20 14.54
CA ASN A 305 22.84 8.29 15.03
C ASN A 305 23.72 9.38 15.61
N PRO A 306 23.64 10.62 15.13
CA PRO A 306 24.47 11.69 15.71
C PRO A 306 24.24 11.90 17.20
N PHE A 307 23.06 11.58 17.71
CA PHE A 307 22.73 11.78 19.11
C PHE A 307 22.89 10.53 19.96
N GLY A 308 23.06 9.35 19.34
CA GLY A 308 22.96 8.10 20.05
C GLY A 308 24.32 7.53 20.47
N ASP A 309 24.23 6.39 21.14
CA ASP A 309 25.41 5.64 21.56
C ASP A 309 25.85 4.60 20.55
N GLY A 310 25.08 4.38 19.49
CA GLY A 310 25.48 3.48 18.42
C GLY A 310 25.18 2.02 18.65
N THR A 311 24.44 1.68 19.71
CA THR A 311 24.21 0.27 20.03
C THR A 311 23.18 -0.36 19.09
N GLU A 312 22.09 0.35 18.79
CA GLU A 312 21.04 -0.17 17.94
C GLU A 312 21.22 0.32 16.50
N ARG A 313 20.57 -0.38 15.57
CA ARG A 313 20.63 0.02 14.17
C ARG A 313 19.97 1.39 13.98
N TYR A 314 20.48 2.13 13.00
CA TYR A 314 20.08 3.51 12.80
C TYR A 314 18.78 3.59 12.01
N ARG A 315 17.84 4.39 12.52
CA ARG A 315 16.64 4.77 11.79
C ARG A 315 16.49 6.28 11.87
N LEU A 316 16.08 6.89 10.75
CA LEU A 316 15.95 8.34 10.70
C LEU A 316 15.03 8.87 11.79
N MET A 317 14.03 8.07 12.18
CA MET A 317 13.10 8.48 13.23
C MET A 317 13.83 8.78 14.53
N ALA A 318 14.83 7.96 14.88
CA ALA A 318 15.56 8.18 16.12
C ALA A 318 16.24 9.55 16.12
N CYS A 319 16.94 9.86 15.03
CA CYS A 319 17.61 11.15 14.94
C CYS A 319 16.62 12.30 15.02
N GLN A 320 15.51 12.19 14.29
CA GLN A 320 14.53 13.29 14.30
C GLN A 320 13.93 13.49 15.69
N LYS A 321 13.61 12.39 16.37
CA LYS A 321 12.99 12.51 17.69
C LYS A 321 13.97 13.07 18.71
N MET A 322 15.23 12.62 18.67
CA MET A 322 16.21 13.17 19.59
C MET A 322 16.49 14.64 19.29
N CYS A 323 16.41 15.04 18.01
CA CYS A 323 16.55 16.45 17.69
C CYS A 323 15.40 17.26 18.27
N MET A 324 14.18 16.74 18.16
CA MET A 324 13.04 17.43 18.77
C MET A 324 13.22 17.56 20.27
N GLN A 325 13.74 16.50 20.91
CA GLN A 325 14.02 16.57 22.34
C GLN A 325 15.07 17.62 22.65
N HIS A 326 16.13 17.69 21.84
CA HIS A 326 17.15 18.70 22.02
C HIS A 326 16.54 20.09 22.02
N TYR A 327 15.71 20.38 21.03
CA TYR A 327 15.13 21.73 20.92
C TYR A 327 14.15 21.99 22.06
N ILE A 328 13.38 20.98 22.47
CA ILE A 328 12.46 21.17 23.58
C ILE A 328 13.21 21.51 24.85
N VAL A 329 14.29 20.78 25.13
CA VAL A 329 15.09 21.06 26.32
C VAL A 329 15.70 22.45 26.22
N GLU A 330 16.17 22.83 25.04
CA GLU A 330 16.78 24.15 24.87
C GLU A 330 15.77 25.26 25.15
N THR A 331 14.54 25.10 24.68
CA THR A 331 13.55 26.17 24.77
C THR A 331 12.82 26.19 26.10
N CYS A 332 12.23 25.07 26.50
CA CYS A 332 11.38 25.03 27.70
C CYS A 332 12.14 24.67 28.96
N GLY A 333 13.41 24.27 28.86
CA GLY A 333 14.16 23.90 30.05
C GLY A 333 13.77 22.57 30.64
N CYS A 334 13.04 21.74 29.90
CA CYS A 334 12.59 20.45 30.38
C CYS A 334 12.44 19.52 29.19
N ALA A 335 12.38 18.22 29.49
CA ALA A 335 12.30 17.19 28.46
C ALA A 335 10.89 16.64 28.36
N ASP A 336 10.49 16.30 27.14
CA ASP A 336 9.20 15.68 26.92
C ASP A 336 9.29 14.20 27.21
N VAL A 337 8.37 13.70 28.04
CA VAL A 337 8.40 12.28 28.39
C VAL A 337 8.08 11.40 27.19
N GLY A 338 7.39 11.93 26.20
CA GLY A 338 7.03 11.19 25.01
C GLY A 338 8.11 11.06 23.97
N LEU A 339 9.34 11.47 24.28
CA LEU A 339 10.47 11.39 23.37
C LEU A 339 11.65 10.77 24.08
N PRO A 340 12.62 10.24 23.33
CA PRO A 340 13.79 9.62 23.96
C PRO A 340 14.54 10.61 24.84
N LYS A 341 15.07 10.11 25.94
CA LYS A 341 15.89 10.91 26.84
C LYS A 341 17.30 11.02 26.27
N LEU A 342 17.78 12.25 26.09
CA LEU A 342 19.10 12.44 25.51
C LEU A 342 20.16 11.82 26.42
N PRO A 343 21.02 10.93 25.92
CA PRO A 343 21.96 10.25 26.81
C PRO A 343 22.88 11.19 27.57
N LEU A 344 23.20 12.35 27.01
CA LEU A 344 24.13 13.27 27.65
C LEU A 344 23.48 14.12 28.73
N GLN A 345 22.17 14.03 28.91
CA GLN A 345 21.41 14.97 29.74
C GLN A 345 20.45 14.23 30.66
N ALA A 346 20.97 13.22 31.37
CA ALA A 346 20.14 12.46 32.30
C ALA A 346 19.66 13.30 33.47
N ASN A 347 20.28 14.46 33.72
CA ASN A 347 19.90 15.30 34.85
C ASN A 347 18.68 16.16 34.57
N ILE A 348 18.21 16.23 33.33
CA ILE A 348 17.12 17.12 32.97
C ILE A 348 15.80 16.50 33.43
N SER A 349 14.96 17.32 34.06
CA SER A 349 13.66 16.87 34.52
C SER A 349 12.67 16.81 33.36
N TRP A 350 11.71 15.89 33.48
CA TRP A 350 10.59 15.87 32.55
C TRP A 350 9.74 17.12 32.75
N CYS A 351 9.08 17.53 31.67
CA CYS A 351 8.21 18.71 31.76
C CYS A 351 7.01 18.47 32.66
N ARG A 352 6.58 17.21 32.79
CA ARG A 352 5.39 16.87 33.57
C ARG A 352 5.72 16.53 35.02
N ASP A 353 6.94 16.79 35.47
CA ASP A 353 7.32 16.47 36.84
C ASP A 353 6.53 17.30 37.84
N ASP A 354 6.18 16.70 38.98
CA ASP A 354 5.36 17.35 39.99
C ASP A 354 5.91 17.13 41.39
N ASP A 355 7.22 16.92 41.52
CA ASP A 355 7.81 16.84 42.85
C ASP A 355 7.83 18.18 43.57
N ASN A 356 7.51 19.27 42.87
CA ASN A 356 7.51 20.60 43.48
C ASN A 356 6.32 20.79 44.42
N PHE A 357 5.27 19.99 44.23
CA PHE A 357 4.00 20.22 44.97
C PHE A 357 4.16 19.99 46.48
N PRO A 358 3.83 20.96 47.36
CA PRO A 358 3.88 20.72 48.81
C PRO A 358 2.87 19.68 49.25
N ASP A 359 3.10 19.16 50.46
CA ASP A 359 2.15 18.24 51.06
C ASP A 359 0.84 18.93 51.40
N GLU A 360 0.88 20.24 51.67
CA GLU A 360 -0.33 20.97 52.02
C GLU A 360 -1.37 20.91 50.91
N CYS A 361 -0.96 20.68 49.67
CA CYS A 361 -1.93 20.56 48.58
C CYS A 361 -2.79 19.31 48.71
N MET A 362 -2.41 18.35 49.56
CA MET A 362 -3.26 17.21 49.86
C MET A 362 -4.37 17.55 50.84
N PHE A 363 -4.32 18.73 51.46
CA PHE A 363 -5.30 19.14 52.45
C PHE A 363 -5.99 20.46 52.14
N THR A 364 -5.45 21.28 51.25
CA THR A 364 -5.99 22.60 50.98
C THR A 364 -5.92 22.89 49.49
N ALA A 365 -6.75 23.84 49.06
CA ALA A 365 -6.81 24.30 47.68
C ALA A 365 -6.26 25.71 47.55
N SER A 366 -5.16 25.98 48.25
CA SER A 366 -4.64 27.33 48.36
C SER A 366 -4.15 27.83 47.00
N GLU A 367 -3.92 29.15 46.94
CA GLU A 367 -3.46 29.78 45.71
C GLU A 367 -2.10 29.26 45.27
N GLU A 368 -1.22 28.94 46.22
CA GLU A 368 0.10 28.45 45.86
C GLU A 368 -0.01 27.13 45.10
N CYS A 369 -0.85 26.21 45.59
CA CYS A 369 -1.09 24.97 44.87
C CYS A 369 -1.67 25.24 43.49
N LEU A 370 -2.61 26.18 43.41
CA LEU A 370 -3.21 26.52 42.12
C LEU A 370 -2.17 27.08 41.17
N GLN A 371 -1.31 27.97 41.65
CA GLN A 371 -0.27 28.55 40.80
C GLN A 371 0.70 27.47 40.32
N LEU A 372 1.04 26.52 41.19
CA LEU A 372 1.89 25.42 40.77
C LEU A 372 1.21 24.59 39.69
N LEU A 373 -0.09 24.31 39.86
CA LEU A 373 -0.84 23.60 38.85
C LEU A 373 -0.76 24.30 37.50
N MET A 374 -0.97 25.62 37.50
CA MET A 374 -0.96 26.35 36.24
C MET A 374 0.44 26.42 35.65
N GLN A 375 1.48 26.47 36.48
CA GLN A 375 2.84 26.45 35.96
C GLN A 375 3.15 25.13 35.28
N LEU A 376 2.69 24.03 35.87
CA LEU A 376 2.85 22.71 35.23
C LEU A 376 2.12 22.68 33.90
N HIS A 377 0.88 23.19 33.88
CA HIS A 377 0.11 23.29 32.65
C HIS A 377 0.87 24.09 31.59
N ASN A 378 1.50 25.19 32.00
CA ASN A 378 2.25 26.03 31.07
C ASN A 378 3.48 25.32 30.53
N ARG A 379 4.16 24.55 31.38
CA ARG A 379 5.30 23.76 30.90
C ARG A 379 4.86 22.80 29.81
N ILE A 380 3.74 22.10 30.04
CA ILE A 380 3.24 21.17 29.03
C ILE A 380 2.92 21.93 27.74
N LYS A 381 2.30 23.10 27.86
CA LYS A 381 1.97 23.88 26.68
C LYS A 381 3.22 24.27 25.90
N CYS A 382 4.26 24.71 26.60
CA CYS A 382 5.52 25.06 25.95
C CYS A 382 6.05 23.87 25.15
N ALA A 383 6.11 22.70 25.79
CA ALA A 383 6.68 21.53 25.12
C ALA A 383 5.87 21.18 23.87
N ARG A 384 4.54 21.17 23.98
CA ARG A 384 3.72 20.80 22.84
C ARG A 384 3.85 21.82 21.70
N SER A 385 3.90 23.11 22.04
CA SER A 385 4.07 24.13 21.01
C SER A 385 5.37 23.91 20.24
N ILE A 386 6.46 23.64 20.96
CA ILE A 386 7.73 23.41 20.28
C ILE A 386 7.65 22.16 19.42
N LYS A 387 7.04 21.08 19.94
CA LYS A 387 6.91 19.87 19.15
C LYS A 387 6.23 20.14 17.82
N SER A 388 5.14 20.89 17.85
CA SER A 388 4.38 21.12 16.62
C SER A 388 5.14 22.08 15.69
N LYS A 389 5.81 23.09 16.25
CA LYS A 389 6.44 24.10 15.40
C LYS A 389 7.72 23.59 14.75
N ILE A 390 8.55 22.87 15.49
CA ILE A 390 9.95 22.69 15.08
C ILE A 390 10.06 21.87 13.80
N THR A 391 9.14 20.94 13.55
CA THR A 391 9.24 20.12 12.36
C THR A 391 9.13 20.96 11.09
N LYS A 392 8.41 22.08 11.15
CA LYS A 392 8.23 22.96 10.00
C LYS A 392 9.43 23.89 9.79
N ASN A 393 10.42 23.84 10.67
CA ASN A 393 11.54 24.77 10.67
C ASN A 393 12.74 24.05 10.07
N THR A 394 12.91 24.21 8.76
CA THR A 394 13.94 23.44 8.04
C THR A 394 15.33 23.76 8.53
N THR A 395 15.58 25.01 8.94
CA THR A 395 16.89 25.36 9.48
C THR A 395 17.22 24.52 10.71
N ALA A 396 16.27 24.45 11.66
CA ALA A 396 16.50 23.69 12.87
C ALA A 396 16.73 22.21 12.56
N MET A 397 15.92 21.65 11.67
CA MET A 397 16.04 20.23 11.35
C MET A 397 17.36 19.94 10.63
N GLU A 398 17.77 20.82 9.73
CA GLU A 398 19.05 20.63 9.05
C GLU A 398 20.22 20.74 10.00
N ALA A 399 20.09 21.56 11.05
CA ALA A 399 21.17 21.68 12.02
C ALA A 399 21.43 20.39 12.79
N CYS A 400 20.52 19.42 12.74
CA CYS A 400 20.66 18.19 13.49
C CYS A 400 21.32 17.05 12.69
N ASN A 401 21.61 17.27 11.41
CA ASN A 401 22.39 16.32 10.61
C ASN A 401 21.74 14.94 10.57
N CYS A 402 20.41 14.92 10.40
CA CYS A 402 19.67 13.66 10.33
C CYS A 402 19.59 13.23 8.87
N PHE A 403 20.62 12.54 8.40
CA PHE A 403 20.66 11.99 7.06
C PHE A 403 20.07 10.60 7.03
N PRO A 404 19.55 10.15 5.89
CA PRO A 404 18.90 8.84 5.83
C PRO A 404 19.89 7.71 6.03
N PRO A 405 19.44 6.54 6.48
CA PRO A 405 20.36 5.43 6.67
C PRO A 405 21.00 5.00 5.34
N CYS A 406 22.26 4.57 5.43
CA CYS A 406 22.98 4.13 4.24
C CYS A 406 22.53 2.75 3.77
N ASP A 407 21.99 1.93 4.67
CA ASP A 407 21.44 0.62 4.30
C ASP A 407 20.19 0.40 5.13
N GLU A 408 19.03 0.34 4.47
CA GLU A 408 17.74 0.37 5.14
C GLU A 408 16.84 -0.72 4.59
N VAL A 409 16.12 -1.38 5.49
CA VAL A 409 15.08 -2.34 5.14
C VAL A 409 13.74 -1.74 5.52
N SER A 410 12.82 -1.69 4.57
CA SER A 410 11.49 -1.14 4.78
C SER A 410 10.45 -2.20 4.44
N TYR A 411 9.29 -2.09 5.07
CA TYR A 411 8.23 -3.08 4.94
C TYR A 411 6.95 -2.39 4.51
N ASP A 412 6.48 -2.71 3.30
CA ASP A 412 5.18 -2.26 2.82
C ASP A 412 4.15 -3.30 3.24
N VAL A 413 3.19 -2.89 4.06
CA VAL A 413 2.28 -3.79 4.75
C VAL A 413 0.90 -3.66 4.13
N SER A 414 0.32 -4.79 3.73
CA SER A 414 -1.03 -4.84 3.20
C SER A 414 -1.97 -5.30 4.32
N TYR A 415 -2.91 -4.44 4.68
CA TYR A 415 -3.77 -4.64 5.83
C TYR A 415 -5.07 -5.34 5.42
N SER A 416 -5.65 -6.06 6.38
CA SER A 416 -6.84 -6.86 6.10
C SER A 416 -7.45 -7.29 7.43
N LEU A 417 -8.78 -7.41 7.46
CA LEU A 417 -9.50 -7.74 8.68
C LEU A 417 -10.60 -8.75 8.40
N SER A 418 -10.79 -9.66 9.36
CA SER A 418 -11.95 -10.55 9.37
C SER A 418 -12.35 -10.77 10.83
N LYS A 419 -13.59 -11.24 11.01
CA LYS A 419 -14.16 -11.45 12.34
C LYS A 419 -13.65 -12.80 12.86
N TRP A 420 -12.85 -12.78 13.93
CA TRP A 420 -12.11 -13.98 14.28
C TRP A 420 -13.02 -15.08 14.80
N PRO A 421 -13.64 -14.95 15.99
CA PRO A 421 -14.47 -16.07 16.47
C PRO A 421 -15.81 -16.10 15.77
N SER A 422 -15.97 -17.03 14.83
CA SER A 422 -17.19 -17.12 14.08
C SER A 422 -18.33 -17.62 14.97
N ALA A 423 -19.54 -17.19 14.64
CA ALA A 423 -20.72 -17.64 15.36
C ALA A 423 -20.92 -19.14 15.15
N GLY A 424 -21.24 -19.84 16.23
CA GLY A 424 -21.59 -21.25 16.13
C GLY A 424 -20.47 -22.21 16.42
N TYR A 425 -20.42 -23.29 15.64
CA TYR A 425 -19.56 -24.43 15.97
C TYR A 425 -18.08 -24.07 15.82
N GLU A 426 -17.77 -23.31 14.76
CA GLU A 426 -16.37 -22.87 14.54
C GLU A 426 -15.90 -22.10 15.77
N GLY A 427 -16.69 -21.13 16.23
CA GLY A 427 -16.34 -20.37 17.42
C GLY A 427 -16.28 -21.23 18.67
N ASP A 428 -17.11 -22.27 18.74
CA ASP A 428 -17.02 -23.21 19.85
C ASP A 428 -15.66 -23.89 19.87
N ALA A 429 -15.17 -24.30 18.70
CA ALA A 429 -13.84 -24.91 18.64
C ALA A 429 -12.77 -23.92 19.06
N ALA A 430 -12.89 -22.67 18.63
CA ALA A 430 -11.92 -21.65 19.05
C ALA A 430 -11.91 -21.49 20.57
N TYR A 431 -13.09 -21.35 21.15
CA TYR A 431 -13.19 -21.19 22.60
C TYR A 431 -12.58 -22.37 23.32
N PHE A 432 -12.87 -23.59 22.86
CA PHE A 432 -12.27 -24.76 23.49
C PHE A 432 -10.76 -24.73 23.37
N ASP A 433 -10.25 -24.41 22.18
CA ASP A 433 -8.80 -24.35 22.02
C ASP A 433 -8.17 -23.43 23.05
N VAL A 434 -8.81 -22.30 23.32
CA VAL A 434 -8.22 -21.36 24.28
C VAL A 434 -8.36 -21.89 25.71
N PHE A 435 -9.56 -22.31 26.10
CA PHE A 435 -9.87 -22.48 27.52
C PHE A 435 -9.86 -23.92 28.03
N GLY A 436 -9.66 -24.91 27.16
CA GLY A 436 -9.62 -26.29 27.61
C GLY A 436 -8.33 -26.99 27.25
N ILE A 437 -7.69 -26.55 26.18
CA ILE A 437 -6.43 -27.14 25.73
C ILE A 437 -5.28 -26.28 26.24
N GLU A 438 -5.28 -25.00 25.87
CA GLU A 438 -4.28 -24.09 26.42
C GLU A 438 -4.57 -23.75 27.87
N LYS A 439 -5.82 -23.83 28.30
CA LYS A 439 -6.20 -23.60 29.69
C LYS A 439 -5.71 -22.22 30.14
N PHE A 440 -6.21 -21.21 29.44
CA PHE A 440 -5.70 -19.85 29.59
C PHE A 440 -5.96 -19.30 30.98
N ASN A 441 -7.18 -19.49 31.50
CA ASN A 441 -7.53 -18.86 32.77
C ASN A 441 -6.88 -19.52 33.98
N GLU A 442 -6.21 -20.67 33.81
CA GLU A 442 -5.50 -21.27 34.92
C GLU A 442 -4.11 -20.68 35.13
N ARG A 443 -3.62 -19.87 34.18
CA ARG A 443 -2.36 -19.16 34.40
C ARG A 443 -2.44 -18.29 35.64
N PHE A 444 -3.62 -17.77 35.96
CA PHE A 444 -3.82 -16.81 37.03
C PHE A 444 -4.24 -17.47 38.33
N ASN A 445 -4.20 -18.80 38.40
CA ASN A 445 -4.53 -19.55 39.61
C ASN A 445 -3.30 -19.60 40.52
N LYS A 446 -2.91 -18.42 41.00
CA LYS A 446 -1.75 -18.27 41.86
C LYS A 446 -2.09 -17.33 43.01
N THR A 447 -1.22 -17.33 44.02
CA THR A 447 -1.45 -16.47 45.18
C THR A 447 -1.49 -15.00 44.77
N GLY A 448 -0.67 -14.62 43.79
CA GLY A 448 -0.58 -13.23 43.40
C GLY A 448 -1.62 -12.76 42.41
N THR A 449 -2.46 -13.66 41.89
CA THR A 449 -3.42 -13.29 40.85
C THR A 449 -4.76 -13.97 41.04
N GLN A 450 -5.15 -14.27 42.29
CA GLN A 450 -6.39 -15.00 42.52
C GLN A 450 -7.60 -14.19 42.06
N GLY A 451 -7.60 -12.89 42.33
CA GLY A 451 -8.73 -12.06 41.93
C GLY A 451 -8.93 -12.03 40.43
N LYS A 452 -7.83 -11.94 39.68
CA LYS A 452 -7.92 -11.99 38.23
C LYS A 452 -8.46 -13.34 37.76
N TYR A 453 -8.05 -14.42 38.43
CA TYR A 453 -8.56 -15.74 38.10
C TYR A 453 -10.07 -15.79 38.27
N GLU A 454 -10.57 -15.26 39.40
CA GLU A 454 -12.02 -15.26 39.63
C GLU A 454 -12.74 -14.40 38.61
N LEU A 455 -12.18 -13.23 38.29
CA LEU A 455 -12.78 -12.36 37.29
C LEU A 455 -12.93 -13.08 35.96
N PHE A 456 -11.83 -13.68 35.47
CA PHE A 456 -11.88 -14.37 34.19
C PHE A 456 -12.81 -15.58 34.24
N THR A 457 -12.82 -16.31 35.36
CA THR A 457 -13.68 -17.47 35.48
C THR A 457 -15.15 -17.06 35.37
N LYS A 458 -15.53 -15.97 36.03
CA LYS A 458 -16.92 -15.52 35.94
C LYS A 458 -17.23 -14.91 34.58
N TYR A 459 -16.25 -14.28 33.93
CA TYR A 459 -16.51 -13.56 32.70
C TYR A 459 -16.54 -14.48 31.49
N PHE A 460 -15.50 -15.29 31.31
CA PHE A 460 -15.32 -16.10 30.12
C PHE A 460 -16.04 -17.45 30.19
N ASN A 461 -17.05 -17.58 31.04
CA ASN A 461 -17.70 -18.88 31.18
C ASN A 461 -18.36 -19.28 29.87
N VAL A 462 -18.73 -20.56 29.79
CA VAL A 462 -19.18 -21.15 28.53
C VAL A 462 -20.44 -20.46 28.03
N SER A 463 -21.36 -20.14 28.94
CA SER A 463 -22.68 -19.67 28.53
C SER A 463 -22.64 -18.33 27.80
N ASN A 464 -21.54 -17.58 27.90
CA ASN A 464 -21.45 -16.24 27.32
C ASN A 464 -20.24 -16.11 26.42
N ARG A 465 -19.86 -17.19 25.74
CA ARG A 465 -18.65 -17.14 24.91
C ARG A 465 -18.84 -16.24 23.70
N GLU A 466 -20.03 -16.21 23.12
CA GLU A 466 -20.26 -15.41 21.92
C GLU A 466 -19.95 -13.95 22.18
N GLU A 467 -20.21 -13.45 23.39
CA GLU A 467 -19.89 -12.07 23.74
C GLU A 467 -18.47 -11.93 24.28
N SER A 468 -18.04 -12.86 25.13
CA SER A 468 -16.74 -12.74 25.78
C SER A 468 -15.60 -12.83 24.76
N MET A 469 -15.72 -13.73 23.79
CA MET A 469 -14.61 -13.97 22.86
C MET A 469 -14.28 -12.74 22.03
N LYS A 470 -15.18 -11.77 21.95
CA LYS A 470 -14.92 -10.58 21.15
C LYS A 470 -13.90 -9.65 21.79
N ASP A 471 -13.40 -9.98 22.99
CA ASP A 471 -12.29 -9.24 23.58
C ASP A 471 -10.94 -9.69 23.05
N PHE A 472 -10.89 -10.80 22.31
CA PHE A 472 -9.66 -11.30 21.74
C PHE A 472 -9.42 -10.74 20.35
N ALA A 473 -8.16 -10.71 19.95
CA ALA A 473 -7.76 -10.37 18.59
C ALA A 473 -6.65 -11.31 18.15
N ARG A 474 -6.58 -11.54 16.85
CA ARG A 474 -5.55 -12.39 16.27
C ARG A 474 -4.76 -11.61 15.23
N LEU A 475 -3.44 -11.81 15.23
CA LEU A 475 -2.55 -11.18 14.27
C LEU A 475 -1.87 -12.26 13.44
N ASN A 476 -1.80 -12.03 12.13
CA ASN A 476 -1.02 -12.86 11.23
C ASN A 476 -0.06 -11.96 10.47
N VAL A 477 1.24 -12.20 10.65
CA VAL A 477 2.28 -11.48 9.94
C VAL A 477 3.07 -12.49 9.12
N TYR A 478 3.09 -12.30 7.81
CA TYR A 478 3.77 -13.21 6.92
C TYR A 478 4.36 -12.42 5.77
N ILE A 479 5.41 -12.97 5.16
CA ILE A 479 6.10 -12.32 4.05
C ILE A 479 5.39 -12.73 2.76
N ALA A 480 4.71 -11.77 2.14
CA ALA A 480 3.87 -12.08 0.98
C ALA A 480 4.71 -12.39 -0.25
N ASP A 481 5.77 -11.62 -0.48
CA ASP A 481 6.64 -11.80 -1.64
C ASP A 481 8.00 -12.29 -1.17
N SER A 482 8.47 -13.39 -1.77
CA SER A 482 9.77 -13.94 -1.41
C SER A 482 10.92 -13.08 -1.91
N ASN A 483 10.68 -12.19 -2.87
CA ASN A 483 11.72 -11.43 -3.52
C ASN A 483 11.68 -9.98 -3.06
N VAL A 484 12.84 -9.46 -2.68
CA VAL A 484 12.95 -8.10 -2.16
C VAL A 484 13.02 -7.12 -3.32
N VAL A 485 12.37 -5.97 -3.15
CA VAL A 485 12.47 -4.86 -4.09
C VAL A 485 13.67 -4.02 -3.63
N LYS A 486 14.80 -4.20 -4.31
CA LYS A 486 16.00 -3.45 -3.98
C LYS A 486 16.02 -2.12 -4.72
N THR A 487 16.60 -1.11 -4.08
CA THR A 487 16.72 0.22 -4.65
C THR A 487 18.09 0.76 -4.23
N GLN A 488 19.02 0.81 -5.17
CA GLN A 488 20.42 1.06 -4.89
C GLN A 488 20.88 2.32 -5.59
N GLU A 489 21.49 3.22 -4.84
CA GLU A 489 22.10 4.40 -5.42
C GLU A 489 23.47 4.07 -6.00
N SER A 490 24.00 4.98 -6.80
CA SER A 490 25.33 4.83 -7.37
C SER A 490 25.76 6.16 -7.95
N GLU A 491 27.06 6.28 -8.21
CA GLU A 491 27.59 7.49 -8.83
C GLU A 491 27.25 7.50 -10.31
N ASP A 492 26.67 8.61 -10.77
CA ASP A 492 26.21 8.70 -12.15
C ASP A 492 27.35 8.91 -13.13
N TYR A 493 28.41 9.59 -12.72
CA TYR A 493 29.50 10.00 -13.62
C TYR A 493 30.82 9.65 -12.96
N THR A 494 31.41 8.52 -13.37
CA THR A 494 32.66 8.06 -12.79
C THR A 494 33.83 8.85 -13.33
N ARG A 495 34.98 8.72 -12.65
CA ARG A 495 36.21 9.30 -13.17
C ARG A 495 36.58 8.68 -14.51
N ASN A 496 36.33 7.37 -14.67
CA ASN A 496 36.60 6.72 -15.94
C ASN A 496 35.75 7.29 -17.06
N GLN A 497 34.46 7.50 -16.78
CA GLN A 497 33.59 8.11 -17.80
C GLN A 497 34.04 9.53 -18.11
N LEU A 498 34.46 10.28 -17.10
CA LEU A 498 35.02 11.60 -17.33
C LEU A 498 36.20 11.52 -18.29
N VAL A 499 37.17 10.66 -17.99
CA VAL A 499 38.35 10.55 -18.84
C VAL A 499 37.93 10.17 -20.25
N SER A 500 37.03 9.20 -20.39
CA SER A 500 36.60 8.76 -21.71
C SER A 500 35.96 9.89 -22.50
N ASP A 501 35.07 10.66 -21.87
CA ASP A 501 34.36 11.70 -22.59
C ASP A 501 35.24 12.89 -22.90
N ILE A 502 36.17 13.23 -22.00
CA ILE A 502 37.13 14.29 -22.32
C ILE A 502 38.01 13.87 -23.48
N GLY A 503 38.43 12.61 -23.51
CA GLY A 503 39.19 12.12 -24.65
C GLY A 503 38.37 12.15 -25.93
N GLY A 504 37.08 11.78 -25.84
CA GLY A 504 36.23 11.82 -27.02
C GLY A 504 36.08 13.22 -27.57
N GLN A 505 35.85 14.19 -26.66
CA GLN A 505 35.78 15.59 -27.08
C GLN A 505 37.10 16.06 -27.67
N LEU A 506 38.21 15.67 -27.04
CA LEU A 506 39.51 16.09 -27.52
C LEU A 506 39.77 15.57 -28.94
N GLY A 507 39.42 14.31 -29.19
CA GLY A 507 39.58 13.77 -30.52
C GLY A 507 38.62 14.40 -31.52
N LEU A 508 37.41 14.71 -31.06
CA LEU A 508 36.37 15.23 -32.00
C LEU A 508 36.65 16.68 -32.37
N TRP A 509 37.25 17.47 -31.48
CA TRP A 509 37.42 18.89 -31.77
C TRP A 509 38.81 19.25 -32.27
N VAL A 510 39.86 18.68 -31.70
CA VAL A 510 41.22 19.03 -32.09
C VAL A 510 42.05 17.83 -32.53
N GLY A 511 41.59 16.60 -32.28
CA GLY A 511 42.31 15.42 -32.73
C GLY A 511 43.49 15.04 -31.86
N ILE A 512 43.76 15.80 -30.79
CA ILE A 512 44.88 15.49 -29.91
C ILE A 512 44.60 14.20 -29.14
N SER A 513 45.62 13.37 -29.01
CA SER A 513 45.62 12.26 -28.09
C SER A 513 46.73 12.50 -27.05
N LEU A 514 46.68 11.73 -25.96
CA LEU A 514 47.61 11.96 -24.87
C LEU A 514 49.06 11.82 -25.32
N ILE A 515 49.29 11.00 -26.34
CA ILE A 515 50.61 10.94 -26.96
C ILE A 515 50.90 12.24 -27.68
N THR A 516 49.88 12.81 -28.33
CA THR A 516 50.04 14.15 -28.87
C THR A 516 50.24 15.18 -27.77
N LEU A 517 49.68 14.93 -26.58
CA LEU A 517 49.97 15.80 -25.45
C LEU A 517 51.44 15.72 -25.08
N ALA A 518 52.00 14.51 -25.03
CA ALA A 518 53.44 14.38 -24.85
C ALA A 518 54.20 15.06 -25.98
N GLU A 519 53.63 15.06 -27.18
CA GLU A 519 54.28 15.73 -28.32
C GLU A 519 54.38 17.24 -28.08
N VAL A 520 53.28 17.86 -27.67
CA VAL A 520 53.33 19.31 -27.41
C VAL A 520 54.18 19.60 -26.19
N LEU A 521 54.21 18.69 -25.21
CA LEU A 521 55.13 18.83 -24.09
C LEU A 521 56.58 18.80 -24.58
N GLU A 522 56.87 17.94 -25.56
CA GLU A 522 58.19 17.90 -26.17
C GLU A 522 58.49 19.22 -26.87
N LEU A 523 57.51 19.80 -27.55
CA LEU A 523 57.73 21.09 -28.19
C LEU A 523 58.05 22.16 -27.16
N ILE A 524 57.31 22.18 -26.05
CA ILE A 524 57.54 23.17 -25.01
C ILE A 524 58.94 22.98 -24.41
N ILE A 525 59.33 21.73 -24.17
CA ILE A 525 60.67 21.48 -23.64
C ILE A 525 61.73 21.85 -24.67
N ASP A 526 61.43 21.72 -25.96
CA ASP A 526 62.36 22.17 -26.98
C ASP A 526 62.53 23.68 -26.94
N LEU A 527 61.43 24.41 -26.75
CA LEU A 527 61.53 25.85 -26.59
C LEU A 527 62.35 26.19 -25.35
N PHE A 528 62.19 25.42 -24.28
CA PHE A 528 63.05 25.61 -23.11
C PHE A 528 64.52 25.41 -23.47
N ARG A 529 64.84 24.29 -24.12
CA ARG A 529 66.22 24.02 -24.50
C ARG A 529 66.77 25.11 -25.41
N LEU A 530 65.92 25.73 -26.21
CA LEU A 530 66.33 26.86 -27.03
C LEU A 530 66.41 28.12 -26.16
N PHE B 1 -20.67 17.59 39.62
CA PHE B 1 -19.42 17.28 40.36
C PHE B 1 -18.92 15.93 39.90
N MET B 2 -17.84 15.89 39.13
CA MET B 2 -17.25 14.57 38.77
C MET B 2 -16.46 14.09 39.98
N ARG B 3 -16.97 13.09 40.69
CA ARG B 3 -16.26 12.52 41.84
C ARG B 3 -15.17 11.60 41.29
N PHE B 4 -14.28 11.10 42.14
CA PHE B 4 -13.17 10.23 41.68
C PHE B 4 -13.63 8.77 41.73
N ALA C 3 65.40 -6.85 -44.80
CA ALA C 3 64.77 -5.54 -44.98
C ALA C 3 63.75 -5.27 -43.88
N ILE C 4 64.02 -5.81 -42.67
CA ILE C 4 63.14 -5.47 -41.52
C ILE C 4 63.15 -3.97 -41.40
N ARG C 5 64.33 -3.39 -41.20
CA ARG C 5 64.46 -1.91 -41.15
C ARG C 5 63.65 -1.31 -42.31
N ASP C 6 63.74 -1.91 -43.50
CA ASP C 6 63.07 -1.31 -44.67
C ASP C 6 61.57 -1.10 -44.38
N VAL C 7 60.85 -2.20 -44.22
CA VAL C 7 59.38 -2.07 -44.04
C VAL C 7 59.11 -1.23 -42.78
N MET C 8 59.98 -1.37 -41.78
CA MET C 8 59.78 -0.60 -40.52
C MET C 8 59.69 0.88 -40.89
N THR C 9 60.73 1.44 -41.50
CA THR C 9 60.72 2.90 -41.77
C THR C 9 59.61 3.24 -42.75
N LYS C 10 59.28 2.33 -43.65
CA LYS C 10 58.14 2.66 -44.54
C LYS C 10 56.90 2.97 -43.70
N PHE C 11 56.47 1.98 -42.90
CA PHE C 11 55.26 2.18 -42.07
C PHE C 11 55.47 3.43 -41.27
N ALA C 12 56.66 3.59 -40.73
CA ALA C 12 56.90 4.74 -39.84
C ALA C 12 56.46 6.01 -40.54
N GLU C 13 57.07 6.30 -41.67
CA GLU C 13 56.78 7.59 -42.32
C GLU C 13 55.34 7.67 -42.80
N GLN C 14 54.72 6.56 -43.21
CA GLN C 14 53.32 6.81 -43.70
C GLN C 14 52.24 6.34 -42.71
N THR C 15 52.60 6.17 -41.43
CA THR C 15 51.55 5.58 -40.60
C THR C 15 50.73 6.64 -39.88
N THR C 16 49.49 6.27 -39.55
CA THR C 16 48.56 7.14 -38.85
C THR C 16 48.62 7.00 -37.34
N MET C 17 49.37 6.03 -36.83
CA MET C 17 49.49 5.83 -35.39
C MET C 17 50.42 6.88 -34.80
N HIS C 18 50.17 7.27 -33.54
CA HIS C 18 50.70 8.54 -33.04
C HIS C 18 52.14 8.49 -32.53
N GLY C 19 52.43 7.67 -31.50
CA GLY C 19 53.75 7.71 -30.88
C GLY C 19 54.80 6.88 -31.61
N VAL C 20 54.35 5.75 -32.16
CA VAL C 20 55.26 4.87 -32.90
C VAL C 20 56.08 5.67 -33.91
N PRO C 21 55.50 6.58 -34.69
CA PRO C 21 56.34 7.33 -35.64
C PRO C 21 57.55 7.94 -34.98
N LYS C 22 57.33 8.86 -34.03
CA LYS C 22 58.44 9.53 -33.37
C LYS C 22 59.46 8.52 -32.87
N VAL C 23 58.99 7.38 -32.35
CA VAL C 23 59.97 6.36 -31.93
C VAL C 23 60.82 5.93 -33.12
N ILE C 24 60.17 5.61 -34.25
CA ILE C 24 60.90 5.03 -35.37
C ILE C 24 61.85 6.04 -36.01
N ASN C 25 61.48 7.32 -36.00
CA ASN C 25 62.31 8.37 -36.62
C ASN C 25 63.10 9.18 -35.60
N ALA C 26 63.23 8.71 -34.36
CA ALA C 26 63.97 9.47 -33.35
C ALA C 26 65.45 9.39 -33.64
N LYS C 27 66.05 10.53 -34.01
CA LYS C 27 67.49 10.56 -34.27
C LYS C 27 68.28 10.55 -32.97
N SER C 28 67.84 11.31 -31.96
CA SER C 28 68.54 11.39 -30.69
C SER C 28 68.32 10.13 -29.87
N SER C 29 69.37 9.65 -29.23
CA SER C 29 69.28 8.43 -28.42
C SER C 29 68.38 8.65 -27.21
N MET C 30 68.62 9.74 -26.46
CA MET C 30 67.77 10.03 -25.32
C MET C 30 66.33 10.27 -25.76
N GLY C 31 66.14 10.85 -26.95
CA GLY C 31 64.80 11.03 -27.46
C GLY C 31 64.13 9.71 -27.82
N ARG C 32 64.91 8.79 -28.40
CA ARG C 32 64.39 7.45 -28.65
C ARG C 32 63.97 6.78 -27.35
N LEU C 33 64.78 6.92 -26.30
CA LEU C 33 64.42 6.35 -25.01
C LEU C 33 63.14 6.96 -24.49
N PHE C 34 63.05 8.30 -24.47
CA PHE C 34 61.86 8.98 -23.97
C PHE C 34 60.63 8.53 -24.74
N TRP C 35 60.71 8.48 -26.07
CA TRP C 35 59.50 8.22 -26.84
C TRP C 35 59.12 6.74 -26.83
N SER C 36 60.09 5.83 -26.74
CA SER C 36 59.73 4.44 -26.48
C SER C 36 59.04 4.29 -25.13
N LEU C 37 59.57 4.96 -24.10
CA LEU C 37 58.93 4.92 -22.80
C LEU C 37 57.49 5.40 -22.88
N VAL C 38 57.28 6.55 -23.52
CA VAL C 38 55.92 7.11 -23.62
C VAL C 38 55.00 6.17 -24.39
N CYS C 39 55.47 5.65 -25.52
CA CYS C 39 54.64 4.78 -26.34
C CYS C 39 54.20 3.56 -25.54
N LEU C 40 55.15 2.90 -24.87
CA LEU C 40 54.80 1.68 -24.15
C LEU C 40 53.95 1.98 -22.92
N ALA C 41 54.18 3.12 -22.25
CA ALA C 41 53.35 3.49 -21.11
C ALA C 41 51.92 3.70 -21.54
N ALA C 42 51.71 4.42 -22.64
CA ALA C 42 50.37 4.66 -23.13
C ALA C 42 49.70 3.36 -23.55
N GLY C 43 50.44 2.48 -24.24
CA GLY C 43 49.88 1.19 -24.58
C GLY C 43 49.46 0.41 -23.35
N ALA C 44 50.28 0.44 -22.30
CA ALA C 44 49.95 -0.28 -21.08
C ALA C 44 48.68 0.26 -20.43
N MET C 45 48.54 1.59 -20.38
CA MET C 45 47.33 2.15 -19.77
C MET C 45 46.10 1.85 -20.61
N PHE C 46 46.25 1.88 -21.94
CA PHE C 46 45.16 1.46 -22.81
C PHE C 46 44.74 0.03 -22.52
N CYS C 47 45.73 -0.86 -22.35
CA CYS C 47 45.41 -2.25 -22.04
C CYS C 47 44.68 -2.35 -20.70
N LEU C 48 45.11 -1.59 -19.71
CA LEU C 48 44.42 -1.59 -18.41
C LEU C 48 42.95 -1.22 -18.58
N GLN C 49 42.68 -0.09 -19.23
CA GLN C 49 41.30 0.36 -19.35
C GLN C 49 40.47 -0.56 -20.24
N MET C 50 41.08 -1.15 -21.27
CA MET C 50 40.37 -2.11 -22.10
C MET C 50 39.98 -3.34 -21.30
N SER C 51 40.91 -3.86 -20.48
CA SER C 51 40.56 -4.98 -19.63
C SER C 51 39.38 -4.64 -18.74
N GLU C 52 39.44 -3.46 -18.10
CA GLU C 52 38.33 -3.03 -17.25
C GLU C 52 37.01 -3.05 -18.00
N VAL C 53 36.96 -2.40 -19.17
CA VAL C 53 35.69 -2.23 -19.87
C VAL C 53 35.20 -3.56 -20.43
N LEU C 54 36.11 -4.37 -20.98
CA LEU C 54 35.73 -5.67 -21.51
C LEU C 54 35.10 -6.53 -20.43
N GLN C 55 35.67 -6.50 -19.22
CA GLN C 55 35.09 -7.32 -18.15
C GLN C 55 33.78 -6.73 -17.65
N ARG C 56 33.66 -5.40 -17.61
CA ARG C 56 32.36 -4.81 -17.28
C ARG C 56 31.30 -5.28 -18.26
N TYR C 57 31.61 -5.29 -19.53
CA TYR C 57 30.61 -5.81 -20.47
C TYR C 57 30.36 -7.27 -20.12
N PHE C 58 31.39 -7.99 -19.70
CA PHE C 58 31.17 -9.45 -19.51
C PHE C 58 30.35 -9.67 -18.24
N SER C 59 30.28 -8.65 -17.40
CA SER C 59 29.37 -8.76 -16.24
C SER C 59 27.94 -8.81 -16.76
N TYR C 60 27.73 -8.89 -18.08
CA TYR C 60 26.35 -8.82 -18.56
C TYR C 60 25.50 -8.04 -17.57
N PRO C 61 25.74 -6.74 -17.42
CA PRO C 61 24.99 -5.94 -16.46
C PRO C 61 23.54 -5.73 -16.90
N LYS C 62 22.77 -5.09 -16.02
CA LYS C 62 21.34 -4.94 -16.18
C LYS C 62 20.94 -3.49 -15.91
N LYS C 63 19.88 -3.04 -16.59
CA LYS C 63 19.36 -1.70 -16.45
C LYS C 63 17.84 -1.77 -16.35
N VAL C 64 17.25 -0.77 -15.69
CA VAL C 64 15.81 -0.76 -15.42
C VAL C 64 15.26 0.64 -15.62
N THR C 65 14.02 0.71 -16.08
CA THR C 65 13.28 1.96 -16.22
C THR C 65 11.89 1.80 -15.63
N VAL C 66 11.33 2.91 -15.17
CA VAL C 66 10.02 2.93 -14.52
C VAL C 66 9.23 4.12 -15.06
N GLU C 67 7.96 3.91 -15.39
CA GLU C 67 7.15 4.97 -15.94
C GLU C 67 5.67 4.61 -15.82
N VAL C 68 4.83 5.63 -15.94
CA VAL C 68 3.38 5.45 -16.03
C VAL C 68 3.00 5.47 -17.51
N VAL C 69 2.14 4.54 -17.91
CA VAL C 69 1.75 4.42 -19.31
C VAL C 69 0.23 4.34 -19.41
N PRO C 70 -0.37 4.79 -20.52
CA PRO C 70 -1.84 4.79 -20.63
C PRO C 70 -2.44 3.47 -21.06
N THR C 71 -1.63 2.46 -21.36
CA THR C 71 -2.19 1.19 -21.85
C THR C 71 -2.99 0.51 -20.75
N PRO C 72 -4.25 0.15 -20.99
CA PRO C 72 -5.04 -0.51 -19.95
C PRO C 72 -4.72 -1.98 -19.84
N VAL C 73 -4.69 -2.47 -18.61
CA VAL C 73 -4.51 -3.90 -18.34
C VAL C 73 -5.88 -4.58 -18.42
N PRO C 74 -5.94 -5.87 -18.70
CA PRO C 74 -7.22 -6.58 -18.57
C PRO C 74 -7.69 -6.59 -17.12
N PHE C 75 -9.00 -6.52 -16.94
CA PHE C 75 -9.54 -6.48 -15.59
C PHE C 75 -9.18 -7.77 -14.85
N PRO C 76 -8.74 -7.69 -13.60
CA PRO C 76 -8.26 -8.89 -12.91
C PRO C 76 -9.35 -9.90 -12.66
N SER C 77 -8.93 -11.15 -12.54
CA SER C 77 -9.81 -12.22 -12.08
C SER C 77 -9.95 -12.15 -10.57
N ILE C 78 -11.18 -12.22 -10.08
CA ILE C 78 -11.48 -12.10 -8.66
C ILE C 78 -12.00 -13.44 -8.17
N SER C 79 -11.30 -14.03 -7.21
CA SER C 79 -11.67 -15.30 -6.61
C SER C 79 -12.22 -15.04 -5.21
N ILE C 80 -13.43 -15.54 -4.95
CA ILE C 80 -14.11 -15.34 -3.68
C ILE C 80 -14.30 -16.69 -3.03
N CYS C 81 -13.89 -16.80 -1.77
CA CYS C 81 -14.06 -18.01 -0.97
C CYS C 81 -14.75 -17.64 0.32
N ASN C 82 -15.80 -18.39 0.66
CA ASN C 82 -16.42 -18.26 1.96
C ASN C 82 -15.56 -18.98 3.00
N MET C 83 -15.15 -18.25 4.04
CA MET C 83 -14.28 -18.84 5.05
C MET C 83 -14.94 -20.01 5.76
N ARG C 84 -16.27 -20.12 5.68
CA ARG C 84 -16.97 -21.31 6.13
C ARG C 84 -17.06 -22.28 4.96
N ASN C 85 -16.67 -23.53 5.20
CA ASN C 85 -16.49 -24.47 4.10
C ASN C 85 -17.79 -25.16 3.71
N LEU C 86 -18.61 -25.55 4.69
CA LEU C 86 -19.82 -26.32 4.43
C LEU C 86 -21.05 -25.44 4.48
N ASP C 87 -22.12 -25.92 3.86
CA ASP C 87 -23.38 -25.19 3.82
C ASP C 87 -24.04 -25.18 5.19
N VAL C 88 -24.79 -24.11 5.44
CA VAL C 88 -25.38 -23.93 6.77
C VAL C 88 -26.39 -25.02 7.08
N HIS C 89 -27.23 -25.38 6.12
CA HIS C 89 -28.22 -26.43 6.36
C HIS C 89 -27.52 -27.76 6.65
N ILE C 90 -26.46 -28.07 5.91
CA ILE C 90 -25.71 -29.30 6.14
C ILE C 90 -25.12 -29.29 7.55
N LEU C 91 -24.55 -28.16 7.97
CA LEU C 91 -23.94 -28.09 9.29
C LEU C 91 -24.98 -28.25 10.38
N ASN C 92 -26.14 -27.60 10.23
CA ASN C 92 -27.20 -27.74 11.23
C ASN C 92 -27.72 -29.18 11.25
N THR C 93 -27.79 -29.82 10.09
CA THR C 93 -28.21 -31.22 10.05
C THR C 93 -27.23 -32.10 10.80
N LEU C 94 -25.92 -31.89 10.59
CA LEU C 94 -24.91 -32.66 11.31
C LEU C 94 -25.05 -32.44 12.82
N ASN C 95 -25.19 -31.18 13.23
CA ASN C 95 -25.30 -30.87 14.64
C ASN C 95 -26.52 -31.52 15.26
N ARG C 96 -27.66 -31.47 14.56
CA ARG C 96 -28.89 -32.02 15.12
C ARG C 96 -28.86 -33.55 15.13
N MET C 97 -28.20 -34.17 14.14
CA MET C 97 -28.03 -35.61 14.18
C MET C 97 -27.18 -36.03 15.37
N PHE C 98 -26.09 -35.30 15.62
CA PHE C 98 -25.27 -35.62 16.79
C PHE C 98 -25.99 -35.31 18.10
N ILE C 99 -26.92 -34.37 18.09
CA ILE C 99 -27.71 -34.11 19.30
C ILE C 99 -28.72 -35.22 19.53
N GLU C 100 -29.33 -35.73 18.45
CA GLU C 100 -30.28 -36.83 18.59
C GLU C 100 -29.57 -38.11 19.00
N ASP C 101 -28.41 -38.39 18.41
CA ASP C 101 -27.63 -39.57 18.76
C ASP C 101 -26.16 -39.24 18.50
N ASP C 102 -25.36 -39.22 19.57
CA ASP C 102 -23.97 -38.82 19.47
C ASP C 102 -23.07 -39.89 18.87
N ARG C 103 -23.58 -41.10 18.66
CA ARG C 103 -22.79 -42.16 18.03
C ARG C 103 -22.75 -42.15 16.51
N PRO C 104 -21.60 -41.77 15.92
CA PRO C 104 -21.55 -41.64 14.45
C PRO C 104 -21.87 -42.93 13.72
N PHE C 105 -21.52 -44.09 14.29
CA PHE C 105 -21.77 -45.36 13.61
C PHE C 105 -23.26 -45.54 13.33
N SER C 106 -24.11 -45.15 14.28
CA SER C 106 -25.55 -45.31 14.12
C SER C 106 -26.12 -44.39 13.04
N ASN C 107 -25.43 -43.31 12.73
CA ASN C 107 -25.95 -42.27 11.84
C ASN C 107 -25.57 -42.47 10.38
N ILE C 108 -24.83 -43.54 10.05
CA ILE C 108 -24.40 -43.73 8.67
C ILE C 108 -25.60 -43.96 7.76
N ASN C 109 -26.68 -44.55 8.29
CA ASN C 109 -27.85 -44.90 7.51
C ASN C 109 -29.04 -43.97 7.76
N LYS C 110 -28.82 -42.84 8.43
CA LYS C 110 -29.90 -41.92 8.78
C LYS C 110 -30.03 -40.77 7.79
N SER C 111 -29.28 -40.80 6.70
CA SER C 111 -29.36 -39.74 5.70
C SER C 111 -29.07 -40.32 4.32
N GLU C 112 -29.76 -39.80 3.31
CA GLU C 112 -29.51 -40.14 1.92
C GLU C 112 -28.46 -39.24 1.29
N HIS C 113 -28.06 -38.16 1.96
CA HIS C 113 -27.05 -37.27 1.42
C HIS C 113 -25.70 -37.97 1.39
N GLU C 114 -25.07 -37.98 0.21
CA GLU C 114 -23.83 -38.73 0.04
C GLU C 114 -22.75 -38.23 0.98
N PHE C 115 -22.57 -36.91 1.04
CA PHE C 115 -21.52 -36.36 1.88
C PHE C 115 -21.73 -36.72 3.33
N ILE C 116 -22.97 -36.72 3.79
CA ILE C 116 -23.24 -37.06 5.20
C ILE C 116 -22.87 -38.51 5.47
N ARG C 117 -23.22 -39.42 4.56
CA ARG C 117 -22.87 -40.82 4.75
C ARG C 117 -21.36 -40.99 4.80
N ALA C 118 -20.64 -40.37 3.87
CA ALA C 118 -19.18 -40.47 3.87
C ALA C 118 -18.58 -39.88 5.13
N TYR C 119 -19.11 -38.73 5.56
CA TYR C 119 -18.60 -38.04 6.74
C TYR C 119 -18.79 -38.89 7.99
N MET C 120 -19.97 -39.48 8.15
CA MET C 120 -20.23 -40.33 9.30
C MET C 120 -19.37 -41.59 9.25
N LYS C 121 -19.21 -42.18 8.06
CA LYS C 121 -18.36 -43.36 7.94
C LYS C 121 -16.93 -43.04 8.37
N LYS C 122 -16.41 -41.90 7.91
CA LYS C 122 -15.04 -41.53 8.26
C LYS C 122 -14.91 -41.24 9.75
N VAL C 123 -15.87 -40.52 10.32
CA VAL C 123 -15.76 -40.15 11.73
C VAL C 123 -15.92 -41.38 12.62
N ALA C 124 -16.71 -42.37 12.20
CA ALA C 124 -16.94 -43.54 13.03
C ALA C 124 -15.64 -44.29 13.30
N LYS C 125 -14.69 -44.23 12.38
CA LYS C 125 -13.41 -44.92 12.57
C LYS C 125 -12.60 -44.33 13.72
N TYR C 126 -12.97 -43.17 14.23
CA TYR C 126 -12.23 -42.49 15.28
C TYR C 126 -13.02 -42.30 16.56
N ALA C 127 -14.31 -42.67 16.57
CA ALA C 127 -15.14 -42.37 17.74
C ALA C 127 -14.68 -43.09 18.99
N PRO C 128 -14.42 -44.40 18.98
CA PRO C 128 -13.95 -45.05 20.22
C PRO C 128 -12.65 -44.48 20.73
N LEU C 129 -11.70 -44.22 19.84
CA LEU C 129 -10.44 -43.61 20.24
C LEU C 129 -10.68 -42.25 20.88
N PHE C 130 -11.57 -41.46 20.29
CA PHE C 130 -11.88 -40.14 20.85
C PHE C 130 -12.51 -40.27 22.23
N TRP C 131 -13.43 -41.21 22.39
CA TRP C 131 -14.10 -41.39 23.67
C TRP C 131 -13.11 -41.85 24.75
N ASN C 132 -12.11 -42.63 24.38
CA ASN C 132 -11.23 -43.23 25.38
C ASN C 132 -9.97 -42.41 25.67
N TYR C 133 -9.48 -41.63 24.70
CA TYR C 133 -8.14 -41.03 24.83
C TYR C 133 -8.12 -39.52 24.65
N GLN C 134 -9.27 -38.86 24.60
CA GLN C 134 -9.25 -37.42 24.32
C GLN C 134 -8.61 -36.63 25.46
N ASP C 135 -8.73 -37.12 26.69
CA ASP C 135 -8.07 -36.43 27.81
C ASP C 135 -6.56 -36.62 27.79
N GLU C 136 -6.07 -37.68 27.17
CA GLU C 136 -4.63 -37.94 27.11
C GLU C 136 -3.96 -37.34 25.90
N TYR C 137 -4.67 -37.23 24.77
CA TYR C 137 -4.09 -36.75 23.51
C TYR C 137 -5.08 -35.80 22.82
N PRO C 138 -5.48 -34.73 23.50
CA PRO C 138 -6.40 -33.77 22.83
C PRO C 138 -5.81 -33.16 21.58
N GLU C 139 -4.52 -32.82 21.60
CA GLU C 139 -3.88 -32.20 20.46
C GLU C 139 -3.84 -33.12 19.25
N VAL C 140 -3.92 -34.43 19.46
CA VAL C 140 -3.94 -35.37 18.35
C VAL C 140 -5.29 -35.34 17.65
N PHE C 141 -6.36 -35.53 18.42
CA PHE C 141 -7.69 -35.57 17.83
C PHE C 141 -8.08 -34.22 17.23
N GLN C 142 -7.63 -33.12 17.83
CA GLN C 142 -7.92 -31.81 17.24
C GLN C 142 -7.28 -31.67 15.86
N GLU C 143 -6.17 -32.38 15.63
CA GLU C 143 -5.52 -32.32 14.32
C GLU C 143 -6.15 -33.31 13.34
N ILE C 144 -6.50 -34.50 13.81
CA ILE C 144 -7.11 -35.50 12.95
C ILE C 144 -8.43 -34.98 12.38
N PHE C 145 -9.20 -34.27 13.20
CA PHE C 145 -10.54 -33.84 12.85
C PHE C 145 -10.57 -32.50 12.13
N SER C 146 -9.49 -32.13 11.45
CA SER C 146 -9.42 -30.86 10.75
C SER C 146 -10.00 -30.96 9.34
N ARG C 147 -10.23 -29.79 8.73
CA ARG C 147 -10.79 -29.75 7.39
C ARG C 147 -9.96 -30.54 6.40
N THR C 148 -8.64 -30.32 6.42
CA THR C 148 -7.78 -30.89 5.39
C THR C 148 -7.81 -32.41 5.40
N THR C 149 -8.00 -33.02 6.57
CA THR C 149 -8.15 -34.46 6.62
C THR C 149 -9.33 -34.92 5.76
N PHE C 150 -10.47 -34.24 5.89
CA PHE C 150 -11.66 -34.62 5.14
C PHE C 150 -11.50 -34.30 3.65
N SER C 151 -10.87 -33.18 3.31
CA SER C 151 -10.62 -32.91 1.90
C SER C 151 -9.62 -33.90 1.32
N ALA C 152 -8.80 -34.52 2.16
CA ALA C 152 -7.84 -35.51 1.71
C ALA C 152 -8.41 -36.93 1.63
N ASN C 153 -9.53 -37.20 2.31
CA ASN C 153 -10.07 -38.55 2.35
C ASN C 153 -11.44 -38.73 1.69
N ILE C 154 -12.16 -37.66 1.38
CA ILE C 154 -13.46 -37.76 0.72
C ILE C 154 -13.34 -37.18 -0.68
N ASP C 155 -14.04 -37.80 -1.62
CA ASP C 155 -14.00 -37.38 -3.01
C ASP C 155 -14.43 -35.91 -3.13
N PRO C 156 -13.65 -35.05 -3.78
CA PRO C 156 -14.07 -33.65 -3.92
C PRO C 156 -15.43 -33.50 -4.58
N GLU C 157 -15.76 -34.39 -5.52
CA GLU C 157 -17.07 -34.35 -6.16
C GLU C 157 -18.19 -34.66 -5.19
N VAL C 158 -17.90 -35.32 -4.07
CA VAL C 158 -18.89 -35.56 -3.04
C VAL C 158 -18.96 -34.38 -2.07
N ILE C 159 -17.81 -33.81 -1.73
CA ILE C 159 -17.79 -32.62 -0.87
C ILE C 159 -18.51 -31.46 -1.54
N ALA C 160 -18.36 -31.34 -2.87
CA ALA C 160 -18.95 -30.22 -3.58
C ALA C 160 -20.46 -30.15 -3.43
N LEU C 161 -21.11 -31.27 -3.14
CA LEU C 161 -22.55 -31.27 -2.92
C LEU C 161 -22.94 -30.69 -1.57
N ALA C 162 -22.01 -30.65 -0.61
CA ALA C 162 -22.27 -30.11 0.72
C ALA C 162 -21.56 -28.80 0.98
N ALA C 163 -20.59 -28.42 0.15
CA ALA C 163 -19.91 -27.15 0.33
C ALA C 163 -20.83 -25.99 -0.10
N VAL C 164 -20.35 -24.77 0.15
CA VAL C 164 -21.14 -23.59 -0.16
C VAL C 164 -21.40 -23.55 -1.66
N GLN C 165 -22.65 -23.29 -2.03
CA GLN C 165 -23.06 -23.24 -3.42
C GLN C 165 -23.07 -21.80 -3.92
N LEU C 166 -22.88 -21.66 -5.23
CA LEU C 166 -22.81 -20.33 -5.83
C LEU C 166 -24.13 -19.57 -5.65
N GLU C 167 -25.25 -20.24 -5.91
CA GLU C 167 -26.55 -19.57 -5.80
C GLU C 167 -26.89 -19.19 -4.37
N GLY C 168 -26.25 -19.81 -3.38
CA GLY C 168 -26.42 -19.47 -1.99
C GLY C 168 -25.31 -18.61 -1.42
N PHE C 169 -24.38 -18.14 -2.25
CA PHE C 169 -23.23 -17.36 -1.82
C PHE C 169 -23.22 -15.97 -2.43
N VAL C 170 -23.43 -15.86 -3.74
CA VAL C 170 -23.44 -14.58 -4.43
C VAL C 170 -24.89 -14.13 -4.53
N VAL C 171 -25.27 -13.15 -3.71
CA VAL C 171 -26.62 -12.63 -3.77
C VAL C 171 -26.83 -11.83 -5.04
N ASN C 172 -25.89 -10.93 -5.35
CA ASN C 172 -25.99 -10.08 -6.53
C ASN C 172 -24.58 -9.79 -7.03
N CYS C 173 -24.49 -9.50 -8.33
CA CYS C 173 -23.21 -9.23 -8.96
C CYS C 173 -23.41 -8.24 -10.08
N HIS C 174 -22.46 -7.32 -10.24
CA HIS C 174 -22.51 -6.31 -11.29
C HIS C 174 -21.11 -6.02 -11.79
N TYR C 175 -20.99 -5.86 -13.11
CA TYR C 175 -19.73 -5.48 -13.74
C TYR C 175 -20.02 -4.59 -14.93
N ALA C 176 -19.32 -3.45 -14.99
CA ALA C 176 -19.40 -2.55 -16.13
C ALA C 176 -20.84 -2.19 -16.47
N GLY C 177 -21.59 -1.79 -15.44
CA GLY C 177 -22.93 -1.31 -15.64
C GLY C 177 -23.93 -2.35 -16.09
N HIS C 178 -23.65 -3.63 -15.87
CA HIS C 178 -24.56 -4.69 -16.26
C HIS C 178 -24.57 -5.78 -15.20
N ARG C 179 -25.68 -6.53 -15.17
CA ARG C 179 -25.82 -7.62 -14.23
C ARG C 179 -25.07 -8.85 -14.71
N CYS C 180 -24.41 -9.54 -13.77
CA CYS C 180 -23.63 -10.71 -14.11
C CYS C 180 -24.54 -11.90 -14.43
N ASN C 181 -24.03 -12.78 -15.30
CA ASN C 181 -24.70 -14.07 -15.57
C ASN C 181 -23.85 -15.02 -14.76
N LYS C 182 -24.35 -15.47 -13.62
CA LYS C 182 -23.51 -16.22 -12.69
C LYS C 182 -23.06 -17.55 -13.26
N THR C 183 -23.95 -18.21 -13.99
CA THR C 183 -23.60 -19.49 -14.64
C THR C 183 -22.44 -19.34 -15.61
N ARG C 184 -22.33 -18.20 -16.31
CA ARG C 184 -21.27 -18.06 -17.34
C ARG C 184 -20.04 -17.32 -16.81
N ASP C 185 -20.18 -16.54 -15.74
CA ASP C 185 -19.05 -15.72 -15.34
C ASP C 185 -18.28 -16.28 -14.15
N PHE C 186 -18.90 -17.11 -13.32
CA PHE C 186 -18.25 -17.69 -12.15
C PHE C 186 -17.84 -19.12 -12.45
N TYR C 187 -16.60 -19.45 -12.09
CA TYR C 187 -16.03 -20.78 -12.32
C TYR C 187 -15.61 -21.37 -10.98
N ARG C 188 -16.15 -22.55 -10.68
CA ARG C 188 -15.91 -23.18 -9.38
C ARG C 188 -14.59 -23.95 -9.39
N PHE C 189 -13.88 -23.89 -8.27
CA PHE C 189 -12.70 -24.71 -8.07
C PHE C 189 -12.61 -25.11 -6.61
N PHE C 190 -11.91 -26.22 -6.37
CA PHE C 190 -11.86 -26.85 -5.06
C PHE C 190 -10.54 -26.53 -4.38
N ASP C 191 -10.62 -26.18 -3.09
CA ASP C 191 -9.45 -25.94 -2.28
C ASP C 191 -9.52 -26.79 -1.01
N PRO C 192 -8.40 -27.36 -0.56
CA PRO C 192 -8.47 -28.26 0.61
C PRO C 192 -9.04 -27.60 1.86
N TYR C 193 -8.87 -26.28 2.01
CA TYR C 193 -9.35 -25.56 3.22
C TYR C 193 -10.66 -24.86 2.88
N TYR C 194 -10.67 -24.04 1.85
CA TYR C 194 -11.90 -23.41 1.38
C TYR C 194 -12.52 -24.34 0.36
N PHE C 195 -13.28 -25.32 0.85
CA PHE C 195 -13.76 -26.42 0.03
C PHE C 195 -14.22 -25.96 -1.36
N ASN C 196 -15.17 -25.03 -1.40
CA ASN C 196 -15.65 -24.46 -2.65
C ASN C 196 -15.17 -23.02 -2.79
N CYS C 197 -14.60 -22.70 -3.93
CA CYS C 197 -14.20 -21.34 -4.26
C CYS C 197 -14.64 -21.04 -5.68
N PHE C 198 -14.88 -19.76 -5.96
CA PHE C 198 -15.40 -19.32 -7.25
C PHE C 198 -14.57 -18.18 -7.79
N THR C 199 -14.25 -18.25 -9.08
CA THR C 199 -13.46 -17.25 -9.77
C THR C 199 -14.35 -16.51 -10.75
N TYR C 200 -14.37 -15.18 -10.64
CA TYR C 200 -15.10 -14.34 -11.59
C TYR C 200 -14.17 -13.98 -12.73
N LYS C 201 -14.59 -14.29 -13.95
CA LYS C 201 -13.86 -13.92 -15.17
C LYS C 201 -14.69 -12.88 -15.91
N ALA C 202 -14.10 -11.72 -16.14
CA ALA C 202 -14.86 -10.58 -16.62
C ALA C 202 -15.46 -10.85 -18.00
N HIS C 203 -16.64 -10.28 -18.22
CA HIS C 203 -17.35 -10.38 -19.49
C HIS C 203 -17.81 -8.99 -19.88
N GLU C 204 -17.17 -8.41 -20.89
CA GLU C 204 -17.42 -7.02 -21.24
C GLU C 204 -18.80 -6.86 -21.85
N PRO C 205 -19.35 -5.64 -21.82
CA PRO C 205 -20.68 -5.42 -22.37
C PRO C 205 -20.78 -5.82 -23.84
N THR C 206 -21.92 -6.40 -24.20
CA THR C 206 -22.15 -6.84 -25.57
C THR C 206 -22.63 -5.68 -26.43
N LEU C 212 -30.81 -4.34 -19.46
CA LEU C 212 -30.30 -4.94 -18.23
C LEU C 212 -29.13 -4.12 -17.68
N SER C 213 -29.26 -2.80 -17.74
CA SER C 213 -28.21 -1.90 -17.31
C SER C 213 -28.45 -1.48 -15.85
N GLU C 214 -27.46 -1.74 -15.00
CA GLU C 214 -27.54 -1.39 -13.59
C GLU C 214 -26.21 -1.71 -12.95
N GLY C 215 -25.95 -1.11 -11.80
CA GLY C 215 -24.80 -1.44 -11.00
C GLY C 215 -23.62 -0.52 -11.24
N ILE C 216 -22.49 -0.92 -10.64
CA ILE C 216 -21.27 -0.12 -10.73
C ILE C 216 -20.87 0.03 -12.19
N GLU C 217 -20.59 1.27 -12.59
CA GLU C 217 -20.24 1.55 -13.97
C GLU C 217 -18.77 1.30 -14.28
N ASN C 218 -17.90 1.41 -13.27
CA ASN C 218 -16.46 1.44 -13.48
C ASN C 218 -15.74 0.29 -12.77
N GLY C 219 -16.44 -0.80 -12.47
CA GLY C 219 -15.78 -1.89 -11.79
C GLY C 219 -16.68 -3.08 -11.48
N TRP C 220 -16.35 -3.80 -10.42
CA TRP C 220 -17.02 -5.03 -10.04
C TRP C 220 -17.54 -4.90 -8.62
N SER C 221 -18.81 -5.23 -8.41
CA SER C 221 -19.45 -5.13 -7.11
C SER C 221 -20.41 -6.30 -6.93
N SER C 222 -20.40 -6.88 -5.73
CA SER C 222 -21.26 -8.01 -5.43
C SER C 222 -21.62 -8.01 -3.95
N ILE C 223 -22.75 -8.61 -3.63
CA ILE C 223 -23.21 -8.81 -2.26
C ILE C 223 -23.16 -10.29 -1.96
N LEU C 224 -22.46 -10.64 -0.88
CA LEU C 224 -22.15 -12.03 -0.55
C LEU C 224 -22.70 -12.38 0.82
N LEU C 225 -23.28 -13.57 0.93
CA LEU C 225 -23.68 -14.11 2.22
C LEU C 225 -22.48 -14.83 2.82
N SER C 226 -21.96 -14.29 3.93
CA SER C 226 -20.72 -14.79 4.51
C SER C 226 -20.80 -15.05 6.01
N GLY C 227 -21.81 -14.56 6.71
CA GLY C 227 -21.89 -14.76 8.14
C GLY C 227 -22.37 -16.15 8.51
N SER C 228 -22.29 -16.44 9.80
CA SER C 228 -22.66 -17.74 10.35
C SER C 228 -23.75 -17.61 11.41
N GLY C 229 -24.54 -16.53 11.37
CA GLY C 229 -25.50 -16.27 12.41
C GLY C 229 -26.64 -17.26 12.49
N MET C 230 -26.94 -17.95 11.39
CA MET C 230 -28.07 -18.86 11.34
C MET C 230 -27.71 -20.28 11.79
N LEU C 231 -26.47 -20.52 12.19
CA LEU C 231 -26.10 -21.81 12.76
C LEU C 231 -26.64 -21.94 14.18
N ASP C 232 -26.87 -23.18 14.60
CA ASP C 232 -27.35 -23.42 15.96
C ASP C 232 -26.30 -23.00 16.97
N LYS C 233 -26.78 -22.57 18.13
CA LYS C 233 -25.92 -22.13 19.23
C LYS C 233 -26.12 -23.11 20.39
N ASN C 234 -25.21 -24.08 20.50
CA ASN C 234 -25.38 -25.16 21.44
C ASN C 234 -25.13 -24.69 22.87
N ASP C 235 -25.77 -25.37 23.82
CA ASP C 235 -25.56 -25.07 25.23
C ASP C 235 -24.21 -25.56 25.73
N GLU C 236 -23.61 -26.53 25.05
CA GLU C 236 -22.33 -27.12 25.44
C GLU C 236 -21.43 -27.22 24.23
N ILE C 237 -20.12 -27.24 24.49
CA ILE C 237 -19.15 -27.47 23.44
C ILE C 237 -19.29 -28.90 22.94
N ARG C 238 -19.46 -29.06 21.64
CA ARG C 238 -19.59 -30.36 21.01
C ARG C 238 -18.59 -30.47 19.86
N MET C 239 -18.06 -31.66 19.66
CA MET C 239 -17.05 -31.88 18.63
C MET C 239 -17.72 -32.09 17.29
N LEU C 240 -17.39 -31.24 16.32
CA LEU C 240 -17.91 -31.34 14.96
C LEU C 240 -16.71 -31.39 14.01
N PRO C 241 -16.24 -32.59 13.67
CA PRO C 241 -15.05 -32.69 12.81
C PRO C 241 -15.27 -32.09 11.44
N GLY C 242 -14.16 -31.66 10.83
CA GLY C 242 -14.17 -31.17 9.47
C GLY C 242 -14.52 -29.71 9.32
N LEU C 243 -14.92 -29.04 10.39
CA LEU C 243 -15.21 -27.61 10.35
C LEU C 243 -14.00 -26.77 10.73
N HIS C 244 -13.28 -27.18 11.77
CA HIS C 244 -12.19 -26.43 12.34
C HIS C 244 -10.86 -26.87 11.74
N GLU C 245 -9.84 -26.03 11.95
CA GLU C 245 -8.46 -26.34 11.53
C GLU C 245 -7.57 -25.89 12.68
N TRP C 246 -7.12 -26.87 13.47
CA TRP C 246 -6.47 -26.57 14.74
C TRP C 246 -5.15 -25.85 14.53
N ARG C 247 -4.96 -24.77 15.28
CA ARG C 247 -3.70 -24.01 15.28
C ARG C 247 -3.28 -23.63 13.86
N SER C 248 -4.11 -22.79 13.24
CA SER C 248 -3.84 -22.28 11.91
C SER C 248 -4.21 -20.81 11.86
N ALA C 249 -3.57 -20.09 10.93
CA ALA C 249 -3.74 -18.64 10.85
C ALA C 249 -5.15 -18.24 10.43
N VAL C 250 -5.80 -19.08 9.64
CA VAL C 250 -7.12 -18.72 9.06
C VAL C 250 -8.19 -19.54 9.75
N SER C 251 -8.03 -19.80 11.04
CA SER C 251 -8.97 -20.67 11.77
C SER C 251 -10.06 -19.87 12.45
N ALA C 252 -11.27 -20.40 12.50
CA ALA C 252 -12.38 -19.78 13.25
C ALA C 252 -12.86 -18.51 12.55
N SER C 253 -12.16 -18.01 11.56
CA SER C 253 -12.51 -16.70 10.94
C SER C 253 -13.88 -16.71 10.26
N GLU C 254 -14.57 -15.58 10.23
CA GLU C 254 -15.85 -15.42 9.51
C GLU C 254 -15.69 -14.28 8.51
N GLY C 255 -16.13 -14.47 7.29
CA GLY C 255 -16.03 -13.45 6.26
C GLY C 255 -15.79 -14.08 4.91
N VAL C 256 -15.22 -13.27 4.02
CA VAL C 256 -14.90 -13.68 2.66
C VAL C 256 -13.41 -13.50 2.43
N ARG C 257 -12.80 -14.47 1.76
CA ARG C 257 -11.41 -14.39 1.34
C ARG C 257 -11.38 -14.02 -0.14
N VAL C 258 -10.74 -12.89 -0.45
CA VAL C 258 -10.72 -12.34 -1.81
C VAL C 258 -9.29 -12.40 -2.32
N VAL C 259 -9.13 -12.98 -3.51
CA VAL C 259 -7.85 -13.02 -4.20
C VAL C 259 -8.01 -12.29 -5.52
N ILE C 260 -7.22 -11.24 -5.72
CA ILE C 260 -7.18 -10.49 -6.97
C ILE C 260 -5.90 -10.87 -7.69
N HIS C 261 -6.04 -11.50 -8.86
CA HIS C 261 -4.90 -12.06 -9.56
C HIS C 261 -5.11 -11.91 -11.05
N PRO C 262 -4.05 -12.00 -11.84
CA PRO C 262 -4.20 -11.86 -13.29
C PRO C 262 -5.05 -12.97 -13.85
N PRO C 263 -5.71 -12.74 -14.98
CA PRO C 263 -6.53 -13.80 -15.59
C PRO C 263 -5.67 -14.96 -16.05
N SER C 264 -6.28 -16.15 -16.05
CA SER C 264 -5.61 -17.38 -16.47
C SER C 264 -4.46 -17.73 -15.54
N THR C 265 -4.70 -17.62 -14.24
CA THR C 265 -3.73 -18.00 -13.22
C THR C 265 -4.45 -18.71 -12.09
N THR C 266 -3.79 -19.70 -11.52
CA THR C 266 -4.38 -20.44 -10.41
C THR C 266 -4.25 -19.65 -9.11
N PRO C 267 -5.34 -19.41 -8.39
CA PRO C 267 -5.23 -18.72 -7.10
C PRO C 267 -4.83 -19.67 -5.99
N TYR C 268 -4.34 -19.07 -4.90
CA TYR C 268 -3.92 -19.83 -3.71
C TYR C 268 -4.43 -19.10 -2.48
N PRO C 269 -5.74 -19.21 -2.20
CA PRO C 269 -6.33 -18.38 -1.14
C PRO C 269 -5.73 -18.60 0.23
N PHE C 270 -5.09 -19.74 0.48
CA PHE C 270 -4.57 -20.04 1.81
C PHE C 270 -3.32 -19.23 2.15
N THR C 271 -2.64 -18.66 1.16
CA THR C 271 -1.44 -17.87 1.42
C THR C 271 -1.42 -16.56 0.66
N GLU C 272 -2.49 -16.20 -0.04
CA GLU C 272 -2.61 -14.89 -0.65
C GLU C 272 -4.07 -14.45 -0.59
N GLY C 273 -4.28 -13.16 -0.75
CA GLY C 273 -5.61 -12.59 -0.80
C GLY C 273 -5.88 -11.67 0.38
N TYR C 274 -7.10 -11.13 0.37
CA TYR C 274 -7.56 -10.19 1.37
C TYR C 274 -8.85 -10.70 2.02
N ASP C 275 -9.10 -10.23 3.23
CA ASP C 275 -10.21 -10.70 4.04
C ASP C 275 -11.22 -9.58 4.25
N VAL C 276 -12.50 -9.94 4.27
CA VAL C 276 -13.58 -9.00 4.49
C VAL C 276 -14.53 -9.58 5.54
N PRO C 277 -14.83 -8.86 6.62
CA PRO C 277 -15.73 -9.41 7.64
C PRO C 277 -17.18 -9.26 7.23
N PRO C 278 -18.08 -10.10 7.77
CA PRO C 278 -19.50 -9.90 7.51
C PRO C 278 -20.01 -8.61 8.15
N GLY C 279 -20.99 -8.01 7.51
CA GLY C 279 -21.55 -6.75 7.97
C GLY C 279 -20.82 -5.51 7.48
N PHE C 280 -19.77 -5.67 6.68
CA PHE C 280 -18.98 -4.56 6.20
C PHE C 280 -18.95 -4.54 4.68
N SER C 281 -18.73 -3.35 4.12
CA SER C 281 -18.54 -3.16 2.69
C SER C 281 -17.08 -2.82 2.45
N ALA C 282 -16.43 -3.61 1.60
CA ALA C 282 -15.00 -3.49 1.35
C ALA C 282 -14.76 -2.88 -0.01
N SER C 283 -13.89 -1.88 -0.06
CA SER C 283 -13.50 -1.22 -1.31
C SER C 283 -12.04 -1.57 -1.61
N PHE C 284 -11.81 -2.16 -2.77
CA PHE C 284 -10.47 -2.54 -3.20
C PHE C 284 -10.05 -1.63 -4.35
N GLY C 285 -9.19 -0.66 -4.04
CA GLY C 285 -8.64 0.21 -5.07
C GLY C 285 -7.44 -0.43 -5.74
N ILE C 286 -7.63 -0.87 -6.98
CA ILE C 286 -6.60 -1.61 -7.71
C ILE C 286 -5.69 -0.63 -8.42
N HIS C 287 -4.40 -0.71 -8.13
CA HIS C 287 -3.37 0.06 -8.81
C HIS C 287 -2.52 -0.88 -9.63
N PRO C 288 -2.76 -1.01 -10.94
CA PRO C 288 -2.07 -2.03 -11.71
C PRO C 288 -0.59 -1.74 -11.90
N ARG C 289 0.21 -2.79 -11.88
CA ARG C 289 1.65 -2.71 -12.08
C ARG C 289 2.08 -3.81 -13.05
N ARG C 290 3.04 -3.50 -13.91
CA ARG C 290 3.56 -4.46 -14.88
C ARG C 290 5.07 -4.46 -14.84
N ASN C 291 5.66 -5.65 -14.90
CA ASN C 291 7.10 -5.82 -14.86
C ASN C 291 7.55 -6.69 -16.04
N ILE C 292 8.59 -6.25 -16.73
CA ILE C 292 9.18 -6.97 -17.85
C ILE C 292 10.63 -7.26 -17.52
N ARG C 293 11.07 -8.49 -17.78
CA ARG C 293 12.37 -8.96 -17.34
C ARG C 293 13.10 -9.64 -18.50
N ILE C 294 14.42 -9.73 -18.35
CA ILE C 294 15.31 -10.15 -19.43
C ILE C 294 15.88 -11.52 -19.10
N GLY C 295 16.42 -12.18 -20.13
CA GLY C 295 16.71 -13.60 -20.08
C GLY C 295 18.02 -13.99 -19.45
N PRO C 296 18.48 -15.20 -19.75
CA PRO C 296 19.52 -15.85 -18.93
C PRO C 296 20.80 -15.03 -18.83
N PRO C 297 21.40 -14.63 -19.95
CA PRO C 297 22.72 -13.95 -19.83
C PRO C 297 22.64 -12.66 -19.03
N HIS C 298 21.68 -11.79 -19.35
CA HIS C 298 21.56 -10.52 -18.65
C HIS C 298 20.77 -10.62 -17.36
N GLY C 299 20.18 -11.78 -17.07
CA GLY C 299 19.41 -11.93 -15.84
C GLY C 299 18.77 -13.30 -15.78
N ASN C 300 17.72 -13.40 -14.97
CA ASN C 300 16.97 -14.64 -14.82
C ASN C 300 15.49 -14.35 -14.92
N CYS C 301 14.81 -15.08 -15.81
CA CYS C 301 13.35 -15.05 -15.85
C CYS C 301 12.88 -16.27 -16.63
N SER C 302 11.64 -16.65 -16.39
CA SER C 302 11.04 -17.80 -17.06
C SER C 302 9.63 -17.44 -17.51
N ASP C 303 9.22 -18.04 -18.62
CA ASP C 303 7.85 -17.94 -19.12
C ASP C 303 7.08 -19.24 -18.96
N LYS C 304 7.66 -20.22 -18.28
CA LYS C 304 7.01 -21.51 -18.06
C LYS C 304 7.36 -22.02 -16.68
N ASN C 305 6.46 -22.83 -16.12
CA ASN C 305 6.70 -23.46 -14.83
C ASN C 305 7.54 -24.71 -15.02
N PRO C 306 8.71 -24.83 -14.38
CA PRO C 306 9.51 -26.05 -14.55
C PRO C 306 8.78 -27.32 -14.15
N PHE C 307 7.81 -27.23 -13.24
CA PHE C 307 7.08 -28.40 -12.75
C PHE C 307 5.75 -28.61 -13.45
N GLY C 308 5.26 -27.62 -14.21
CA GLY C 308 3.89 -27.63 -14.69
C GLY C 308 3.74 -28.15 -16.11
N ASP C 309 2.49 -28.17 -16.55
CA ASP C 309 2.14 -28.58 -17.90
C ASP C 309 2.09 -27.40 -18.87
N GLY C 310 2.19 -26.16 -18.37
CA GLY C 310 2.25 -25.00 -19.23
C GLY C 310 0.91 -24.45 -19.67
N THR C 311 -0.20 -24.95 -19.12
CA THR C 311 -1.51 -24.51 -19.57
C THR C 311 -1.88 -23.13 -19.05
N GLU C 312 -1.59 -22.85 -17.78
CA GLU C 312 -1.91 -21.57 -17.17
C GLU C 312 -0.70 -20.64 -17.20
N ARG C 313 -0.97 -19.35 -17.02
CA ARG C 313 0.10 -18.37 -16.97
C ARG C 313 0.99 -18.62 -15.76
N TYR C 314 2.26 -18.28 -15.91
CA TYR C 314 3.27 -18.61 -14.90
C TYR C 314 3.26 -17.57 -13.78
N ARG C 315 3.23 -18.05 -12.54
CA ARG C 315 3.46 -17.23 -11.36
C ARG C 315 4.50 -17.93 -10.50
N LEU C 316 5.40 -17.13 -9.91
CA LEU C 316 6.48 -17.69 -9.10
C LEU C 316 5.94 -18.55 -7.97
N MET C 317 4.75 -18.20 -7.46
CA MET C 317 4.15 -18.98 -6.37
C MET C 317 3.94 -20.44 -6.77
N ALA C 318 3.52 -20.67 -8.02
CA ALA C 318 3.29 -22.03 -8.47
C ALA C 318 4.57 -22.86 -8.39
N CYS C 319 5.66 -22.31 -8.92
CA CYS C 319 6.93 -23.02 -8.89
C CYS C 319 7.38 -23.29 -7.46
N GLN C 320 7.27 -22.28 -6.59
CA GLN C 320 7.72 -22.46 -5.22
C GLN C 320 6.89 -23.52 -4.50
N LYS C 321 5.58 -23.51 -4.70
CA LYS C 321 4.72 -24.47 -4.01
C LYS C 321 4.96 -25.89 -4.53
N MET C 322 5.12 -26.05 -5.84
CA MET C 322 5.41 -27.38 -6.36
C MET C 322 6.78 -27.86 -5.93
N CYS C 323 7.74 -26.94 -5.74
CA CYS C 323 9.03 -27.34 -5.20
C CYS C 323 8.90 -27.82 -3.76
N MET C 324 8.10 -27.12 -2.95
CA MET C 324 7.87 -27.58 -1.58
C MET C 324 7.22 -28.95 -1.59
N GLN C 325 6.27 -29.19 -2.51
CA GLN C 325 5.65 -30.51 -2.61
C GLN C 325 6.68 -31.56 -3.00
N HIS C 326 7.56 -31.24 -3.94
CA HIS C 326 8.62 -32.17 -4.33
C HIS C 326 9.44 -32.60 -3.12
N TYR C 327 9.87 -31.63 -2.32
CA TYR C 327 10.71 -31.97 -1.18
C TYR C 327 9.93 -32.72 -0.11
N ILE C 328 8.66 -32.37 0.09
CA ILE C 328 7.86 -33.10 1.07
C ILE C 328 7.71 -34.55 0.66
N VAL C 329 7.43 -34.79 -0.62
CA VAL C 329 7.30 -36.17 -1.10
C VAL C 329 8.62 -36.90 -0.95
N GLU C 330 9.73 -36.22 -1.26
CA GLU C 330 11.03 -36.86 -1.16
C GLU C 330 11.35 -37.27 0.27
N THR C 331 11.00 -36.42 1.25
CA THR C 331 11.40 -36.67 2.62
C THR C 331 10.41 -37.56 3.37
N CYS C 332 9.12 -37.21 3.36
CA CYS C 332 8.14 -37.93 4.16
C CYS C 332 7.47 -39.06 3.41
N GLY C 333 7.71 -39.21 2.10
CA GLY C 333 7.07 -40.28 1.35
C GLY C 333 5.60 -40.05 1.09
N CYS C 334 5.10 -38.84 1.28
CA CYS C 334 3.69 -38.53 1.07
C CYS C 334 3.58 -37.07 0.66
N ALA C 335 2.42 -36.71 0.11
CA ALA C 335 2.18 -35.38 -0.40
C ALA C 335 1.27 -34.60 0.56
N ASP C 336 1.54 -33.30 0.67
CA ASP C 336 0.70 -32.43 1.47
C ASP C 336 -0.54 -32.05 0.69
N VAL C 337 -1.72 -32.24 1.30
CA VAL C 337 -2.96 -31.91 0.61
C VAL C 337 -3.09 -30.41 0.38
N GLY C 338 -2.41 -29.59 1.17
CA GLY C 338 -2.48 -28.15 1.04
C GLY C 338 -1.60 -27.57 -0.04
N LEU C 339 -1.00 -28.39 -0.88
CA LEU C 339 -0.14 -27.95 -1.96
C LEU C 339 -0.54 -28.64 -3.26
N PRO C 340 -0.17 -28.08 -4.40
CA PRO C 340 -0.53 -28.70 -5.67
C PRO C 340 0.02 -30.12 -5.78
N LYS C 341 -0.76 -30.98 -6.43
CA LYS C 341 -0.32 -32.35 -6.68
C LYS C 341 0.60 -32.37 -7.90
N LEU C 342 1.79 -32.91 -7.73
CA LEU C 342 2.75 -32.92 -8.84
C LEU C 342 2.20 -33.74 -9.99
N PRO C 343 2.12 -33.19 -11.21
CA PRO C 343 1.48 -33.94 -12.29
C PRO C 343 2.12 -35.28 -12.59
N LEU C 344 3.42 -35.43 -12.34
CA LEU C 344 4.12 -36.67 -12.66
C LEU C 344 3.93 -37.75 -11.61
N GLN C 345 3.27 -37.45 -10.49
CA GLN C 345 3.24 -38.32 -9.33
C GLN C 345 1.82 -38.47 -8.79
N ALA C 346 0.88 -38.78 -9.68
CA ALA C 346 -0.51 -38.95 -9.26
C ALA C 346 -0.70 -40.16 -8.36
N ASN C 347 0.28 -41.07 -8.30
CA ASN C 347 0.17 -42.28 -7.50
C ASN C 347 0.50 -42.04 -6.03
N ILE C 348 1.04 -40.89 -5.68
CA ILE C 348 1.50 -40.64 -4.32
C ILE C 348 0.29 -40.33 -3.44
N SER C 349 0.25 -40.96 -2.27
CA SER C 349 -0.83 -40.74 -1.32
C SER C 349 -0.63 -39.44 -0.57
N TRP C 350 -1.74 -38.82 -0.18
CA TRP C 350 -1.68 -37.68 0.73
C TRP C 350 -1.15 -38.13 2.09
N CYS C 351 -0.52 -37.20 2.81
CA CYS C 351 0.00 -37.53 4.13
C CYS C 351 -1.13 -37.80 5.13
N ARG C 352 -2.30 -37.22 4.90
CA ARG C 352 -3.44 -37.35 5.81
C ARG C 352 -4.35 -38.52 5.48
N ASP C 353 -3.94 -39.40 4.56
CA ASP C 353 -4.78 -40.52 4.16
C ASP C 353 -4.98 -41.47 5.33
N ASP C 354 -6.18 -42.05 5.42
CA ASP C 354 -6.55 -42.93 6.52
C ASP C 354 -7.26 -44.19 6.04
N ASP C 355 -7.00 -44.61 4.80
CA ASP C 355 -7.55 -45.88 4.32
C ASP C 355 -6.93 -47.08 5.02
N ASN C 356 -5.84 -46.88 5.78
CA ASN C 356 -5.19 -47.98 6.46
C ASN C 356 -5.99 -48.48 7.67
N PHE C 357 -6.89 -47.64 8.17
CA PHE C 357 -7.59 -47.96 9.44
C PHE C 357 -8.52 -49.17 9.30
N PRO C 358 -8.39 -50.24 10.11
CA PRO C 358 -9.32 -51.36 10.06
C PRO C 358 -10.73 -50.96 10.46
N ASP C 359 -11.70 -51.81 10.09
CA ASP C 359 -13.07 -51.60 10.51
C ASP C 359 -13.22 -51.78 12.02
N GLU C 360 -12.37 -52.61 12.63
CA GLU C 360 -12.47 -52.85 14.07
C GLU C 360 -12.31 -51.57 14.88
N CYS C 361 -11.65 -50.54 14.32
CA CYS C 361 -11.52 -49.28 15.02
C CYS C 361 -12.86 -48.56 15.17
N MET C 362 -13.88 -48.97 14.44
CA MET C 362 -15.23 -48.44 14.64
C MET C 362 -15.92 -49.07 15.84
N PHE C 363 -15.35 -50.12 16.42
CA PHE C 363 -15.96 -50.83 17.54
C PHE C 363 -15.05 -50.94 18.76
N THR C 364 -13.75 -50.73 18.63
CA THR C 364 -12.82 -50.92 19.72
C THR C 364 -11.76 -49.82 19.70
N ALA C 365 -11.13 -49.63 20.86
CA ALA C 365 -10.06 -48.64 21.04
C ALA C 365 -8.72 -49.34 21.23
N SER C 366 -8.48 -50.39 20.46
CA SER C 366 -7.33 -51.25 20.66
C SER C 366 -6.03 -50.48 20.39
N GLU C 367 -4.92 -51.10 20.83
CA GLU C 367 -3.61 -50.48 20.65
C GLU C 367 -3.26 -50.31 19.17
N GLU C 368 -3.67 -51.24 18.31
CA GLU C 368 -3.36 -51.14 16.90
C GLU C 368 -3.98 -49.88 16.31
N CYS C 369 -5.25 -49.62 16.63
CA CYS C 369 -5.88 -48.39 16.18
C CYS C 369 -5.16 -47.17 16.73
N LEU C 370 -4.75 -47.22 18.00
CA LEU C 370 -4.03 -46.10 18.59
C LEU C 370 -2.70 -45.88 17.89
N GLN C 371 -1.97 -46.96 17.61
CA GLN C 371 -0.68 -46.82 16.93
C GLN C 371 -0.86 -46.25 15.53
N LEU C 372 -1.93 -46.67 14.83
CA LEU C 372 -2.21 -46.09 13.52
C LEU C 372 -2.51 -44.60 13.63
N LEU C 373 -3.30 -44.22 14.64
CA LEU C 373 -3.57 -42.81 14.89
C LEU C 373 -2.28 -42.02 15.06
N MET C 374 -1.37 -42.54 15.88
CA MET C 374 -0.13 -41.80 16.15
C MET C 374 0.77 -41.77 14.91
N GLN C 375 0.75 -42.83 14.10
CA GLN C 375 1.53 -42.81 12.86
C GLN C 375 1.01 -41.75 11.90
N LEU C 376 -0.31 -41.61 11.80
CA LEU C 376 -0.90 -40.55 11.00
C LEU C 376 -0.46 -39.17 11.52
N HIS C 377 -0.54 -39.00 12.84
CA HIS C 377 -0.08 -37.77 13.48
C HIS C 377 1.37 -37.48 13.13
N ASN C 378 2.21 -38.51 13.14
CA ASN C 378 3.63 -38.33 12.85
C ASN C 378 3.85 -37.96 11.38
N ARG C 379 3.07 -38.54 10.47
CA ARG C 379 3.15 -38.15 9.07
C ARG C 379 2.86 -36.66 8.91
N ILE C 380 1.79 -36.20 9.55
CA ILE C 380 1.45 -34.78 9.47
C ILE C 380 2.60 -33.92 10.02
N LYS C 381 3.17 -34.35 11.14
CA LYS C 381 4.27 -33.60 11.73
C LYS C 381 5.46 -33.52 10.78
N CYS C 382 5.81 -34.63 10.14
CA CYS C 382 6.89 -34.63 9.16
C CYS C 382 6.63 -33.60 8.06
N ALA C 383 5.43 -33.64 7.49
CA ALA C 383 5.12 -32.73 6.38
C ALA C 383 5.23 -31.27 6.83
N ARG C 384 4.67 -30.95 7.99
CA ARG C 384 4.70 -29.56 8.46
C ARG C 384 6.12 -29.11 8.74
N SER C 385 6.92 -29.98 9.35
CA SER C 385 8.32 -29.62 9.63
C SER C 385 9.05 -29.29 8.34
N ILE C 386 8.87 -30.11 7.31
CA ILE C 386 9.55 -29.84 6.05
C ILE C 386 9.04 -28.54 5.44
N LYS C 387 7.73 -28.30 5.49
CA LYS C 387 7.18 -27.07 4.96
C LYS C 387 7.85 -25.86 5.59
N SER C 388 7.98 -25.86 6.92
CA SER C 388 8.55 -24.71 7.59
C SER C 388 10.04 -24.58 7.34
N LYS C 389 10.76 -25.70 7.28
CA LYS C 389 12.21 -25.65 7.16
C LYS C 389 12.67 -25.27 5.76
N ILE C 390 12.03 -25.84 4.73
CA ILE C 390 12.64 -25.86 3.40
C ILE C 390 12.77 -24.45 2.82
N THR C 391 11.85 -23.55 3.15
CA THR C 391 11.92 -22.21 2.59
C THR C 391 13.19 -21.48 3.00
N LYS C 392 13.74 -21.81 4.18
CA LYS C 392 14.95 -21.18 4.67
C LYS C 392 16.21 -21.78 4.08
N ASN C 393 16.08 -22.82 3.25
CA ASN C 393 17.20 -23.58 2.72
C ASN C 393 17.44 -23.13 1.28
N THR C 394 18.33 -22.15 1.12
CA THR C 394 18.52 -21.53 -0.19
C THR C 394 19.03 -22.53 -1.22
N THR C 395 19.84 -23.50 -0.80
CA THR C 395 20.30 -24.53 -1.73
C THR C 395 19.12 -25.28 -2.34
N ALA C 396 18.21 -25.76 -1.49
CA ALA C 396 17.07 -26.52 -1.97
C ALA C 396 16.20 -25.67 -2.90
N MET C 397 15.97 -24.41 -2.54
CA MET C 397 15.11 -23.56 -3.36
C MET C 397 15.77 -23.23 -4.70
N GLU C 398 17.09 -23.00 -4.69
CA GLU C 398 17.78 -22.73 -5.94
C GLU C 398 17.79 -23.96 -6.84
N ALA C 399 17.80 -25.16 -6.26
CA ALA C 399 17.77 -26.37 -7.08
C ALA C 399 16.48 -26.51 -7.88
N CYS C 400 15.43 -25.75 -7.55
CA CYS C 400 14.16 -25.89 -8.23
C CYS C 400 13.98 -24.92 -9.40
N ASN C 401 14.95 -24.03 -9.64
CA ASN C 401 14.96 -23.19 -10.84
C ASN C 401 13.70 -22.33 -10.94
N CYS C 402 13.27 -21.77 -9.82
CA CYS C 402 12.09 -20.91 -9.78
C CYS C 402 12.52 -19.47 -10.02
N PHE C 403 12.65 -19.10 -11.29
CA PHE C 403 12.97 -17.74 -11.68
C PHE C 403 11.71 -16.91 -11.84
N PRO C 404 11.80 -15.59 -11.69
CA PRO C 404 10.60 -14.75 -11.76
C PRO C 404 10.01 -14.74 -13.16
N PRO C 405 8.72 -14.45 -13.31
CA PRO C 405 8.13 -14.39 -14.64
C PRO C 405 8.75 -13.30 -15.50
N CYS C 406 8.87 -13.58 -16.79
CA CYS C 406 9.45 -12.61 -17.72
C CYS C 406 8.50 -11.47 -18.02
N ASP C 407 7.19 -11.67 -17.89
CA ASP C 407 6.20 -10.62 -18.07
C ASP C 407 5.11 -10.82 -17.03
N GLU C 408 4.99 -9.87 -16.11
CA GLU C 408 4.16 -10.05 -14.92
C GLU C 408 3.30 -8.81 -14.70
N VAL C 409 2.04 -9.05 -14.33
CA VAL C 409 1.12 -7.99 -13.91
C VAL C 409 0.86 -8.17 -12.43
N SER C 410 1.06 -7.10 -11.67
CA SER C 410 0.86 -7.11 -10.23
C SER C 410 -0.14 -6.02 -9.86
N TYR C 411 -0.85 -6.23 -8.75
CA TYR C 411 -1.92 -5.35 -8.32
C TYR C 411 -1.64 -4.89 -6.89
N ASP C 412 -1.41 -3.59 -6.73
CA ASP C 412 -1.31 -2.98 -5.41
C ASP C 412 -2.70 -2.54 -4.99
N VAL C 413 -3.19 -3.12 -3.90
CA VAL C 413 -4.59 -3.00 -3.50
C VAL C 413 -4.68 -2.11 -2.27
N SER C 414 -5.53 -1.09 -2.34
CA SER C 414 -5.79 -0.20 -1.22
C SER C 414 -7.09 -0.64 -0.56
N TYR C 415 -6.99 -1.03 0.71
CA TYR C 415 -8.09 -1.64 1.45
C TYR C 415 -8.89 -0.58 2.20
N SER C 416 -10.16 -0.88 2.43
CA SER C 416 -11.06 0.08 3.06
C SER C 416 -12.34 -0.64 3.47
N LEU C 417 -12.95 -0.19 4.58
CA LEU C 417 -14.12 -0.85 5.12
C LEU C 417 -15.15 0.18 5.58
N SER C 418 -16.42 -0.15 5.36
CA SER C 418 -17.53 0.58 5.94
C SER C 418 -18.64 -0.41 6.29
N LYS C 419 -19.55 0.04 7.15
CA LYS C 419 -20.65 -0.80 7.62
C LYS C 419 -21.76 -0.80 6.57
N TRP C 420 -22.00 -1.96 5.96
CA TRP C 420 -22.83 -1.94 4.75
C TRP C 420 -24.29 -1.61 5.05
N PRO C 421 -25.07 -2.48 5.73
CA PRO C 421 -26.47 -2.13 5.94
C PRO C 421 -26.62 -1.10 7.05
N SER C 422 -26.88 0.15 6.66
CA SER C 422 -27.01 1.22 7.64
C SER C 422 -28.29 1.04 8.46
N ALA C 423 -28.24 1.52 9.69
CA ALA C 423 -29.42 1.48 10.55
C ALA C 423 -30.50 2.39 9.98
N GLY C 424 -31.73 1.89 10.00
CA GLY C 424 -32.87 2.71 9.61
C GLY C 424 -33.33 2.54 8.18
N TYR C 425 -33.71 3.66 7.57
CA TYR C 425 -34.41 3.62 6.28
C TYR C 425 -33.50 3.12 5.16
N GLU C 426 -32.25 3.57 5.18
CA GLU C 426 -31.26 3.12 4.15
C GLU C 426 -31.17 1.59 4.21
N GLY C 427 -30.99 1.03 5.41
CA GLY C 427 -30.93 -0.41 5.55
C GLY C 427 -32.22 -1.09 5.16
N ASP C 428 -33.36 -0.43 5.39
CA ASP C 428 -34.63 -0.98 4.94
C ASP C 428 -34.64 -1.12 3.42
N ALA C 429 -34.14 -0.11 2.71
CA ALA C 429 -34.07 -0.20 1.26
C ALA C 429 -33.14 -1.33 0.82
N ALA C 430 -32.01 -1.49 1.51
CA ALA C 430 -31.10 -2.60 1.19
C ALA C 430 -31.80 -3.94 1.36
N TYR C 431 -32.46 -4.14 2.51
CA TYR C 431 -33.15 -5.39 2.77
C TYR C 431 -34.20 -5.66 1.71
N PHE C 432 -34.97 -4.63 1.33
CA PHE C 432 -35.97 -4.84 0.30
C PHE C 432 -35.32 -5.22 -1.02
N ASP C 433 -34.24 -4.53 -1.40
CA ASP C 433 -33.56 -4.87 -2.65
C ASP C 433 -33.19 -6.34 -2.67
N VAL C 434 -32.72 -6.88 -1.54
CA VAL C 434 -32.32 -8.28 -1.54
C VAL C 434 -33.53 -9.20 -1.57
N PHE C 435 -34.52 -8.97 -0.70
CA PHE C 435 -35.53 -9.99 -0.42
C PHE C 435 -36.87 -9.77 -1.09
N GLY C 436 -37.08 -8.67 -1.81
CA GLY C 436 -38.35 -8.44 -2.48
C GLY C 436 -38.20 -8.24 -3.96
N ILE C 437 -37.04 -7.73 -4.38
CA ILE C 437 -36.78 -7.49 -5.80
C ILE C 437 -35.97 -8.66 -6.35
N GLU C 438 -34.81 -8.92 -5.75
CA GLU C 438 -34.05 -10.10 -6.14
C GLU C 438 -34.67 -11.38 -5.63
N LYS C 439 -35.45 -11.31 -4.54
CA LYS C 439 -36.16 -12.46 -4.00
C LYS C 439 -35.18 -13.61 -3.73
N PHE C 440 -34.22 -13.31 -2.86
CA PHE C 440 -33.09 -14.20 -2.63
C PHE C 440 -33.53 -15.53 -2.04
N ASN C 441 -34.41 -15.50 -1.04
CA ASN C 441 -34.76 -16.72 -0.33
C ASN C 441 -35.66 -17.66 -1.14
N GLU C 442 -36.18 -17.22 -2.29
CA GLU C 442 -36.97 -18.11 -3.14
C GLU C 442 -36.11 -18.98 -4.04
N ARG C 443 -34.81 -18.70 -4.14
CA ARG C 443 -33.92 -19.59 -4.87
C ARG C 443 -33.96 -21.00 -4.30
N PHE C 444 -34.19 -21.12 -3.00
CA PHE C 444 -34.12 -22.38 -2.28
C PHE C 444 -35.48 -23.05 -2.14
N ASN C 445 -36.50 -22.53 -2.82
CA ASN C 445 -37.84 -23.11 -2.82
C ASN C 445 -37.90 -24.24 -3.85
N LYS C 446 -37.13 -25.29 -3.57
CA LYS C 446 -37.04 -26.44 -4.46
C LYS C 446 -37.09 -27.71 -3.63
N THR C 447 -37.31 -28.83 -4.31
CA THR C 447 -37.37 -30.12 -3.62
C THR C 447 -36.06 -30.41 -2.90
N GLY C 448 -34.94 -30.02 -3.50
CA GLY C 448 -33.64 -30.33 -2.93
C GLY C 448 -33.14 -29.39 -1.86
N THR C 449 -33.86 -28.28 -1.59
CA THR C 449 -33.38 -27.28 -0.65
C THR C 449 -34.51 -26.71 0.20
N GLN C 450 -35.55 -27.50 0.47
CA GLN C 450 -36.69 -26.99 1.23
C GLN C 450 -36.28 -26.58 2.64
N GLY C 451 -35.46 -27.39 3.30
CA GLY C 451 -35.05 -27.07 4.65
C GLY C 451 -34.29 -25.75 4.73
N LYS C 452 -33.40 -25.51 3.77
CA LYS C 452 -32.69 -24.23 3.73
C LYS C 452 -33.65 -23.08 3.51
N TYR C 453 -34.67 -23.29 2.67
CA TYR C 453 -35.67 -22.27 2.45
C TYR C 453 -36.38 -21.92 3.76
N GLU C 454 -36.78 -22.94 4.52
CA GLU C 454 -37.44 -22.67 5.79
C GLU C 454 -36.52 -21.97 6.77
N LEU C 455 -35.25 -22.40 6.83
CA LEU C 455 -34.29 -21.76 7.71
C LEU C 455 -34.16 -20.28 7.39
N PHE C 456 -33.94 -19.94 6.12
CA PHE C 456 -33.79 -18.55 5.74
C PHE C 456 -35.07 -17.76 5.96
N THR C 457 -36.23 -18.37 5.69
CA THR C 457 -37.49 -17.69 5.89
C THR C 457 -37.68 -17.31 7.36
N LYS C 458 -37.35 -18.24 8.27
CA LYS C 458 -37.49 -17.93 9.68
C LYS C 458 -36.42 -16.96 10.17
N TYR C 459 -35.23 -16.99 9.56
CA TYR C 459 -34.12 -16.21 10.07
C TYR C 459 -34.16 -14.78 9.56
N PHE C 460 -34.29 -14.59 8.24
CA PHE C 460 -34.19 -13.29 7.61
C PHE C 460 -35.51 -12.53 7.59
N ASN C 461 -36.45 -12.86 8.46
CA ASN C 461 -37.75 -12.19 8.41
C ASN C 461 -37.59 -10.70 8.70
N VAL C 462 -38.65 -9.95 8.39
CA VAL C 462 -38.58 -8.50 8.41
C VAL C 462 -38.27 -7.98 9.81
N SER C 463 -38.86 -8.60 10.83
CA SER C 463 -38.78 -8.05 12.18
C SER C 463 -37.37 -8.05 12.74
N ASN C 464 -36.45 -8.81 12.15
CA ASN C 464 -35.10 -8.95 12.69
C ASN C 464 -34.04 -8.63 11.63
N ARG C 465 -34.35 -7.70 10.73
CA ARG C 465 -33.41 -7.41 9.65
C ARG C 465 -32.15 -6.74 10.16
N GLU C 466 -32.28 -5.88 11.18
CA GLU C 466 -31.10 -5.16 11.68
C GLU C 466 -30.02 -6.13 12.14
N GLU C 467 -30.40 -7.28 12.69
CA GLU C 467 -29.43 -8.28 13.11
C GLU C 467 -29.07 -9.25 11.98
N SER C 468 -30.08 -9.68 11.21
CA SER C 468 -29.85 -10.69 10.18
C SER C 468 -28.93 -10.16 9.08
N MET C 469 -29.13 -8.90 8.67
CA MET C 469 -28.40 -8.38 7.53
C MET C 469 -26.90 -8.33 7.77
N LYS C 470 -26.47 -8.41 9.03
CA LYS C 470 -25.04 -8.34 9.33
C LYS C 470 -24.30 -9.62 8.93
N ASP C 471 -25.00 -10.62 8.42
CA ASP C 471 -24.36 -11.80 7.85
C ASP C 471 -23.89 -11.58 6.42
N PHE C 472 -24.31 -10.48 5.79
CA PHE C 472 -23.92 -10.17 4.43
C PHE C 472 -22.65 -9.32 4.41
N ALA C 473 -21.94 -9.40 3.28
CA ALA C 473 -20.80 -8.54 3.02
C ALA C 473 -20.86 -8.10 1.57
N ARG C 474 -20.29 -6.93 1.29
CA ARG C 474 -20.23 -6.39 -0.07
C ARG C 474 -18.78 -6.11 -0.44
N LEU C 475 -18.44 -6.44 -1.67
CA LEU C 475 -17.12 -6.19 -2.22
C LEU C 475 -17.22 -5.23 -3.39
N ASN C 476 -16.31 -4.26 -3.42
CA ASN C 476 -16.16 -3.37 -4.58
C ASN C 476 -14.71 -3.44 -5.03
N VAL C 477 -14.50 -3.89 -6.27
CA VAL C 477 -13.18 -3.94 -6.87
C VAL C 477 -13.20 -3.06 -8.10
N TYR C 478 -12.34 -2.05 -8.12
CA TYR C 478 -12.29 -1.11 -9.23
C TYR C 478 -10.85 -0.67 -9.43
N ILE C 479 -10.54 -0.25 -10.65
CA ILE C 479 -9.19 0.17 -11.01
C ILE C 479 -9.07 1.66 -10.68
N ALA C 480 -8.26 1.96 -9.66
CA ALA C 480 -8.19 3.33 -9.17
C ALA C 480 -7.46 4.25 -10.13
N ASP C 481 -6.34 3.76 -10.70
CA ASP C 481 -5.53 4.55 -11.63
C ASP C 481 -5.64 3.94 -13.02
N SER C 482 -5.96 4.78 -14.00
CA SER C 482 -6.08 4.31 -15.38
C SER C 482 -4.73 3.99 -15.99
N ASN C 483 -3.64 4.47 -15.42
CA ASN C 483 -2.31 4.36 -16.00
C ASN C 483 -1.48 3.34 -15.22
N VAL C 484 -0.86 2.42 -15.97
CA VAL C 484 -0.08 1.35 -15.36
C VAL C 484 1.31 1.87 -15.02
N VAL C 485 1.84 1.42 -13.88
CA VAL C 485 3.22 1.68 -13.50
C VAL C 485 4.06 0.54 -14.11
N LYS C 486 4.71 0.83 -15.23
CA LYS C 486 5.55 -0.15 -15.90
C LYS C 486 6.95 -0.13 -15.30
N THR C 487 7.59 -1.29 -15.28
CA THR C 487 8.95 -1.44 -14.78
C THR C 487 9.64 -2.47 -15.68
N GLN C 488 10.54 -1.98 -16.52
CA GLN C 488 11.10 -2.78 -17.60
C GLN C 488 12.60 -2.89 -17.44
N GLU C 489 13.11 -4.12 -17.48
CA GLU C 489 14.53 -4.35 -17.48
C GLU C 489 15.11 -4.14 -18.87
N SER C 490 16.44 -4.05 -18.94
CA SER C 490 17.12 -3.93 -20.22
C SER C 490 18.61 -4.15 -19.99
N GLU C 491 19.33 -4.40 -21.08
CA GLU C 491 20.77 -4.59 -21.00
C GLU C 491 21.46 -3.24 -20.80
N ASP C 492 22.32 -3.17 -19.79
CA ASP C 492 22.95 -1.90 -19.44
C ASP C 492 24.07 -1.53 -20.40
N TYR C 493 24.77 -2.51 -20.97
CA TYR C 493 25.96 -2.29 -21.77
C TYR C 493 25.83 -3.10 -23.05
N THR C 494 25.45 -2.44 -24.14
CA THR C 494 25.24 -3.11 -25.41
C THR C 494 26.58 -3.38 -26.09
N ARG C 495 26.54 -4.25 -27.10
CA ARG C 495 27.72 -4.46 -27.93
C ARG C 495 28.11 -3.18 -28.65
N ASN C 496 27.14 -2.39 -29.07
CA ASN C 496 27.43 -1.12 -29.73
C ASN C 496 28.14 -0.16 -28.78
N GLN C 497 27.67 -0.07 -27.53
CA GLN C 497 28.34 0.77 -26.55
C GLN C 497 29.75 0.27 -26.27
N LEU C 498 29.92 -1.05 -26.20
CA LEU C 498 31.26 -1.62 -26.06
C LEU C 498 32.15 -1.16 -27.19
N VAL C 499 31.71 -1.32 -28.44
CA VAL C 499 32.54 -0.93 -29.57
C VAL C 499 32.86 0.56 -29.50
N SER C 500 31.86 1.38 -29.19
CA SER C 500 32.08 2.83 -29.12
C SER C 500 33.12 3.18 -28.08
N ASP C 501 33.01 2.58 -26.88
CA ASP C 501 33.92 2.97 -25.81
C ASP C 501 35.33 2.41 -26.02
N ILE C 502 35.44 1.22 -26.60
CA ILE C 502 36.76 0.70 -26.94
C ILE C 502 37.42 1.60 -27.99
N GLY C 503 36.63 2.05 -28.97
CA GLY C 503 37.17 2.99 -29.94
C GLY C 503 37.57 4.30 -29.31
N GLY C 504 36.76 4.79 -28.37
CA GLY C 504 37.11 6.03 -27.68
C GLY C 504 38.40 5.91 -26.90
N GLN C 505 38.55 4.81 -26.17
CA GLN C 505 39.81 4.56 -25.46
C GLN C 505 40.97 4.42 -26.42
N LEU C 506 40.77 3.72 -27.53
CA LEU C 506 41.83 3.52 -28.51
C LEU C 506 42.30 4.86 -29.07
N GLY C 507 41.37 5.73 -29.41
CA GLY C 507 41.73 7.05 -29.90
C GLY C 507 42.38 7.91 -28.82
N LEU C 508 41.91 7.77 -27.58
CA LEU C 508 42.41 8.64 -26.48
C LEU C 508 43.82 8.23 -26.05
N TRP C 509 44.16 6.94 -26.13
CA TRP C 509 45.45 6.50 -25.60
C TRP C 509 46.51 6.32 -26.68
N VAL C 510 46.17 5.77 -27.84
CA VAL C 510 47.16 5.51 -28.88
C VAL C 510 46.80 6.16 -30.21
N GLY C 511 45.57 6.64 -30.39
CA GLY C 511 45.19 7.30 -31.61
C GLY C 511 44.88 6.37 -32.77
N ILE C 512 44.98 5.06 -32.57
CA ILE C 512 44.70 4.11 -33.64
C ILE C 512 43.21 4.13 -33.97
N SER C 513 42.89 4.06 -35.25
CA SER C 513 41.55 3.78 -35.74
C SER C 513 41.59 2.46 -36.50
N LEU C 514 40.41 1.90 -36.75
CA LEU C 514 40.34 0.59 -37.38
C LEU C 514 41.03 0.58 -38.74
N ILE C 515 41.05 1.73 -39.41
CA ILE C 515 41.84 1.86 -40.64
C ILE C 515 43.32 1.80 -40.30
N THR C 516 43.71 2.39 -39.19
CA THR C 516 45.07 2.21 -38.71
C THR C 516 45.33 0.77 -38.30
N LEU C 517 44.28 0.06 -37.86
CA LEU C 517 44.43 -1.36 -37.61
C LEU C 517 44.73 -2.11 -38.90
N ALA C 518 44.01 -1.79 -39.97
CA ALA C 518 44.35 -2.33 -41.28
C ALA C 518 45.76 -1.92 -41.69
N GLU C 519 46.20 -0.74 -41.28
CA GLU C 519 47.56 -0.29 -41.59
C GLU C 519 48.60 -1.19 -40.93
N VAL C 520 48.44 -1.47 -39.64
CA VAL C 520 49.40 -2.34 -38.96
C VAL C 520 49.28 -3.76 -39.48
N LEU C 521 48.08 -4.19 -39.89
CA LEU C 521 47.94 -5.48 -40.54
C LEU C 521 48.72 -5.51 -41.85
N GLU C 522 48.70 -4.40 -42.59
CA GLU C 522 49.50 -4.28 -43.80
C GLU C 522 50.99 -4.38 -43.47
N LEU C 523 51.43 -3.75 -42.38
CA LEU C 523 52.83 -3.86 -41.99
C LEU C 523 53.20 -5.30 -41.67
N ILE C 524 52.32 -6.01 -40.95
CA ILE C 524 52.59 -7.40 -40.60
C ILE C 524 52.66 -8.26 -41.86
N ILE C 525 51.74 -8.03 -42.79
CA ILE C 525 51.76 -8.77 -44.05
C ILE C 525 53.00 -8.42 -44.86
N ASP C 526 53.48 -7.18 -44.76
CA ASP C 526 54.73 -6.80 -45.41
C ASP C 526 55.90 -7.58 -44.83
N LEU C 527 55.94 -7.71 -43.51
CA LEU C 527 56.97 -8.52 -42.87
C LEU C 527 56.88 -9.97 -43.34
N PHE C 528 55.65 -10.47 -43.50
CA PHE C 528 55.48 -11.80 -44.08
C PHE C 528 56.08 -11.88 -45.48
N ARG C 529 55.72 -10.93 -46.34
CA ARG C 529 56.24 -10.93 -47.71
C ARG C 529 57.75 -10.83 -47.73
N LEU C 530 58.33 -10.17 -46.74
CA LEU C 530 59.78 -10.11 -46.60
C LEU C 530 60.29 -11.41 -46.00
N ALA D 3 43.73 19.96 -63.41
CA ALA D 3 44.57 19.72 -62.25
C ALA D 3 43.79 19.00 -61.15
N ILE D 4 42.84 18.15 -61.55
CA ILE D 4 42.12 17.30 -60.55
C ILE D 4 43.20 16.54 -59.81
N ARG D 5 43.97 15.73 -60.56
CA ARG D 5 45.11 15.00 -59.94
C ARG D 5 45.87 15.95 -59.03
N ASP D 6 46.11 17.19 -59.48
CA ASP D 6 46.93 18.12 -58.68
C ASP D 6 46.38 18.26 -57.25
N VAL D 7 45.19 18.83 -57.15
CA VAL D 7 44.64 19.08 -55.79
C VAL D 7 44.49 17.74 -55.07
N MET D 8 44.17 16.70 -55.81
CA MET D 8 43.99 15.37 -55.19
C MET D 8 45.26 15.03 -54.41
N THR D 9 46.41 14.97 -55.08
CA THR D 9 47.65 14.55 -54.39
C THR D 9 48.01 15.57 -53.32
N LYS D 10 47.69 16.83 -53.55
CA LYS D 10 48.00 17.79 -52.45
C LYS D 10 47.31 17.33 -51.16
N PHE D 11 45.97 17.25 -51.21
CA PHE D 11 45.22 16.85 -50.00
C PHE D 11 45.80 15.54 -49.52
N ALA D 12 46.08 14.65 -50.45
CA ALA D 12 46.55 13.32 -50.03
C ALA D 12 47.72 13.47 -49.08
N GLU D 13 48.77 14.10 -49.55
CA GLU D 13 49.99 14.16 -48.72
C GLU D 13 49.77 14.98 -47.45
N GLN D 14 48.93 16.02 -47.48
CA GLN D 14 48.84 16.76 -46.17
C GLN D 14 47.55 16.48 -45.39
N THR D 15 46.87 15.36 -45.70
CA THR D 15 45.58 15.28 -45.02
C THR D 15 45.68 14.45 -43.74
N THR D 16 44.76 14.73 -42.81
CA THR D 16 44.68 14.04 -41.52
C THR D 16 43.77 12.83 -41.54
N MET D 17 43.06 12.59 -42.64
CA MET D 17 42.17 11.44 -42.73
C MET D 17 42.99 10.19 -43.00
N HIS D 18 42.52 9.04 -42.50
CA HIS D 18 43.40 7.88 -42.31
C HIS D 18 43.61 7.02 -43.56
N GLY D 19 42.55 6.43 -44.13
CA GLY D 19 42.75 5.48 -45.22
C GLY D 19 42.91 6.13 -46.59
N VAL D 20 42.19 7.23 -46.79
CA VAL D 20 42.28 7.97 -48.06
C VAL D 20 43.73 8.19 -48.46
N PRO D 21 44.62 8.62 -47.56
CA PRO D 21 46.01 8.83 -48.00
C PRO D 21 46.57 7.61 -48.70
N LYS D 22 46.66 6.48 -47.99
CA LYS D 22 47.23 5.28 -48.59
C LYS D 22 46.58 4.99 -49.94
N VAL D 23 45.27 5.20 -50.06
CA VAL D 23 44.64 5.01 -51.36
C VAL D 23 45.28 5.92 -52.39
N ILE D 24 45.41 7.21 -52.07
CA ILE D 24 45.85 8.18 -53.07
C ILE D 24 47.32 7.97 -53.44
N ASN D 25 48.14 7.50 -52.50
CA ASN D 25 49.56 7.30 -52.77
C ASN D 25 49.93 5.83 -52.97
N ALA D 26 48.95 4.96 -53.24
CA ALA D 26 49.25 3.54 -53.43
C ALA D 26 49.91 3.35 -54.79
N LYS D 27 51.19 2.97 -54.78
CA LYS D 27 51.90 2.71 -56.04
C LYS D 27 51.47 1.38 -56.65
N SER D 28 51.34 0.34 -55.82
CA SER D 28 50.98 -0.98 -56.30
C SER D 28 49.50 -1.03 -56.66
N SER D 29 49.19 -1.70 -57.78
CA SER D 29 47.80 -1.79 -58.23
C SER D 29 46.97 -2.63 -57.26
N MET D 30 47.47 -3.82 -56.89
CA MET D 30 46.76 -4.64 -55.92
C MET D 30 46.63 -3.92 -54.59
N GLY D 31 47.64 -3.12 -54.23
CA GLY D 31 47.54 -2.34 -53.00
C GLY D 31 46.50 -1.25 -53.09
N ARG D 32 46.41 -0.60 -54.25
CA ARG D 32 45.35 0.37 -54.46
C ARG D 32 43.98 -0.29 -54.33
N LEU D 33 43.83 -1.48 -54.91
CA LEU D 33 42.57 -2.20 -54.78
C LEU D 33 42.25 -2.50 -53.32
N PHE D 34 43.22 -3.09 -52.59
CA PHE D 34 43.01 -3.43 -51.19
C PHE D 34 42.63 -2.20 -50.38
N TRP D 35 43.33 -1.09 -50.58
CA TRP D 35 43.10 0.05 -49.71
C TRP D 35 41.85 0.82 -50.09
N SER D 36 41.47 0.85 -51.37
CA SER D 36 40.16 1.37 -51.72
C SER D 36 39.06 0.53 -51.09
N LEU D 37 39.20 -0.81 -51.16
CA LEU D 37 38.22 -1.68 -50.53
C LEU D 37 38.09 -1.37 -49.05
N VAL D 38 39.21 -1.27 -48.35
CA VAL D 38 39.18 -1.02 -46.90
C VAL D 38 38.54 0.33 -46.61
N CYS D 39 38.95 1.37 -47.35
CA CYS D 39 38.42 2.70 -47.10
C CYS D 39 36.90 2.71 -47.26
N LEU D 40 36.40 2.15 -48.36
CA LEU D 40 34.97 2.20 -48.61
C LEU D 40 34.20 1.30 -47.63
N ALA D 41 34.78 0.16 -47.24
CA ALA D 41 34.12 -0.70 -46.25
C ALA D 41 33.99 0.02 -44.92
N ALA D 42 35.05 0.68 -44.47
CA ALA D 42 34.99 1.42 -43.21
C ALA D 42 33.98 2.55 -43.30
N GLY D 43 33.97 3.28 -44.42
CA GLY D 43 32.98 4.33 -44.59
C GLY D 43 31.56 3.79 -44.51
N ALA D 44 31.33 2.63 -45.14
CA ALA D 44 30.01 2.03 -45.12
C ALA D 44 29.59 1.65 -43.69
N MET D 45 30.50 1.06 -42.93
CA MET D 45 30.13 0.68 -41.56
C MET D 45 29.90 1.91 -40.69
N PHE D 46 30.69 2.95 -40.91
CA PHE D 46 30.45 4.21 -40.21
C PHE D 46 29.06 4.74 -40.53
N CYS D 47 28.67 4.69 -41.80
CA CYS D 47 27.33 5.15 -42.18
C CYS D 47 26.26 4.31 -41.50
N LEU D 48 26.46 2.99 -41.44
CA LEU D 48 25.49 2.13 -40.75
C LEU D 48 25.31 2.57 -39.31
N GLN D 49 26.40 2.69 -38.57
CA GLN D 49 26.29 3.02 -37.15
C GLN D 49 25.77 4.44 -36.94
N MET D 50 26.11 5.37 -37.83
CA MET D 50 25.57 6.71 -37.73
C MET D 50 24.06 6.72 -37.94
N SER D 51 23.59 5.97 -38.95
CA SER D 51 22.14 5.86 -39.13
C SER D 51 21.48 5.34 -37.86
N GLU D 52 22.04 4.27 -37.29
CA GLU D 52 21.49 3.71 -36.07
C GLU D 52 21.38 4.76 -34.98
N VAL D 53 22.49 5.47 -34.70
CA VAL D 53 22.52 6.38 -33.56
C VAL D 53 21.64 7.60 -33.82
N LEU D 54 21.66 8.13 -35.04
CA LEU D 54 20.83 9.27 -35.37
C LEU D 54 19.36 8.94 -35.17
N GLN D 55 18.94 7.74 -35.57
CA GLN D 55 17.53 7.39 -35.39
C GLN D 55 17.21 7.13 -33.93
N ARG D 56 18.14 6.54 -33.18
CA ARG D 56 17.92 6.41 -31.73
C ARG D 56 17.70 7.78 -31.10
N TYR D 57 18.50 8.75 -31.46
CA TYR D 57 18.23 10.09 -30.91
C TYR D 57 16.85 10.52 -31.38
N PHE D 58 16.48 10.16 -32.60
CA PHE D 58 15.19 10.72 -33.11
C PHE D 58 14.04 10.01 -32.41
N SER D 59 14.32 8.88 -31.79
CA SER D 59 13.26 8.24 -30.98
C SER D 59 12.96 9.15 -29.79
N TYR D 60 13.55 10.37 -29.74
CA TYR D 60 13.32 11.17 -28.54
C TYR D 60 13.06 10.25 -27.35
N PRO D 61 14.06 9.48 -26.92
CA PRO D 61 13.84 8.54 -25.79
C PRO D 61 13.71 9.28 -24.47
N LYS D 62 13.42 8.50 -23.43
CA LYS D 62 13.08 9.02 -22.11
C LYS D 62 13.87 8.28 -21.04
N LYS D 63 14.18 8.98 -19.96
CA LYS D 63 14.91 8.43 -18.83
C LYS D 63 14.23 8.86 -17.54
N VAL D 64 14.40 8.05 -16.49
CA VAL D 64 13.72 8.27 -15.22
C VAL D 64 14.68 7.98 -14.07
N THR D 65 14.52 8.73 -12.98
CA THR D 65 15.25 8.53 -11.75
C THR D 65 14.29 8.54 -10.57
N VAL D 66 14.67 7.83 -9.51
CA VAL D 66 13.83 7.70 -8.31
C VAL D 66 14.72 7.86 -7.09
N GLU D 67 14.26 8.64 -6.11
CA GLU D 67 15.06 8.89 -4.92
C GLU D 67 14.16 9.42 -3.81
N VAL D 68 14.67 9.32 -2.58
CA VAL D 68 14.04 9.94 -1.42
C VAL D 68 14.72 11.28 -1.17
N VAL D 69 13.91 12.31 -0.90
CA VAL D 69 14.44 13.66 -0.72
C VAL D 69 13.85 14.25 0.56
N PRO D 70 14.57 15.17 1.22
CA PRO D 70 14.08 15.73 2.49
C PRO D 70 13.09 16.87 2.34
N THR D 71 12.80 17.31 1.13
CA THR D 71 11.90 18.46 0.96
C THR D 71 10.49 18.09 1.41
N PRO D 72 9.88 18.85 2.32
CA PRO D 72 8.52 18.52 2.76
C PRO D 72 7.47 18.99 1.76
N VAL D 73 6.44 18.16 1.59
CA VAL D 73 5.29 18.53 0.76
C VAL D 73 4.32 19.32 1.62
N PRO D 74 3.46 20.15 1.02
CA PRO D 74 2.38 20.76 1.80
C PRO D 74 1.43 19.70 2.30
N PHE D 75 0.88 19.93 3.49
CA PHE D 75 -0.03 18.95 4.07
C PHE D 75 -1.26 18.80 3.19
N PRO D 76 -1.71 17.57 2.93
CA PRO D 76 -2.80 17.37 1.97
C PRO D 76 -4.11 17.96 2.45
N SER D 77 -4.97 18.28 1.48
CA SER D 77 -6.34 18.65 1.76
C SER D 77 -7.16 17.39 2.03
N ILE D 78 -7.94 17.41 3.09
CA ILE D 78 -8.73 16.26 3.51
C ILE D 78 -10.20 16.62 3.35
N SER D 79 -10.90 15.85 2.52
CA SER D 79 -12.32 16.03 2.27
C SER D 79 -13.09 14.92 2.97
N ILE D 80 -14.05 15.31 3.80
CA ILE D 80 -14.85 14.36 4.58
C ILE D 80 -16.30 14.48 4.13
N CYS D 81 -16.90 13.34 3.80
CA CYS D 81 -18.30 13.27 3.42
C CYS D 81 -19.00 12.24 4.28
N ASN D 82 -20.12 12.62 4.87
CA ASN D 82 -20.97 11.66 5.56
C ASN D 82 -21.75 10.85 4.53
N MET D 83 -21.61 9.52 4.60
CA MET D 83 -22.28 8.66 3.62
C MET D 83 -23.78 8.80 3.68
N ARG D 84 -24.33 9.33 4.77
CA ARG D 84 -25.73 9.71 4.84
C ARG D 84 -25.87 11.15 4.36
N ASN D 85 -26.79 11.39 3.43
CA ASN D 85 -26.83 12.67 2.75
C ASN D 85 -27.63 13.71 3.52
N LEU D 86 -28.75 13.32 4.11
CA LEU D 86 -29.64 14.27 4.77
C LEU D 86 -29.48 14.22 6.28
N ASP D 87 -29.91 15.29 6.93
CA ASP D 87 -29.80 15.40 8.38
C ASP D 87 -30.79 14.45 9.05
N VAL D 88 -30.41 13.99 10.25
CA VAL D 88 -31.20 12.99 10.94
C VAL D 88 -32.58 13.53 11.31
N HIS D 89 -32.64 14.77 11.80
CA HIS D 89 -33.93 15.35 12.16
C HIS D 89 -34.82 15.48 10.94
N ILE D 90 -34.25 15.90 9.81
CA ILE D 90 -35.03 16.01 8.57
C ILE D 90 -35.57 14.65 8.16
N LEU D 91 -34.73 13.61 8.24
CA LEU D 91 -35.16 12.28 7.84
C LEU D 91 -36.27 11.76 8.74
N ASN D 92 -36.12 11.96 10.05
CA ASN D 92 -37.18 11.53 10.97
C ASN D 92 -38.46 12.31 10.74
N THR D 93 -38.35 13.60 10.41
CA THR D 93 -39.53 14.38 10.09
C THR D 93 -40.24 13.83 8.86
N LEU D 94 -39.47 13.51 7.81
CA LEU D 94 -40.05 12.92 6.61
C LEU D 94 -40.76 11.61 6.93
N ASN D 95 -40.08 10.75 7.69
CA ASN D 95 -40.66 9.46 8.05
C ASN D 95 -41.95 9.62 8.84
N ARG D 96 -41.96 10.54 9.81
CA ARG D 96 -43.13 10.71 10.64
C ARG D 96 -44.27 11.38 9.88
N MET D 97 -43.96 12.26 8.93
CA MET D 97 -45.00 12.83 8.08
C MET D 97 -45.64 11.74 7.23
N PHE D 98 -44.82 10.86 6.65
CA PHE D 98 -45.38 9.77 5.86
C PHE D 98 -46.13 8.76 6.71
N ILE D 99 -45.78 8.64 7.99
CA ILE D 99 -46.53 7.77 8.88
C ILE D 99 -47.87 8.40 9.24
N GLU D 100 -47.90 9.71 9.46
CA GLU D 100 -49.15 10.39 9.76
C GLU D 100 -50.08 10.38 8.54
N ASP D 101 -49.53 10.63 7.36
CA ASP D 101 -50.30 10.62 6.12
C ASP D 101 -49.37 10.23 4.99
N ASP D 102 -49.64 9.07 4.38
CA ASP D 102 -48.75 8.54 3.35
C ASP D 102 -48.89 9.24 2.01
N ARG D 103 -49.88 10.12 1.85
CA ARG D 103 -50.04 10.86 0.60
C ARG D 103 -49.18 12.12 0.46
N PRO D 104 -48.16 12.09 -0.39
CA PRO D 104 -47.24 13.24 -0.47
C PRO D 104 -47.93 14.53 -0.88
N PHE D 105 -48.98 14.46 -1.70
CA PHE D 105 -49.67 15.67 -2.15
C PHE D 105 -50.22 16.45 -0.96
N SER D 106 -50.76 15.75 0.03
CA SER D 106 -51.33 16.42 1.20
C SER D 106 -50.27 17.08 2.07
N ASN D 107 -49.02 16.65 1.97
CA ASN D 107 -47.96 17.10 2.87
C ASN D 107 -47.18 18.29 2.34
N ILE D 108 -47.52 18.80 1.16
CA ILE D 108 -46.76 19.91 0.59
C ILE D 108 -46.90 21.16 1.46
N ASN D 109 -48.03 21.31 2.15
CA ASN D 109 -48.30 22.50 2.95
C ASN D 109 -48.20 22.24 4.45
N LYS D 110 -47.63 21.11 4.85
CA LYS D 110 -47.53 20.75 6.27
C LYS D 110 -46.18 21.11 6.87
N SER D 111 -45.31 21.80 6.12
CA SER D 111 -44.00 22.19 6.65
C SER D 111 -43.60 23.50 6.02
N GLU D 112 -42.92 24.34 6.81
CA GLU D 112 -42.33 25.58 6.31
C GLU D 112 -40.90 25.38 5.80
N HIS D 113 -40.32 24.21 6.02
CA HIS D 113 -38.97 23.95 5.54
C HIS D 113 -38.97 23.86 4.02
N GLU D 114 -38.10 24.65 3.39
CA GLU D 114 -38.12 24.74 1.93
C GLU D 114 -37.83 23.39 1.29
N PHE D 115 -36.81 22.69 1.79
CA PHE D 115 -36.45 21.41 1.19
C PHE D 115 -37.59 20.42 1.30
N ILE D 116 -38.31 20.42 2.42
CA ILE D 116 -39.42 19.49 2.58
C ILE D 116 -40.51 19.79 1.57
N ARG D 117 -40.84 21.07 1.38
CA ARG D 117 -41.87 21.42 0.40
C ARG D 117 -41.46 20.98 -0.99
N ALA D 118 -40.22 21.26 -1.37
CA ALA D 118 -39.75 20.85 -2.70
C ALA D 118 -39.76 19.32 -2.85
N TYR D 119 -39.33 18.62 -1.80
CA TYR D 119 -39.25 17.17 -1.83
C TYR D 119 -40.64 16.56 -1.99
N MET D 120 -41.61 17.07 -1.23
CA MET D 120 -42.97 16.56 -1.35
C MET D 120 -43.57 16.89 -2.71
N LYS D 121 -43.31 18.10 -3.22
CA LYS D 121 -43.81 18.46 -4.55
C LYS D 121 -43.26 17.50 -5.60
N LYS D 122 -41.96 17.21 -5.53
CA LYS D 122 -41.35 16.33 -6.52
C LYS D 122 -41.89 14.90 -6.39
N VAL D 123 -42.02 14.40 -5.16
CA VAL D 123 -42.47 13.02 -4.98
C VAL D 123 -43.93 12.88 -5.38
N ALA D 124 -44.74 13.93 -5.19
CA ALA D 124 -46.16 13.83 -5.51
C ALA D 124 -46.39 13.53 -6.99
N LYS D 125 -45.48 13.96 -7.86
CA LYS D 125 -45.62 13.71 -9.29
C LYS D 125 -45.50 12.23 -9.63
N TYR D 126 -45.05 11.41 -8.70
CA TYR D 126 -44.83 9.98 -8.95
C TYR D 126 -45.68 9.08 -8.08
N ALA D 127 -46.44 9.63 -7.13
CA ALA D 127 -47.16 8.79 -6.18
C ALA D 127 -48.21 7.91 -6.85
N PRO D 128 -49.09 8.42 -7.71
CA PRO D 128 -50.07 7.53 -8.35
C PRO D 128 -49.43 6.43 -9.17
N LEU D 129 -48.39 6.77 -9.94
CA LEU D 129 -47.67 5.76 -10.71
C LEU D 129 -47.09 4.70 -9.79
N PHE D 130 -46.50 5.12 -8.67
CA PHE D 130 -45.94 4.17 -7.73
C PHE D 130 -47.02 3.26 -7.14
N TRP D 131 -48.17 3.84 -6.78
CA TRP D 131 -49.25 3.04 -6.20
C TRP D 131 -49.80 2.05 -7.20
N ASN D 132 -49.81 2.38 -8.49
CA ASN D 132 -50.47 1.54 -9.48
C ASN D 132 -49.54 0.53 -10.15
N TYR D 133 -48.24 0.83 -10.28
CA TYR D 133 -47.36 0.05 -11.14
C TYR D 133 -46.11 -0.49 -10.44
N GLN D 134 -46.02 -0.38 -9.12
CA GLN D 134 -44.79 -0.78 -8.46
C GLN D 134 -44.57 -2.30 -8.56
N ASP D 135 -45.64 -3.08 -8.61
CA ASP D 135 -45.49 -4.52 -8.75
C ASP D 135 -45.05 -4.91 -10.16
N GLU D 136 -45.32 -4.06 -11.15
CA GLU D 136 -44.95 -4.36 -12.53
C GLU D 136 -43.58 -3.82 -12.91
N TYR D 137 -43.16 -2.69 -12.32
CA TYR D 137 -41.90 -2.05 -12.67
C TYR D 137 -41.18 -1.57 -11.41
N PRO D 138 -40.89 -2.48 -10.49
CA PRO D 138 -40.16 -2.06 -9.27
C PRO D 138 -38.80 -1.48 -9.57
N GLU D 139 -38.08 -2.05 -10.53
CA GLU D 139 -36.74 -1.58 -10.87
C GLU D 139 -36.76 -0.16 -11.43
N VAL D 140 -37.90 0.27 -11.98
CA VAL D 140 -38.01 1.62 -12.50
C VAL D 140 -38.11 2.62 -11.35
N PHE D 141 -39.08 2.40 -10.46
CA PHE D 141 -39.30 3.33 -9.35
C PHE D 141 -38.10 3.35 -8.42
N GLN D 142 -37.43 2.22 -8.23
CA GLN D 142 -36.24 2.22 -7.38
C GLN D 142 -35.15 3.11 -7.96
N GLU D 143 -35.13 3.28 -9.28
CA GLU D 143 -34.13 4.14 -9.92
C GLU D 143 -34.58 5.60 -9.92
N ILE D 144 -35.87 5.84 -10.16
CA ILE D 144 -36.37 7.22 -10.17
C ILE D 144 -36.18 7.87 -8.81
N PHE D 145 -36.38 7.11 -7.73
CA PHE D 145 -36.38 7.63 -6.38
C PHE D 145 -34.99 7.65 -5.76
N SER D 146 -33.93 7.72 -6.57
CA SER D 146 -32.57 7.70 -6.05
C SER D 146 -32.11 9.11 -5.69
N ARG D 147 -30.97 9.17 -4.98
CA ARG D 147 -30.42 10.47 -4.55
C ARG D 147 -30.17 11.38 -5.74
N THR D 148 -29.53 10.86 -6.78
CA THR D 148 -29.07 11.69 -7.88
C THR D 148 -30.23 12.38 -8.57
N THR D 149 -31.39 11.73 -8.63
CA THR D 149 -32.56 12.38 -9.21
C THR D 149 -32.89 13.67 -8.46
N PHE D 150 -32.87 13.62 -7.13
CA PHE D 150 -33.19 14.80 -6.33
C PHE D 150 -32.10 15.85 -6.41
N SER D 151 -30.83 15.43 -6.43
CA SER D 151 -29.77 16.41 -6.63
C SER D 151 -29.81 17.03 -8.01
N ALA D 152 -30.44 16.35 -8.97
CA ALA D 152 -30.57 16.86 -10.32
C ALA D 152 -31.81 17.73 -10.52
N ASN D 153 -32.81 17.65 -9.62
CA ASN D 153 -34.04 18.39 -9.82
C ASN D 153 -34.34 19.45 -8.75
N ILE D 154 -33.64 19.45 -7.63
CA ILE D 154 -33.85 20.47 -6.59
C ILE D 154 -32.61 21.35 -6.51
N ASP D 155 -32.83 22.63 -6.27
CA ASP D 155 -31.74 23.58 -6.19
C ASP D 155 -30.74 23.16 -5.12
N PRO D 156 -29.44 23.08 -5.43
CA PRO D 156 -28.48 22.72 -4.37
C PRO D 156 -28.51 23.63 -3.17
N GLU D 157 -28.80 24.92 -3.38
CA GLU D 157 -28.91 25.85 -2.26
C GLU D 157 -30.09 25.52 -1.36
N VAL D 158 -31.09 24.79 -1.87
CA VAL D 158 -32.20 24.34 -1.04
C VAL D 158 -31.87 23.03 -0.35
N ILE D 159 -31.17 22.13 -1.05
CA ILE D 159 -30.75 20.87 -0.44
C ILE D 159 -29.79 21.14 0.72
N ALA D 160 -28.93 22.15 0.56
CA ALA D 160 -27.91 22.44 1.56
C ALA D 160 -28.51 22.75 2.92
N LEU D 161 -29.77 23.22 2.96
CA LEU D 161 -30.42 23.49 4.23
C LEU D 161 -30.86 22.22 4.94
N ALA D 162 -30.99 21.11 4.22
CA ALA D 162 -31.41 19.85 4.80
C ALA D 162 -30.29 18.81 4.84
N ALA D 163 -29.19 19.03 4.13
CA ALA D 163 -28.08 18.10 4.17
C ALA D 163 -27.34 18.23 5.49
N VAL D 164 -26.37 17.32 5.69
CA VAL D 164 -25.61 17.32 6.93
C VAL D 164 -24.86 18.62 7.08
N GLN D 165 -24.94 19.21 8.27
CA GLN D 165 -24.29 20.50 8.55
C GLN D 165 -22.94 20.27 9.22
N LEU D 166 -22.05 21.25 9.03
CA LEU D 166 -20.70 21.14 9.58
C LEU D 166 -20.74 21.05 11.10
N GLU D 167 -21.53 21.92 11.74
CA GLU D 167 -21.57 21.94 13.20
C GLU D 167 -22.18 20.68 13.78
N GLY D 168 -22.95 19.93 13.00
CA GLY D 168 -23.51 18.67 13.41
C GLY D 168 -22.75 17.46 12.90
N PHE D 169 -21.61 17.66 12.26
CA PHE D 169 -20.82 16.59 11.67
C PHE D 169 -19.43 16.47 12.29
N VAL D 170 -18.73 17.58 12.43
CA VAL D 170 -17.39 17.60 13.01
C VAL D 170 -17.54 17.94 14.49
N VAL D 171 -17.39 16.94 15.36
CA VAL D 171 -17.48 17.18 16.80
C VAL D 171 -16.26 17.95 17.27
N ASN D 172 -15.07 17.52 16.86
CA ASN D 172 -13.83 18.15 17.27
C ASN D 172 -12.81 18.00 16.16
N CYS D 173 -11.85 18.93 16.12
CA CYS D 173 -10.82 18.94 15.10
C CYS D 173 -9.54 19.50 15.69
N HIS D 174 -8.42 18.92 15.28
CA HIS D 174 -7.11 19.36 15.75
C HIS D 174 -6.09 19.21 14.64
N TYR D 175 -5.21 20.21 14.52
CA TYR D 175 -4.12 20.17 13.57
C TYR D 175 -2.90 20.86 14.17
N ALA D 176 -1.76 20.19 14.10
CA ALA D 176 -0.48 20.76 14.53
C ALA D 176 -0.58 21.34 15.95
N GLY D 177 -1.12 20.53 16.85
CA GLY D 177 -1.15 20.91 18.25
C GLY D 177 -2.07 22.07 18.58
N HIS D 178 -3.05 22.37 17.74
CA HIS D 178 -3.97 23.46 17.98
C HIS D 178 -5.37 23.06 17.53
N ARG D 179 -6.36 23.71 18.13
CA ARG D 179 -7.75 23.45 17.80
C ARG D 179 -8.13 24.17 16.51
N CYS D 180 -8.91 23.48 15.67
CA CYS D 180 -9.32 24.04 14.40
C CYS D 180 -10.38 25.12 14.58
N ASN D 181 -10.36 26.09 13.66
CA ASN D 181 -11.45 27.10 13.59
C ASN D 181 -12.28 26.57 12.44
N LYS D 182 -13.42 25.98 12.74
CA LYS D 182 -14.18 25.26 11.72
C LYS D 182 -14.70 26.20 10.63
N THR D 183 -15.13 27.38 11.04
CA THR D 183 -15.61 28.38 10.07
C THR D 183 -14.52 28.76 9.06
N ARG D 184 -13.26 28.82 9.46
CA ARG D 184 -12.20 29.27 8.54
C ARG D 184 -11.47 28.12 7.87
N ASP D 185 -11.50 26.92 8.44
CA ASP D 185 -10.68 25.86 7.88
C ASP D 185 -11.46 24.87 7.02
N PHE D 186 -12.76 24.75 7.21
CA PHE D 186 -13.58 23.81 6.46
C PHE D 186 -14.35 24.56 5.37
N TYR D 187 -14.33 24.02 4.15
CA TYR D 187 -14.98 24.62 3.00
C TYR D 187 -16.00 23.65 2.45
N ARG D 188 -17.25 24.08 2.36
CA ARG D 188 -18.33 23.21 1.93
C ARG D 188 -18.42 23.14 0.41
N PHE D 189 -18.72 21.95 -0.10
CA PHE D 189 -18.98 21.78 -1.52
C PHE D 189 -20.05 20.71 -1.69
N PHE D 190 -20.74 20.77 -2.83
CA PHE D 190 -21.91 19.95 -3.09
C PHE D 190 -21.54 18.80 -4.02
N ASP D 191 -22.01 17.60 -3.69
CA ASP D 191 -21.82 16.44 -4.55
C ASP D 191 -23.18 15.79 -4.80
N PRO D 192 -23.43 15.31 -6.02
CA PRO D 192 -24.76 14.74 -6.32
C PRO D 192 -25.15 13.58 -5.42
N TYR D 193 -24.19 12.82 -4.92
CA TYR D 193 -24.48 11.64 -4.06
C TYR D 193 -24.27 12.02 -2.60
N TYR D 194 -23.08 12.52 -2.27
CA TYR D 194 -22.83 13.02 -0.92
C TYR D 194 -23.21 14.51 -0.91
N PHE D 195 -24.49 14.75 -0.69
CA PHE D 195 -25.06 16.09 -0.86
C PHE D 195 -24.14 17.19 -0.32
N ASN D 196 -23.76 17.10 0.94
CA ASN D 196 -22.84 18.05 1.55
C ASN D 196 -21.52 17.37 1.83
N CYS D 197 -20.43 18.01 1.40
CA CYS D 197 -19.08 17.55 1.69
C CYS D 197 -18.25 18.75 2.13
N PHE D 198 -17.23 18.49 2.93
CA PHE D 198 -16.41 19.53 3.51
C PHE D 198 -14.94 19.22 3.30
N THR D 199 -14.18 20.23 2.91
CA THR D 199 -12.74 20.11 2.65
C THR D 199 -11.99 20.88 3.73
N TYR D 200 -11.06 20.21 4.40
CA TYR D 200 -10.19 20.86 5.37
C TYR D 200 -8.95 21.37 4.65
N LYS D 201 -8.68 22.66 4.78
CA LYS D 201 -7.47 23.28 4.25
C LYS D 201 -6.60 23.70 5.42
N ALA D 202 -5.37 23.19 5.46
CA ALA D 202 -4.55 23.33 6.65
C ALA D 202 -4.23 24.78 6.94
N HIS D 203 -4.12 25.09 8.23
CA HIS D 203 -3.78 26.43 8.71
C HIS D 203 -2.70 26.27 9.76
N GLU D 204 -1.47 26.66 9.41
CA GLU D 204 -0.33 26.42 10.28
C GLU D 204 -0.40 27.29 11.53
N PRO D 205 0.29 26.89 12.60
CA PRO D 205 0.25 27.68 13.84
C PRO D 205 0.71 29.11 13.61
N THR D 206 0.04 30.04 14.29
CA THR D 206 0.36 31.45 14.20
C THR D 206 1.53 31.81 15.11
N LEU D 212 -4.33 27.95 23.37
CA LEU D 212 -5.25 27.02 22.73
C LEU D 212 -4.49 25.84 22.14
N SER D 213 -3.52 25.34 22.90
CA SER D 213 -2.67 24.24 22.44
C SER D 213 -3.25 22.92 22.96
N GLU D 214 -3.53 22.00 22.04
CA GLU D 214 -4.05 20.68 22.38
C GLU D 214 -4.14 19.88 21.09
N GLY D 215 -4.22 18.56 21.26
CA GLY D 215 -4.47 17.68 20.14
C GLY D 215 -3.20 17.10 19.54
N ILE D 216 -3.40 16.41 18.41
CA ILE D 216 -2.30 15.76 17.72
C ILE D 216 -1.24 16.78 17.34
N GLU D 217 0.02 16.47 17.67
CA GLU D 217 1.11 17.40 17.41
C GLU D 217 1.64 17.30 15.99
N ASN D 218 1.51 16.13 15.36
CA ASN D 218 2.18 15.84 14.09
C ASN D 218 1.21 15.53 12.97
N GLY D 219 -0.03 15.98 13.06
CA GLY D 219 -0.99 15.69 12.01
C GLY D 219 -2.38 16.25 12.23
N TRP D 220 -3.37 15.57 11.66
CA TRP D 220 -4.76 16.02 11.68
C TRP D 220 -5.63 14.93 12.30
N SER D 221 -6.46 15.31 13.26
CA SER D 221 -7.33 14.37 13.95
C SER D 221 -8.67 15.05 14.23
N SER D 222 -9.75 14.29 14.02
CA SER D 222 -11.09 14.82 14.24
C SER D 222 -12.02 13.69 14.66
N ILE D 223 -13.08 14.06 15.37
CA ILE D 223 -14.13 13.14 15.78
C ILE D 223 -15.40 13.53 15.02
N LEU D 224 -15.98 12.55 14.33
CA LEU D 224 -17.08 12.81 13.41
C LEU D 224 -18.30 11.98 13.80
N LEU D 225 -19.47 12.60 13.74
CA LEU D 225 -20.73 11.89 13.92
C LEU D 225 -21.15 11.33 12.57
N SER D 226 -21.14 10.00 12.44
CA SER D 226 -21.37 9.35 11.16
C SER D 226 -22.40 8.23 11.20
N GLY D 227 -22.79 7.74 12.38
CA GLY D 227 -23.75 6.66 12.46
C GLY D 227 -25.17 7.12 12.23
N SER D 228 -26.06 6.14 12.09
CA SER D 228 -27.48 6.37 11.83
C SER D 228 -28.36 5.77 12.92
N GLY D 229 -27.82 5.58 14.12
CA GLY D 229 -28.55 4.88 15.17
C GLY D 229 -29.77 5.63 15.68
N MET D 230 -29.80 6.95 15.52
CA MET D 230 -30.89 7.75 16.06
C MET D 230 -32.07 7.90 15.10
N LEU D 231 -32.00 7.27 13.93
CA LEU D 231 -33.13 7.25 13.01
C LEU D 231 -34.20 6.29 13.52
N ASP D 232 -35.45 6.57 13.14
CA ASP D 232 -36.55 5.69 13.54
C ASP D 232 -36.38 4.32 12.91
N LYS D 233 -36.87 3.30 13.61
CA LYS D 233 -36.81 1.92 13.15
C LYS D 233 -38.25 1.45 12.92
N ASN D 234 -38.69 1.51 11.68
CA ASN D 234 -40.09 1.25 11.35
C ASN D 234 -40.40 -0.24 11.46
N ASP D 235 -41.68 -0.53 11.76
CA ASP D 235 -42.14 -1.91 11.82
C ASP D 235 -42.28 -2.54 10.44
N GLU D 236 -42.40 -1.72 9.39
CA GLU D 236 -42.57 -2.20 8.04
C GLU D 236 -41.64 -1.43 7.11
N ILE D 237 -41.33 -2.04 5.98
CA ILE D 237 -40.55 -1.36 4.95
C ILE D 237 -41.41 -0.27 4.33
N ARG D 238 -40.89 0.96 4.33
CA ARG D 238 -41.58 2.09 3.75
C ARG D 238 -40.65 2.79 2.75
N MET D 239 -41.25 3.33 1.70
CA MET D 239 -40.47 3.96 0.64
C MET D 239 -40.16 5.40 1.03
N LEU D 240 -38.86 5.72 1.09
CA LEU D 240 -38.39 7.08 1.40
C LEU D 240 -37.48 7.51 0.26
N PRO D 241 -38.02 8.19 -0.76
CA PRO D 241 -37.19 8.58 -1.90
C PRO D 241 -36.07 9.53 -1.52
N GLY D 242 -35.00 9.50 -2.31
CA GLY D 242 -33.89 10.41 -2.15
C GLY D 242 -32.85 10.01 -1.15
N LEU D 243 -33.07 8.93 -0.40
CA LEU D 243 -32.08 8.43 0.54
C LEU D 243 -31.21 7.35 -0.08
N HIS D 244 -31.81 6.44 -0.83
CA HIS D 244 -31.13 5.29 -1.38
C HIS D 244 -30.65 5.55 -2.80
N GLU D 245 -29.75 4.70 -3.27
CA GLU D 245 -29.23 4.74 -4.63
C GLU D 245 -29.19 3.30 -5.13
N TRP D 246 -30.18 2.93 -5.93
CA TRP D 246 -30.39 1.52 -6.27
C TRP D 246 -29.23 0.96 -7.08
N ARG D 247 -28.76 -0.21 -6.67
CA ARG D 247 -27.72 -0.94 -7.40
C ARG D 247 -26.51 -0.05 -7.66
N SER D 248 -25.85 0.35 -6.58
CA SER D 248 -24.65 1.16 -6.66
C SER D 248 -23.65 0.66 -5.64
N ALA D 249 -22.36 0.91 -5.91
CA ALA D 249 -21.30 0.40 -5.06
C ALA D 249 -21.30 1.02 -3.67
N VAL D 250 -21.75 2.26 -3.56
CA VAL D 250 -21.65 2.99 -2.28
C VAL D 250 -23.05 3.12 -1.70
N SER D 251 -23.89 2.11 -1.88
CA SER D 251 -25.29 2.17 -1.42
C SER D 251 -25.47 1.59 -0.04
N ALA D 252 -26.36 2.17 0.76
CA ALA D 252 -26.70 1.62 2.08
C ALA D 252 -25.56 1.78 3.07
N SER D 253 -24.37 2.17 2.63
CA SER D 253 -23.20 2.22 3.54
C SER D 253 -23.35 3.22 4.67
N GLU D 254 -22.74 2.96 5.82
CA GLU D 254 -22.71 3.90 6.97
C GLU D 254 -21.25 4.18 7.30
N GLY D 255 -20.90 5.42 7.51
CA GLY D 255 -19.55 5.79 7.86
C GLY D 255 -19.18 7.13 7.25
N VAL D 256 -17.88 7.34 7.08
CA VAL D 256 -17.34 8.57 6.51
C VAL D 256 -16.52 8.20 5.28
N ARG D 257 -16.65 9.01 4.23
CA ARG D 257 -15.85 8.88 3.03
C ARG D 257 -14.75 9.95 3.08
N VAL D 258 -13.50 9.51 3.05
CA VAL D 258 -12.35 10.39 3.21
C VAL D 258 -11.56 10.40 1.91
N VAL D 259 -11.29 11.60 1.39
CA VAL D 259 -10.47 11.79 0.22
C VAL D 259 -9.26 12.63 0.62
N ILE D 260 -8.07 12.07 0.43
CA ILE D 260 -6.82 12.78 0.67
C ILE D 260 -6.23 13.14 -0.69
N HIS D 261 -6.13 14.44 -0.95
CA HIS D 261 -5.74 14.93 -2.27
C HIS D 261 -4.90 16.17 -2.11
N PRO D 262 -4.13 16.55 -3.13
CA PRO D 262 -3.31 17.73 -3.02
C PRO D 262 -4.16 18.97 -2.87
N PRO D 263 -3.62 20.03 -2.26
CA PRO D 263 -4.39 21.27 -2.10
C PRO D 263 -4.69 21.91 -3.46
N SER D 264 -5.82 22.62 -3.50
CA SER D 264 -6.26 23.31 -4.71
C SER D 264 -6.59 22.33 -5.83
N THR D 265 -7.30 21.26 -5.46
CA THR D 265 -7.78 20.28 -6.43
C THR D 265 -9.20 19.87 -6.05
N THR D 266 -10.01 19.62 -7.08
CA THR D 266 -11.39 19.21 -6.85
C THR D 266 -11.44 17.72 -6.49
N PRO D 267 -12.05 17.36 -5.37
CA PRO D 267 -12.19 15.94 -5.05
C PRO D 267 -13.37 15.30 -5.77
N TYR D 268 -13.32 13.97 -5.84
CA TYR D 268 -14.37 13.18 -6.49
C TYR D 268 -14.68 11.98 -5.60
N PRO D 269 -15.41 12.21 -4.51
CA PRO D 269 -15.59 11.14 -3.51
C PRO D 269 -16.27 9.90 -4.05
N PHE D 270 -17.02 9.99 -5.14
CA PHE D 270 -17.76 8.85 -5.64
C PHE D 270 -16.88 7.81 -6.31
N THR D 271 -15.65 8.17 -6.69
CA THR D 271 -14.76 7.22 -7.34
C THR D 271 -13.34 7.27 -6.77
N GLU D 272 -13.09 8.03 -5.71
CA GLU D 272 -11.82 8.01 -5.02
C GLU D 272 -12.08 8.22 -3.53
N GLY D 273 -11.10 7.84 -2.72
CA GLY D 273 -11.15 8.05 -1.29
C GLY D 273 -11.20 6.73 -0.52
N TYR D 274 -11.25 6.88 0.80
CA TYR D 274 -11.26 5.76 1.72
C TYR D 274 -12.47 5.86 2.64
N ASP D 275 -12.87 4.72 3.18
CA ASP D 275 -14.07 4.60 3.97
C ASP D 275 -13.73 4.24 5.41
N VAL D 276 -14.50 4.79 6.35
CA VAL D 276 -14.31 4.52 7.77
C VAL D 276 -15.67 4.21 8.38
N PRO D 277 -15.83 3.08 9.06
CA PRO D 277 -17.14 2.75 9.64
C PRO D 277 -17.35 3.49 10.96
N PRO D 278 -18.60 3.68 11.37
CA PRO D 278 -18.85 4.26 12.69
C PRO D 278 -18.42 3.31 13.80
N GLY D 279 -17.98 3.90 14.91
CA GLY D 279 -17.50 3.12 16.03
C GLY D 279 -16.03 2.76 15.97
N PHE D 280 -15.33 3.16 14.93
CA PHE D 280 -13.93 2.82 14.74
C PHE D 280 -13.08 4.08 14.62
N SER D 281 -11.81 3.94 14.96
CA SER D 281 -10.82 4.99 14.80
C SER D 281 -9.88 4.59 13.67
N ALA D 282 -9.77 5.44 12.66
CA ALA D 282 -9.00 5.14 11.46
C ALA D 282 -7.71 5.95 11.45
N SER D 283 -6.61 5.27 11.17
CA SER D 283 -5.29 5.90 11.06
C SER D 283 -4.84 5.84 9.61
N PHE D 284 -4.58 7.00 9.03
CA PHE D 284 -4.13 7.12 7.65
C PHE D 284 -2.66 7.53 7.65
N GLY D 285 -1.77 6.57 7.40
CA GLY D 285 -0.35 6.87 7.27
C GLY D 285 -0.03 7.35 5.87
N ILE D 286 0.26 8.64 5.73
CA ILE D 286 0.47 9.26 4.43
C ILE D 286 1.94 9.13 4.06
N HIS D 287 2.21 8.51 2.92
CA HIS D 287 3.55 8.41 2.36
C HIS D 287 3.60 9.26 1.09
N PRO D 288 4.13 10.48 1.15
CA PRO D 288 4.03 11.37 -0.01
C PRO D 288 4.92 10.92 -1.16
N ARG D 289 4.41 11.13 -2.37
CA ARG D 289 5.12 10.81 -3.60
C ARG D 289 4.98 11.97 -4.57
N ARG D 290 6.03 12.25 -5.32
CA ARG D 290 6.04 13.33 -6.30
C ARG D 290 6.59 12.81 -7.63
N ASN D 291 5.94 13.22 -8.72
CA ASN D 291 6.34 12.81 -10.06
C ASN D 291 6.49 14.03 -10.94
N ILE D 292 7.59 14.08 -11.68
CA ILE D 292 7.88 15.17 -12.63
C ILE D 292 8.03 14.55 -14.01
N ARG D 293 7.41 15.19 -15.01
CA ARG D 293 7.31 14.61 -16.34
C ARG D 293 7.69 15.66 -17.38
N ILE D 294 8.05 15.16 -18.57
CA ILE D 294 8.65 15.98 -19.63
C ILE D 294 7.65 16.13 -20.77
N GLY D 295 7.92 17.11 -21.63
CA GLY D 295 6.94 17.62 -22.55
C GLY D 295 6.80 16.84 -23.85
N PRO D 296 6.21 17.49 -24.86
CA PRO D 296 5.67 16.76 -26.03
C PRO D 296 6.72 15.90 -26.72
N PRO D 297 7.86 16.48 -27.15
CA PRO D 297 8.80 15.67 -27.94
C PRO D 297 9.30 14.44 -27.20
N HIS D 298 9.77 14.62 -25.97
CA HIS D 298 10.30 13.51 -25.18
C HIS D 298 9.22 12.72 -24.47
N GLY D 299 7.97 13.18 -24.49
CA GLY D 299 6.92 12.47 -23.81
C GLY D 299 5.61 13.22 -23.92
N ASN D 300 4.70 12.92 -23.00
CA ASN D 300 3.40 13.58 -22.93
C ASN D 300 3.12 14.01 -21.51
N CYS D 301 2.79 15.28 -21.33
CA CYS D 301 2.30 15.77 -20.05
C CYS D 301 1.63 17.12 -20.29
N SER D 302 0.73 17.48 -19.37
CA SER D 302 0.01 18.74 -19.46
C SER D 302 -0.02 19.40 -18.08
N ASP D 303 -0.02 20.73 -18.10
CA ASP D 303 -0.18 21.53 -16.89
C ASP D 303 -1.53 22.22 -16.85
N LYS D 304 -2.43 21.90 -17.77
CA LYS D 304 -3.75 22.50 -17.82
C LYS D 304 -4.76 21.45 -18.28
N ASN D 305 -6.01 21.64 -17.86
CA ASN D 305 -7.09 20.76 -18.27
C ASN D 305 -7.60 21.22 -19.63
N PRO D 306 -7.60 20.36 -20.66
CA PRO D 306 -8.13 20.80 -21.96
C PRO D 306 -9.59 21.26 -21.92
N PHE D 307 -10.37 20.76 -20.97
CA PHE D 307 -11.78 21.11 -20.87
C PHE D 307 -12.07 22.20 -19.85
N GLY D 308 -11.10 22.55 -19.00
CA GLY D 308 -11.36 23.39 -17.84
C GLY D 308 -11.04 24.86 -18.07
N ASP D 309 -11.29 25.64 -17.01
CA ASP D 309 -10.99 27.06 -17.00
C ASP D 309 -9.60 27.36 -16.45
N GLY D 310 -8.90 26.36 -15.92
CA GLY D 310 -7.54 26.54 -15.44
C GLY D 310 -7.40 27.09 -14.04
N THR D 311 -8.49 27.19 -13.29
CA THR D 311 -8.41 27.80 -11.96
C THR D 311 -7.79 26.86 -10.93
N GLU D 312 -8.15 25.58 -10.96
CA GLU D 312 -7.64 24.60 -10.02
C GLU D 312 -6.47 23.82 -10.63
N ARG D 313 -5.70 23.19 -9.75
CA ARG D 313 -4.58 22.38 -10.21
C ARG D 313 -5.09 21.18 -11.01
N TYR D 314 -4.28 20.76 -11.97
CA TYR D 314 -4.70 19.74 -12.93
C TYR D 314 -4.52 18.34 -12.34
N ARG D 315 -5.57 17.53 -12.46
CA ARG D 315 -5.51 16.10 -12.19
C ARG D 315 -6.10 15.35 -13.37
N LEU D 316 -5.48 14.23 -13.73
CA LEU D 316 -5.94 13.46 -14.88
C LEU D 316 -7.40 13.06 -14.75
N MET D 317 -7.87 12.86 -13.51
CA MET D 317 -9.25 12.48 -13.29
C MET D 317 -10.21 13.54 -13.85
N ALA D 318 -9.88 14.82 -13.67
CA ALA D 318 -10.75 15.87 -14.17
C ALA D 318 -10.92 15.77 -15.68
N CYS D 319 -9.81 15.63 -16.40
CA CYS D 319 -9.88 15.51 -17.85
C CYS D 319 -10.70 14.30 -18.27
N GLN D 320 -10.44 13.16 -17.62
CA GLN D 320 -11.15 11.94 -18.02
C GLN D 320 -12.65 12.07 -17.76
N LYS D 321 -13.04 12.64 -16.62
CA LYS D 321 -14.45 12.77 -16.30
C LYS D 321 -15.14 13.76 -17.23
N MET D 322 -14.50 14.88 -17.53
CA MET D 322 -15.10 15.82 -18.47
C MET D 322 -15.18 15.24 -19.88
N CYS D 323 -14.23 14.37 -20.25
CA CYS D 323 -14.34 13.68 -21.53
C CYS D 323 -15.53 12.74 -21.54
N MET D 324 -15.74 12.00 -20.45
CA MET D 324 -16.92 11.14 -20.38
C MET D 324 -18.19 11.95 -20.49
N GLN D 325 -18.22 13.12 -19.84
CA GLN D 325 -19.39 13.99 -19.95
C GLN D 325 -19.60 14.47 -21.37
N HIS D 326 -18.50 14.84 -22.06
CA HIS D 326 -18.60 15.24 -23.45
C HIS D 326 -19.26 14.17 -24.28
N TYR D 327 -18.80 12.92 -24.14
CA TYR D 327 -19.35 11.85 -24.96
C TYR D 327 -20.80 11.53 -24.58
N ILE D 328 -21.12 11.61 -23.28
CA ILE D 328 -22.50 11.37 -22.87
C ILE D 328 -23.44 12.41 -23.48
N VAL D 329 -23.04 13.68 -23.44
CA VAL D 329 -23.85 14.73 -24.02
C VAL D 329 -23.98 14.52 -25.53
N GLU D 330 -22.89 14.13 -26.18
CA GLU D 330 -22.92 13.91 -27.62
C GLU D 330 -23.90 12.80 -27.99
N THR D 331 -23.91 11.71 -27.22
CA THR D 331 -24.69 10.54 -27.58
C THR D 331 -26.14 10.62 -27.10
N CYS D 332 -26.36 10.88 -25.82
CA CYS D 332 -27.71 10.84 -25.25
C CYS D 332 -28.41 12.20 -25.26
N GLY D 333 -27.72 13.28 -25.64
CA GLY D 333 -28.35 14.58 -25.64
C GLY D 333 -28.60 15.16 -24.28
N CYS D 334 -27.97 14.62 -23.24
CA CYS D 334 -28.15 15.11 -21.89
C CYS D 334 -26.88 14.83 -21.09
N ALA D 335 -26.75 15.50 -19.95
CA ALA D 335 -25.57 15.41 -19.12
C ALA D 335 -25.83 14.54 -17.90
N ASP D 336 -24.82 13.79 -17.49
CA ASP D 336 -24.92 12.99 -16.28
C ASP D 336 -24.67 13.87 -15.06
N VAL D 337 -25.58 13.82 -14.10
CA VAL D 337 -25.43 14.63 -12.90
C VAL D 337 -24.23 14.20 -12.07
N GLY D 338 -23.79 12.95 -12.21
CA GLY D 338 -22.66 12.45 -11.46
C GLY D 338 -21.31 12.82 -12.01
N LEU D 339 -21.25 13.70 -12.99
CA LEU D 339 -20.00 14.13 -13.61
C LEU D 339 -19.97 15.65 -13.68
N PRO D 340 -18.79 16.25 -13.81
CA PRO D 340 -18.71 17.71 -13.89
C PRO D 340 -19.50 18.25 -15.07
N LYS D 341 -20.09 19.43 -14.86
CA LYS D 341 -20.82 20.11 -15.93
C LYS D 341 -19.83 20.85 -16.81
N LEU D 342 -19.87 20.58 -18.11
CA LEU D 342 -18.93 21.20 -19.02
C LEU D 342 -19.13 22.71 -19.02
N PRO D 343 -18.09 23.50 -18.76
CA PRO D 343 -18.30 24.95 -18.65
C PRO D 343 -18.91 25.59 -19.88
N LEU D 344 -18.67 25.04 -21.07
CA LEU D 344 -19.16 25.64 -22.30
C LEU D 344 -20.62 25.31 -22.59
N GLN D 345 -21.25 24.44 -21.79
CA GLN D 345 -22.54 23.87 -22.11
C GLN D 345 -23.47 23.92 -20.91
N ALA D 346 -23.58 25.10 -20.29
CA ALA D 346 -24.47 25.27 -19.14
C ALA D 346 -25.93 25.11 -19.50
N ASN D 347 -26.27 25.17 -20.80
CA ASN D 347 -27.66 25.06 -21.23
C ASN D 347 -28.16 23.62 -21.30
N ILE D 348 -27.27 22.64 -21.20
CA ILE D 348 -27.65 21.25 -21.37
C ILE D 348 -28.35 20.75 -20.10
N SER D 349 -29.48 20.07 -20.29
CA SER D 349 -30.23 19.51 -19.18
C SER D 349 -29.58 18.24 -18.67
N TRP D 350 -29.75 17.99 -17.38
CA TRP D 350 -29.36 16.70 -16.82
C TRP D 350 -30.24 15.60 -17.39
N CYS D 351 -29.69 14.39 -17.45
CA CYS D 351 -30.46 13.26 -17.97
C CYS D 351 -31.62 12.90 -17.05
N ARG D 352 -31.50 13.21 -15.76
CA ARG D 352 -32.52 12.84 -14.77
C ARG D 352 -33.55 13.95 -14.56
N ASP D 353 -33.57 14.97 -15.41
CA ASP D 353 -34.51 16.06 -15.25
C ASP D 353 -35.94 15.57 -15.46
N ASP D 354 -36.88 16.14 -14.69
CA ASP D 354 -38.28 15.73 -14.72
C ASP D 354 -39.22 16.92 -14.74
N ASP D 355 -38.78 18.06 -15.26
CA ASP D 355 -39.68 19.19 -15.43
C ASP D 355 -40.72 18.95 -16.51
N ASN D 356 -40.58 17.89 -17.31
CA ASN D 356 -41.53 17.59 -18.37
C ASN D 356 -42.85 17.06 -17.82
N PHE D 357 -42.84 16.55 -16.60
CA PHE D 357 -44.03 15.86 -16.05
C PHE D 357 -45.21 16.81 -15.84
N PRO D 358 -46.40 16.56 -16.42
CA PRO D 358 -47.58 17.40 -16.16
C PRO D 358 -48.02 17.32 -14.70
N ASP D 359 -48.81 18.31 -14.31
CA ASP D 359 -49.41 18.30 -12.98
C ASP D 359 -50.42 17.17 -12.83
N GLU D 360 -51.05 16.75 -13.93
CA GLU D 360 -52.04 15.69 -13.86
C GLU D 360 -51.46 14.39 -13.32
N CYS D 361 -50.14 14.19 -13.43
CA CYS D 361 -49.51 13.00 -12.88
C CYS D 361 -49.56 12.97 -11.36
N MET D 362 -49.86 14.10 -10.71
CA MET D 362 -50.08 14.12 -9.27
C MET D 362 -51.46 13.61 -8.89
N PHE D 363 -52.35 13.42 -9.86
CA PHE D 363 -53.72 12.99 -9.61
C PHE D 363 -54.12 11.72 -10.35
N THR D 364 -53.40 11.33 -11.40
CA THR D 364 -53.79 10.21 -12.23
C THR D 364 -52.56 9.40 -12.62
N ALA D 365 -52.79 8.15 -12.99
CA ALA D 365 -51.75 7.22 -13.43
C ALA D 365 -51.87 6.94 -14.92
N SER D 366 -52.16 7.99 -15.69
CA SER D 366 -52.47 7.84 -17.11
C SER D 366 -51.27 7.32 -17.88
N GLU D 367 -51.55 6.87 -19.11
CA GLU D 367 -50.49 6.33 -19.98
C GLU D 367 -49.43 7.38 -20.29
N GLU D 368 -49.82 8.65 -20.45
CA GLU D 368 -48.85 9.68 -20.77
C GLU D 368 -47.82 9.82 -19.67
N CYS D 369 -48.29 9.83 -18.41
CA CYS D 369 -47.35 9.86 -17.29
C CYS D 369 -46.46 8.63 -17.29
N LEU D 370 -47.04 7.46 -17.57
CA LEU D 370 -46.25 6.23 -17.62
C LEU D 370 -45.20 6.30 -18.72
N GLN D 371 -45.58 6.79 -19.90
CA GLN D 371 -44.62 6.89 -21.00
C GLN D 371 -43.50 7.86 -20.66
N LEU D 372 -43.83 8.97 -19.99
CA LEU D 372 -42.80 9.90 -19.55
C LEU D 372 -41.85 9.24 -18.56
N LEU D 373 -42.41 8.47 -17.62
CA LEU D 373 -41.59 7.73 -16.67
C LEU D 373 -40.60 6.83 -17.41
N MET D 374 -41.10 6.07 -18.39
CA MET D 374 -40.22 5.14 -19.09
C MET D 374 -39.19 5.87 -19.95
N GLN D 375 -39.55 7.03 -20.51
CA GLN D 375 -38.58 7.82 -21.26
C GLN D 375 -37.45 8.31 -20.35
N LEU D 376 -37.80 8.75 -19.15
CA LEU D 376 -36.77 9.13 -18.17
C LEU D 376 -35.87 7.94 -17.85
N HIS D 377 -36.48 6.78 -17.60
CA HIS D 377 -35.73 5.56 -17.35
C HIS D 377 -34.77 5.27 -18.51
N ASN D 378 -35.24 5.45 -19.75
CA ASN D 378 -34.40 5.18 -20.91
C ASN D 378 -33.25 6.16 -21.02
N ARG D 379 -33.49 7.43 -20.69
CA ARG D 379 -32.40 8.40 -20.67
C ARG D 379 -31.31 7.96 -19.70
N ILE D 380 -31.70 7.55 -18.50
CA ILE D 380 -30.72 7.10 -17.52
C ILE D 380 -29.96 5.91 -18.06
N LYS D 381 -30.67 4.97 -18.69
CA LYS D 381 -30.01 3.79 -19.24
C LYS D 381 -28.98 4.18 -20.30
N CYS D 382 -29.34 5.10 -21.20
CA CYS D 382 -28.41 5.58 -22.21
C CYS D 382 -27.14 6.11 -21.56
N ALA D 383 -27.30 7.01 -20.57
CA ALA D 383 -26.13 7.61 -19.94
C ALA D 383 -25.24 6.57 -19.29
N ARG D 384 -25.84 5.62 -18.56
CA ARG D 384 -25.03 4.60 -17.89
C ARG D 384 -24.31 3.71 -18.89
N SER D 385 -25.00 3.33 -19.97
CA SER D 385 -24.36 2.51 -20.98
C SER D 385 -23.13 3.21 -21.56
N ILE D 386 -23.26 4.49 -21.87
CA ILE D 386 -22.11 5.22 -22.41
C ILE D 386 -21.00 5.30 -21.37
N LYS D 387 -21.35 5.57 -20.11
CA LYS D 387 -20.33 5.64 -19.07
C LYS D 387 -19.51 4.36 -19.03
N SER D 388 -20.19 3.21 -19.06
CA SER D 388 -19.47 1.94 -18.93
C SER D 388 -18.68 1.62 -20.20
N LYS D 389 -19.23 1.95 -21.37
CA LYS D 389 -18.57 1.57 -22.62
C LYS D 389 -17.35 2.44 -22.93
N ILE D 390 -17.46 3.75 -22.73
CA ILE D 390 -16.52 4.67 -23.35
C ILE D 390 -15.11 4.50 -22.82
N THR D 391 -14.95 4.11 -21.56
CA THR D 391 -13.61 3.97 -21.00
C THR D 391 -12.81 2.90 -21.74
N LYS D 392 -13.49 1.88 -22.28
CA LYS D 392 -12.83 0.80 -23.00
C LYS D 392 -12.49 1.18 -24.44
N ASN D 393 -12.87 2.37 -24.87
CA ASN D 393 -12.74 2.80 -26.27
C ASN D 393 -11.53 3.72 -26.35
N THR D 394 -10.37 3.15 -26.66
CA THR D 394 -9.12 3.91 -26.62
C THR D 394 -9.12 5.06 -27.62
N THR D 395 -9.78 4.88 -28.77
CA THR D 395 -9.86 5.97 -29.74
C THR D 395 -10.54 7.19 -29.12
N ALA D 396 -11.70 6.98 -28.50
CA ALA D 396 -12.44 8.08 -27.90
C ALA D 396 -11.63 8.76 -26.80
N MET D 397 -10.97 7.97 -25.95
CA MET D 397 -10.20 8.54 -24.85
C MET D 397 -8.99 9.31 -25.37
N GLU D 398 -8.33 8.79 -26.39
CA GLU D 398 -7.18 9.50 -26.96
C GLU D 398 -7.61 10.80 -27.63
N ALA D 399 -8.83 10.84 -28.18
CA ALA D 399 -9.30 12.07 -28.80
C ALA D 399 -9.47 13.21 -27.80
N CYS D 400 -9.47 12.93 -26.50
CA CYS D 400 -9.68 13.97 -25.49
C CYS D 400 -8.38 14.56 -24.96
N ASN D 401 -7.23 14.07 -25.38
CA ASN D 401 -5.94 14.69 -25.06
C ASN D 401 -5.71 14.79 -23.55
N CYS D 402 -6.05 13.73 -22.83
CA CYS D 402 -5.87 13.70 -21.38
C CYS D 402 -4.50 13.12 -21.07
N PHE D 403 -3.49 13.98 -21.08
CA PHE D 403 -2.13 13.60 -20.74
C PHE D 403 -1.90 13.76 -19.24
N PRO D 404 -0.96 13.02 -18.67
CA PRO D 404 -0.73 13.08 -17.22
C PRO D 404 -0.18 14.43 -16.80
N PRO D 405 -0.38 14.83 -15.55
CA PRO D 405 0.16 16.12 -15.10
C PRO D 405 1.68 16.14 -15.17
N CYS D 406 2.22 17.31 -15.50
CA CYS D 406 3.66 17.48 -15.59
C CYS D 406 4.34 17.52 -14.23
N ASP D 407 3.62 17.91 -13.18
CA ASP D 407 4.13 17.92 -11.82
C ASP D 407 3.01 17.48 -10.90
N GLU D 408 3.17 16.32 -10.27
CA GLU D 408 2.09 15.66 -9.55
C GLU D 408 2.57 15.21 -8.18
N VAL D 409 1.71 15.40 -7.18
CA VAL D 409 1.94 14.86 -5.83
C VAL D 409 0.91 13.78 -5.59
N SER D 410 1.38 12.60 -5.19
CA SER D 410 0.51 11.46 -4.91
C SER D 410 0.76 10.98 -3.49
N TYR D 411 -0.27 10.38 -2.91
CA TYR D 411 -0.24 9.95 -1.51
C TYR D 411 -0.56 8.47 -1.43
N ASP D 412 0.41 7.68 -1.00
CA ASP D 412 0.20 6.27 -0.69
C ASP D 412 -0.22 6.16 0.77
N VAL D 413 -1.44 5.66 0.99
CA VAL D 413 -2.09 5.71 2.29
C VAL D 413 -2.13 4.32 2.89
N SER D 414 -1.63 4.19 4.12
CA SER D 414 -1.67 2.94 4.85
C SER D 414 -2.85 2.98 5.82
N TYR D 415 -3.80 2.06 5.64
CA TYR D 415 -5.07 2.07 6.35
C TYR D 415 -4.98 1.21 7.61
N SER D 416 -5.80 1.55 8.59
CA SER D 416 -5.76 0.88 9.88
C SER D 416 -7.01 1.26 10.67
N LEU D 417 -7.50 0.34 11.49
CA LEU D 417 -8.73 0.54 12.24
C LEU D 417 -8.59 0.02 13.67
N SER D 418 -9.20 0.75 14.59
CA SER D 418 -9.38 0.28 15.96
C SER D 418 -10.73 0.79 16.47
N LYS D 419 -11.20 0.15 17.54
CA LYS D 419 -12.51 0.47 18.12
C LYS D 419 -12.35 1.70 19.01
N TRP D 420 -12.98 2.82 18.63
CA TRP D 420 -12.64 4.09 19.26
C TRP D 420 -13.09 4.14 20.72
N PRO D 421 -14.40 4.21 21.02
CA PRO D 421 -14.78 4.32 22.44
C PRO D 421 -14.67 2.98 23.14
N SER D 422 -13.62 2.82 23.94
CA SER D 422 -13.39 1.57 24.64
C SER D 422 -14.44 1.37 25.73
N ALA D 423 -14.75 0.10 26.00
CA ALA D 423 -15.68 -0.22 27.07
C ALA D 423 -15.10 0.19 28.42
N GLY D 424 -15.94 0.78 29.25
CA GLY D 424 -15.55 1.10 30.61
C GLY D 424 -15.07 2.52 30.83
N TYR D 425 -14.04 2.66 31.66
CA TYR D 425 -13.63 3.96 32.16
C TYR D 425 -13.05 4.84 31.06
N GLU D 426 -12.26 4.23 30.18
CA GLU D 426 -11.68 4.98 29.03
C GLU D 426 -12.82 5.59 28.22
N GLY D 427 -13.82 4.78 27.87
CA GLY D 427 -14.96 5.29 27.12
C GLY D 427 -15.75 6.32 27.89
N ASP D 428 -15.80 6.20 29.22
CA ASP D 428 -16.45 7.22 30.03
C ASP D 428 -15.74 8.56 29.86
N ALA D 429 -14.41 8.55 29.87
CA ALA D 429 -13.66 9.78 29.65
C ALA D 429 -13.93 10.35 28.27
N ALA D 430 -13.99 9.48 27.26
CA ALA D 430 -14.31 9.97 25.91
C ALA D 430 -15.68 10.64 25.87
N TYR D 431 -16.69 9.98 26.43
CA TYR D 431 -18.03 10.53 26.45
C TYR D 431 -18.06 11.87 27.16
N PHE D 432 -17.38 11.97 28.30
CA PHE D 432 -17.34 13.25 29.00
C PHE D 432 -16.67 14.32 28.14
N ASP D 433 -15.54 13.98 27.52
CA ASP D 433 -14.86 14.97 26.68
C ASP D 433 -15.81 15.53 25.64
N VAL D 434 -16.65 14.67 25.05
CA VAL D 434 -17.56 15.17 24.01
C VAL D 434 -18.70 15.99 24.62
N PHE D 435 -19.35 15.47 25.66
CA PHE D 435 -20.66 16.00 26.06
C PHE D 435 -20.64 16.89 27.30
N GLY D 436 -19.50 17.07 27.95
CA GLY D 436 -19.44 17.92 29.12
C GLY D 436 -18.43 19.04 28.98
N ILE D 437 -17.38 18.80 28.20
CA ILE D 437 -16.33 19.80 27.98
C ILE D 437 -16.61 20.52 26.68
N GLU D 438 -16.71 19.77 25.58
CA GLU D 438 -17.09 20.38 24.31
C GLU D 438 -18.57 20.72 24.28
N LYS D 439 -19.39 20.02 25.06
CA LYS D 439 -20.82 20.31 25.16
C LYS D 439 -21.45 20.28 23.77
N PHE D 440 -21.35 19.11 23.14
CA PHE D 440 -21.71 18.97 21.74
C PHE D 440 -23.20 19.20 21.51
N ASN D 441 -24.04 18.63 22.36
CA ASN D 441 -25.48 18.69 22.12
C ASN D 441 -26.08 20.06 22.40
N GLU D 442 -25.33 20.99 22.99
CA GLU D 442 -25.83 22.35 23.19
C GLU D 442 -25.68 23.22 21.94
N ARG D 443 -24.92 22.77 20.94
CA ARG D 443 -24.86 23.50 19.68
C ARG D 443 -26.25 23.66 19.07
N PHE D 444 -27.12 22.69 19.31
CA PHE D 444 -28.44 22.64 18.68
C PHE D 444 -29.52 23.25 19.55
N ASN D 445 -29.14 23.91 20.65
CA ASN D 445 -30.09 24.58 21.53
C ASN D 445 -30.40 25.97 20.97
N LYS D 446 -31.06 25.97 19.80
CA LYS D 446 -31.41 27.19 19.10
C LYS D 446 -32.83 27.08 18.58
N THR D 447 -33.38 28.22 18.18
CA THR D 447 -34.75 28.23 17.66
C THR D 447 -34.87 27.35 16.42
N GLY D 448 -33.83 27.32 15.59
CA GLY D 448 -33.88 26.58 14.34
C GLY D 448 -33.57 25.10 14.45
N THR D 449 -33.15 24.61 15.63
CA THR D 449 -32.73 23.22 15.76
C THR D 449 -33.17 22.62 17.08
N GLN D 450 -34.31 23.07 17.63
CA GLN D 450 -34.76 22.57 18.92
C GLN D 450 -35.07 21.08 18.87
N GLY D 451 -35.72 20.62 17.80
CA GLY D 451 -36.05 19.22 17.69
C GLY D 451 -34.83 18.32 17.68
N LYS D 452 -33.78 18.73 16.95
CA LYS D 452 -32.54 17.99 16.94
C LYS D 452 -31.92 17.96 18.34
N TYR D 453 -32.00 19.08 19.05
CA TYR D 453 -31.50 19.12 20.42
C TYR D 453 -32.20 18.09 21.29
N GLU D 454 -33.53 18.03 21.19
CA GLU D 454 -34.29 17.06 21.99
C GLU D 454 -33.93 15.63 21.59
N LEU D 455 -33.81 15.38 20.29
CA LEU D 455 -33.44 14.04 19.82
C LEU D 455 -32.11 13.61 20.41
N PHE D 456 -31.09 14.47 20.29
CA PHE D 456 -29.77 14.11 20.81
C PHE D 456 -29.79 13.98 22.32
N THR D 457 -30.53 14.84 23.02
CA THR D 457 -30.61 14.77 24.47
C THR D 457 -31.18 13.43 24.91
N LYS D 458 -32.24 12.98 24.24
CA LYS D 458 -32.84 11.69 24.61
C LYS D 458 -31.97 10.52 24.18
N TYR D 459 -31.23 10.67 23.08
CA TYR D 459 -30.48 9.55 22.53
C TYR D 459 -29.14 9.35 23.23
N PHE D 460 -28.34 10.41 23.34
CA PHE D 460 -26.98 10.32 23.84
C PHE D 460 -26.89 10.43 25.37
N ASN D 461 -27.98 10.13 26.09
CA ASN D 461 -27.93 10.28 27.54
C ASN D 461 -26.91 9.33 28.14
N VAL D 462 -26.58 9.59 29.40
CA VAL D 462 -25.47 8.90 30.06
C VAL D 462 -25.72 7.41 30.13
N SER D 463 -26.96 7.01 30.41
CA SER D 463 -27.25 5.61 30.71
C SER D 463 -27.02 4.69 29.52
N ASN D 464 -26.93 5.22 28.31
CA ASN D 464 -26.81 4.42 27.10
C ASN D 464 -25.61 4.84 26.27
N ARG D 465 -24.54 5.27 26.91
CA ARG D 465 -23.37 5.75 26.16
C ARG D 465 -22.68 4.62 25.43
N GLU D 466 -22.63 3.43 26.03
CA GLU D 466 -21.92 2.32 25.39
C GLU D 466 -22.48 2.02 24.01
N GLU D 467 -23.79 2.20 23.82
CA GLU D 467 -24.41 1.99 22.52
C GLU D 467 -24.39 3.25 21.66
N SER D 468 -24.67 4.40 22.27
CA SER D 468 -24.79 5.64 21.50
C SER D 468 -23.46 6.05 20.89
N MET D 469 -22.36 5.89 21.64
CA MET D 469 -21.06 6.37 21.19
C MET D 469 -20.60 5.68 19.91
N LYS D 470 -21.17 4.52 19.59
CA LYS D 470 -20.75 3.79 18.39
C LYS D 470 -21.21 4.46 17.11
N ASP D 471 -21.96 5.57 17.19
CA ASP D 471 -22.29 6.36 16.02
C ASP D 471 -21.18 7.31 15.62
N PHE D 472 -20.17 7.48 16.47
CA PHE D 472 -19.05 8.36 16.19
C PHE D 472 -17.92 7.60 15.50
N ALA D 473 -17.11 8.35 14.76
CA ALA D 473 -15.88 7.83 14.17
C ALA D 473 -14.79 8.87 14.33
N ARG D 474 -13.55 8.40 14.40
CA ARG D 474 -12.39 9.28 14.50
C ARG D 474 -11.44 9.01 13.36
N LEU D 475 -10.88 10.08 12.82
CA LEU D 475 -9.90 10.01 11.74
C LEU D 475 -8.58 10.60 12.22
N ASN D 476 -7.49 9.91 11.90
CA ASN D 476 -6.14 10.43 12.11
C ASN D 476 -5.40 10.39 10.79
N VAL D 477 -4.99 11.54 10.30
CA VAL D 477 -4.21 11.67 9.08
C VAL D 477 -2.88 12.31 9.44
N TYR D 478 -1.79 11.61 9.19
CA TYR D 478 -0.47 12.10 9.52
C TYR D 478 0.51 11.62 8.46
N ILE D 479 1.60 12.36 8.31
CA ILE D 479 2.62 12.05 7.32
C ILE D 479 3.61 11.07 7.96
N ALA D 480 3.59 9.82 7.48
CA ALA D 480 4.38 8.78 8.12
C ALA D 480 5.86 8.94 7.85
N ASP D 481 6.23 9.28 6.61
CA ASP D 481 7.63 9.46 6.22
C ASP D 481 7.88 10.93 5.91
N SER D 482 8.93 11.48 6.54
CA SER D 482 9.27 12.87 6.32
C SER D 482 9.88 13.11 4.94
N ASN D 483 10.34 12.06 4.27
CA ASN D 483 11.07 12.18 3.02
C ASN D 483 10.19 11.73 1.86
N VAL D 484 10.14 12.56 0.82
CA VAL D 484 9.30 12.29 -0.35
C VAL D 484 10.02 11.33 -1.28
N VAL D 485 9.27 10.41 -1.88
CA VAL D 485 9.78 9.55 -2.93
C VAL D 485 9.58 10.29 -4.25
N LYS D 486 10.64 10.90 -4.76
CA LYS D 486 10.58 11.63 -6.01
C LYS D 486 10.81 10.67 -7.18
N THR D 487 10.15 10.98 -8.30
CA THR D 487 10.27 10.20 -9.53
C THR D 487 10.26 11.18 -10.68
N GLN D 488 11.42 11.40 -11.30
CA GLN D 488 11.62 12.48 -12.25
C GLN D 488 12.01 11.92 -13.60
N GLU D 489 11.30 12.34 -14.64
CA GLU D 489 11.66 11.99 -15.99
C GLU D 489 12.79 12.89 -16.49
N SER D 490 13.39 12.49 -17.60
CA SER D 490 14.44 13.29 -18.23
C SER D 490 14.71 12.72 -19.62
N GLU D 491 15.38 13.52 -20.45
CA GLU D 491 15.73 13.09 -21.79
C GLU D 491 16.90 12.10 -21.72
N ASP D 492 16.73 10.95 -22.36
CA ASP D 492 17.73 9.89 -22.27
C ASP D 492 18.95 10.17 -23.14
N TYR D 493 18.78 10.87 -24.26
CA TYR D 493 19.84 11.07 -25.24
C TYR D 493 19.87 12.54 -25.62
N THR D 494 20.81 13.28 -25.02
CA THR D 494 20.92 14.71 -25.27
C THR D 494 21.59 14.97 -26.62
N ARG D 495 21.47 16.23 -27.07
CA ARG D 495 22.20 16.65 -28.26
C ARG D 495 23.71 16.55 -28.03
N ASN D 496 24.16 16.86 -26.81
CA ASN D 496 25.58 16.75 -26.51
C ASN D 496 26.04 15.30 -26.59
N GLN D 497 25.25 14.37 -26.06
CA GLN D 497 25.62 12.96 -26.16
C GLN D 497 25.62 12.51 -27.62
N LEU D 498 24.66 12.98 -28.39
CA LEU D 498 24.66 12.69 -29.82
C LEU D 498 25.96 13.15 -30.46
N VAL D 499 26.33 14.41 -30.24
CA VAL D 499 27.56 14.93 -30.85
C VAL D 499 28.76 14.10 -30.41
N SER D 500 28.84 13.79 -29.11
CA SER D 500 29.97 13.02 -28.59
C SER D 500 30.05 11.65 -29.25
N ASP D 501 28.92 10.96 -29.37
CA ASP D 501 28.97 9.60 -29.90
C ASP D 501 29.18 9.58 -31.41
N ILE D 502 28.65 10.56 -32.14
CA ILE D 502 28.95 10.65 -33.56
C ILE D 502 30.43 10.93 -33.76
N GLY D 503 31.01 11.81 -32.93
CA GLY D 503 32.45 12.04 -33.01
C GLY D 503 33.25 10.79 -32.68
N GLY D 504 32.80 10.03 -31.67
CA GLY D 504 33.49 8.80 -31.32
C GLY D 504 33.45 7.79 -32.45
N GLN D 505 32.29 7.62 -33.07
CA GLN D 505 32.19 6.74 -34.23
C GLN D 505 33.05 7.24 -35.38
N LEU D 506 33.05 8.55 -35.61
CA LEU D 506 33.83 9.12 -36.71
C LEU D 506 35.31 8.85 -36.51
N GLY D 507 35.80 9.03 -35.29
CA GLY D 507 37.19 8.74 -35.01
C GLY D 507 37.50 7.25 -35.09
N LEU D 508 36.55 6.42 -34.65
CA LEU D 508 36.80 4.96 -34.59
C LEU D 508 36.78 4.34 -35.98
N TRP D 509 35.98 4.87 -36.91
CA TRP D 509 35.85 4.22 -38.21
C TRP D 509 36.70 4.86 -39.30
N VAL D 510 36.79 6.19 -39.35
CA VAL D 510 37.53 6.86 -40.41
C VAL D 510 38.60 7.81 -39.88
N GLY D 511 38.60 8.13 -38.58
CA GLY D 511 39.61 8.99 -38.01
C GLY D 511 39.43 10.46 -38.28
N ILE D 512 38.37 10.85 -38.98
CA ILE D 512 38.13 12.25 -39.27
C ILE D 512 37.76 12.99 -37.99
N SER D 513 38.28 14.19 -37.85
CA SER D 513 37.83 15.14 -36.85
C SER D 513 37.26 16.36 -37.57
N LEU D 514 36.54 17.20 -36.83
CA LEU D 514 35.86 18.33 -37.46
C LEU D 514 36.86 19.26 -38.15
N ILE D 515 38.10 19.31 -37.65
CA ILE D 515 39.15 20.02 -38.37
C ILE D 515 39.48 19.30 -39.66
N THR D 516 39.47 17.97 -39.63
CA THR D 516 39.59 17.22 -40.88
C THR D 516 38.37 17.44 -41.77
N LEU D 517 37.21 17.72 -41.17
CA LEU D 517 36.06 18.10 -41.98
C LEU D 517 36.31 19.42 -42.69
N ALA D 518 36.86 20.41 -41.98
CA ALA D 518 37.29 21.64 -42.64
C ALA D 518 38.34 21.35 -43.69
N GLU D 519 39.19 20.34 -43.48
CA GLU D 519 40.20 19.97 -44.47
C GLU D 519 39.56 19.49 -45.76
N VAL D 520 38.58 18.59 -45.66
CA VAL D 520 37.93 18.10 -46.87
C VAL D 520 37.10 19.21 -47.51
N LEU D 521 36.54 20.11 -46.69
CA LEU D 521 35.87 21.29 -47.24
C LEU D 521 36.85 22.14 -48.02
N GLU D 522 38.08 22.28 -47.53
CA GLU D 522 39.13 22.99 -48.25
C GLU D 522 39.43 22.30 -49.57
N LEU D 523 39.48 20.96 -49.56
CA LEU D 523 39.72 20.24 -50.82
C LEU D 523 38.59 20.50 -51.81
N ILE D 524 37.35 20.48 -51.34
CA ILE D 524 36.22 20.73 -52.24
C ILE D 524 36.28 22.14 -52.79
N ILE D 525 36.62 23.11 -51.94
CA ILE D 525 36.74 24.49 -52.42
C ILE D 525 37.92 24.62 -53.38
N ASP D 526 38.97 23.83 -53.20
CA ASP D 526 40.08 23.82 -54.14
C ASP D 526 39.62 23.30 -55.50
N LEU D 527 38.81 22.24 -55.49
CA LEU D 527 38.25 21.75 -56.75
C LEU D 527 37.37 22.82 -57.40
N PHE D 528 36.63 23.57 -56.60
CA PHE D 528 35.87 24.70 -57.12
C PHE D 528 36.80 25.70 -57.79
N ARG D 529 37.85 26.13 -57.07
CA ARG D 529 38.78 27.11 -57.61
C ARG D 529 39.43 26.60 -58.89
N LEU D 530 39.62 25.29 -59.00
CA LEU D 530 40.13 24.69 -60.23
C LEU D 530 39.01 24.61 -61.26
N PHE E 1 -15.98 -34.55 29.29
CA PHE E 1 -16.14 -35.42 28.11
C PHE E 1 -16.73 -34.59 26.97
N MET E 2 -15.93 -34.27 25.96
CA MET E 2 -16.51 -33.57 24.80
C MET E 2 -17.22 -34.61 23.95
N ARG E 3 -18.56 -34.61 23.97
CA ARG E 3 -19.33 -35.55 23.13
C ARG E 3 -19.32 -35.01 21.71
N PHE E 4 -19.82 -35.78 20.74
CA PHE E 4 -19.81 -35.37 19.32
C PHE E 4 -21.10 -34.61 19.02
N PHE F 1 -47.86 -4.11 -0.85
CA PHE F 1 -47.92 -2.68 -1.22
C PHE F 1 -46.91 -1.92 -0.38
N MET F 2 -45.83 -1.46 -0.98
CA MET F 2 -44.88 -0.61 -0.22
C MET F 2 -45.48 0.79 -0.16
N ARG F 3 -45.98 1.19 0.99
CA ARG F 3 -46.53 2.55 1.17
C ARG F 3 -45.35 3.51 1.30
N PHE F 4 -45.59 4.81 1.29
CA PHE F 4 -44.51 5.82 1.39
C PHE F 4 -44.27 6.14 2.87
#